data_5L7M
#
_entry.id   5L7M
#
_entity_poly.entity_id   1
_entity_poly.type   'polypeptide(L)'
_entity_poly.pdbx_seq_one_letter_code
;ILEAHYTNLKCRCSGVISTVVGLNIIDRIQVTPPGNGCPKTEVVIWTKMKKVICVNPRAKWLQRLLRHVQSKSLSSTPQA
PVSKRRAA
;
_entity_poly.pdbx_strand_id   A
#
# COMPACT_ATOMS: atom_id res chain seq x y z
N ILE A 1 -17.53 -37.38 -13.59
CA ILE A 1 -18.76 -36.84 -12.96
C ILE A 1 -18.40 -35.82 -11.86
N LEU A 2 -17.58 -34.81 -12.22
CA LEU A 2 -17.17 -33.73 -11.31
C LEU A 2 -18.36 -32.81 -11.02
N GLU A 3 -18.44 -32.34 -9.77
CA GLU A 3 -19.51 -31.44 -9.28
C GLU A 3 -18.88 -30.11 -8.87
N ALA A 4 -19.73 -29.09 -8.60
CA ALA A 4 -19.30 -27.73 -8.20
C ALA A 4 -18.36 -27.79 -6.97
N HIS A 5 -17.05 -27.70 -7.24
CA HIS A 5 -15.99 -27.77 -6.22
C HIS A 5 -15.82 -26.39 -5.57
N TYR A 6 -15.88 -26.36 -4.23
CA TYR A 6 -15.49 -25.18 -3.47
C TYR A 6 -13.95 -25.10 -3.45
N THR A 7 -13.43 -23.87 -3.50
CA THR A 7 -12.00 -23.60 -3.57
C THR A 7 -11.67 -22.36 -2.72
N ASN A 8 -10.38 -22.20 -2.40
CA ASN A 8 -9.88 -20.98 -1.73
C ASN A 8 -10.00 -19.79 -2.70
N LEU A 9 -10.46 -18.64 -2.18
CA LEU A 9 -10.68 -17.42 -2.97
C LEU A 9 -10.51 -16.20 -2.04
N LYS A 10 -10.34 -15.02 -2.65
CA LYS A 10 -10.11 -13.77 -1.92
C LYS A 10 -10.85 -12.62 -2.60
N CYS A 11 -10.69 -11.41 -2.02
CA CYS A 11 -11.12 -10.17 -2.64
C CYS A 11 -10.29 -9.91 -3.92
N ARG A 12 -10.96 -9.93 -5.08
CA ARG A 12 -10.33 -9.63 -6.36
C ARG A 12 -10.05 -8.13 -6.46
N CYS A 13 -8.77 -7.79 -6.64
CA CYS A 13 -8.31 -6.41 -6.83
C CYS A 13 -8.52 -5.98 -8.28
N SER A 14 -8.37 -4.67 -8.52
CA SER A 14 -8.29 -4.09 -9.86
C SER A 14 -7.18 -4.78 -10.68
N GLY A 15 -5.99 -4.94 -10.05
CA GLY A 15 -4.87 -5.65 -10.66
C GLY A 15 -3.68 -5.81 -9.71
N VAL A 16 -2.73 -6.67 -10.13
CA VAL A 16 -1.46 -6.95 -9.40
C VAL A 16 -0.27 -6.71 -10.34
N ILE A 17 0.96 -6.77 -9.80
CA ILE A 17 2.20 -6.56 -10.58
C ILE A 17 3.16 -7.75 -10.45
N SER A 18 3.91 -8.01 -11.53
CA SER A 18 5.05 -8.94 -11.54
C SER A 18 6.40 -8.18 -11.38
N THR A 19 6.37 -6.85 -11.56
CA THR A 19 7.54 -5.97 -11.44
C THR A 19 7.55 -5.29 -10.05
N VAL A 20 8.74 -5.12 -9.46
CA VAL A 20 8.91 -4.37 -8.20
C VAL A 20 8.61 -2.89 -8.47
N VAL A 21 7.64 -2.34 -7.71
CA VAL A 21 7.17 -0.95 -7.87
C VAL A 21 8.23 0.00 -7.29
N GLY A 22 8.50 1.09 -8.03
CA GLY A 22 9.45 2.11 -7.61
C GLY A 22 9.05 2.79 -6.30
N LEU A 23 9.93 2.70 -5.29
CA LEU A 23 9.77 3.35 -3.97
C LEU A 23 9.55 4.89 -4.14
N ASN A 24 10.16 5.45 -5.20
CA ASN A 24 10.05 6.88 -5.54
C ASN A 24 8.69 7.19 -6.21
N ILE A 25 8.13 6.23 -6.97
CA ILE A 25 6.90 6.45 -7.77
C ILE A 25 5.62 6.11 -6.95
N ILE A 26 5.79 5.85 -5.64
CA ILE A 26 4.66 5.65 -4.72
C ILE A 26 4.04 7.03 -4.40
N ASP A 27 2.69 7.12 -4.39
CA ASP A 27 1.97 8.36 -4.04
C ASP A 27 1.33 8.22 -2.65
N ARG A 28 0.52 7.17 -2.45
CA ARG A 28 -0.12 6.89 -1.15
C ARG A 28 -0.29 5.38 -0.94
N ILE A 29 -0.43 5.01 0.34
CA ILE A 29 -0.64 3.63 0.80
C ILE A 29 -2.07 3.51 1.35
N GLN A 30 -2.92 2.77 0.63
CA GLN A 30 -4.29 2.45 1.02
C GLN A 30 -4.32 1.02 1.58
N VAL A 31 -5.13 0.76 2.63
CA VAL A 31 -5.16 -0.54 3.34
C VAL A 31 -6.50 -1.26 3.11
N THR A 32 -6.43 -2.58 2.85
CA THR A 32 -7.60 -3.47 2.79
C THR A 32 -7.52 -4.50 3.95
N PRO A 33 -8.21 -4.23 5.10
CA PRO A 33 -8.20 -5.16 6.26
C PRO A 33 -9.05 -6.45 6.01
N PRO A 34 -8.92 -7.51 6.89
CA PRO A 34 -9.76 -8.72 6.80
C PRO A 34 -11.26 -8.42 7.01
N GLY A 35 -12.13 -9.19 6.35
CA GLY A 35 -13.58 -8.96 6.38
C GLY A 35 -14.10 -8.30 5.11
N ASN A 36 -13.17 -7.72 4.32
CA ASN A 36 -13.50 -7.00 3.06
C ASN A 36 -13.57 -7.99 1.87
N GLY A 37 -13.82 -9.29 2.17
CA GLY A 37 -13.63 -10.38 1.20
C GLY A 37 -12.20 -10.91 1.22
N CYS A 38 -11.34 -10.25 1.99
CA CYS A 38 -9.93 -10.55 2.09
C CYS A 38 -9.66 -11.40 3.35
N PRO A 39 -9.17 -12.68 3.20
CA PRO A 39 -8.69 -13.49 4.35
C PRO A 39 -7.41 -12.90 4.96
N LYS A 40 -6.71 -12.07 4.16
CA LYS A 40 -5.43 -11.44 4.53
C LYS A 40 -5.53 -9.91 4.37
N THR A 41 -4.84 -9.16 5.24
CA THR A 41 -4.70 -7.71 5.12
C THR A 41 -3.74 -7.41 3.96
N GLU A 42 -4.24 -6.76 2.89
CA GLU A 42 -3.43 -6.48 1.68
C GLU A 42 -3.34 -4.98 1.43
N VAL A 43 -2.14 -4.52 1.01
CA VAL A 43 -1.83 -3.12 0.77
C VAL A 43 -2.11 -2.74 -0.69
N VAL A 44 -3.02 -1.77 -0.88
CA VAL A 44 -3.32 -1.18 -2.19
C VAL A 44 -2.41 0.04 -2.40
N ILE A 45 -1.56 -0.02 -3.44
CA ILE A 45 -0.66 1.09 -3.80
C ILE A 45 -1.35 1.97 -4.85
N TRP A 46 -1.37 3.28 -4.57
CA TRP A 46 -1.69 4.32 -5.53
C TRP A 46 -0.37 4.99 -5.91
N THR A 47 0.02 4.88 -7.19
CA THR A 47 1.28 5.46 -7.68
C THR A 47 1.09 6.92 -8.13
N LYS A 48 2.22 7.59 -8.44
CA LYS A 48 2.24 8.96 -9.01
C LYS A 48 1.61 8.98 -10.42
N MET A 49 1.59 7.81 -11.07
CA MET A 49 0.96 7.61 -12.39
C MET A 49 -0.56 7.35 -12.25
N LYS A 50 -1.05 7.33 -10.99
CA LYS A 50 -2.45 7.05 -10.63
C LYS A 50 -2.85 5.59 -10.94
N LYS A 51 -1.84 4.71 -11.08
CA LYS A 51 -2.05 3.26 -11.21
C LYS A 51 -2.49 2.69 -9.85
N VAL A 52 -3.64 2.00 -9.86
CA VAL A 52 -4.25 1.40 -8.66
C VAL A 52 -3.98 -0.12 -8.69
N ILE A 53 -3.18 -0.61 -7.75
CA ILE A 53 -2.77 -2.04 -7.68
C ILE A 53 -2.83 -2.51 -6.22
N CYS A 54 -3.02 -3.81 -6.00
CA CYS A 54 -2.95 -4.42 -4.67
C CYS A 54 -1.78 -5.42 -4.66
N VAL A 55 -0.79 -5.17 -3.79
CA VAL A 55 0.42 -5.99 -3.68
C VAL A 55 0.44 -6.69 -2.32
N ASN A 56 1.24 -7.77 -2.21
CA ASN A 56 1.37 -8.57 -0.97
C ASN A 56 1.96 -7.69 0.17
N PRO A 57 1.36 -7.73 1.41
CA PRO A 57 1.76 -6.85 2.53
C PRO A 57 3.20 -7.13 3.01
N ARG A 58 3.60 -8.41 2.90
CA ARG A 58 4.91 -8.89 3.36
C ARG A 58 5.89 -9.05 2.19
N ALA A 59 5.65 -8.29 1.09
CA ALA A 59 6.62 -8.19 -0.02
C ALA A 59 7.92 -7.51 0.48
N LYS A 60 9.06 -8.14 0.16
CA LYS A 60 10.39 -7.79 0.71
C LYS A 60 10.79 -6.32 0.46
N TRP A 61 10.38 -5.76 -0.67
CA TRP A 61 10.63 -4.36 -1.04
C TRP A 61 9.67 -3.39 -0.31
N LEU A 62 8.41 -3.85 -0.09
CA LEU A 62 7.34 -3.04 0.54
C LEU A 62 7.61 -2.81 2.04
N GLN A 63 8.46 -3.68 2.64
CA GLN A 63 8.88 -3.58 4.07
C GLN A 63 9.41 -2.17 4.42
N ARG A 64 10.14 -1.56 3.47
CA ARG A 64 10.73 -0.21 3.63
C ARG A 64 9.64 0.88 3.59
N LEU A 65 8.57 0.61 2.83
CA LEU A 65 7.41 1.52 2.70
C LEU A 65 6.57 1.50 4.00
N LEU A 66 6.46 0.30 4.60
CA LEU A 66 5.79 0.10 5.89
C LEU A 66 6.64 0.69 7.05
N ARG A 67 7.97 0.71 6.84
CA ARG A 67 8.93 1.34 7.77
C ARG A 67 9.00 2.88 7.54
N HIS A 68 8.62 3.33 6.32
CA HIS A 68 8.63 4.76 5.93
C HIS A 68 7.47 5.53 6.61
N VAL A 69 6.30 4.87 6.73
CA VAL A 69 5.09 5.50 7.32
C VAL A 69 5.23 5.74 8.83
N GLN A 70 6.01 4.88 9.50
CA GLN A 70 6.31 5.02 10.94
C GLN A 70 7.65 5.76 11.13
N SER A 71 7.84 6.33 12.34
CA SER A 71 9.08 7.03 12.70
C SER A 71 10.19 5.99 12.96
N LYS A 72 11.41 6.31 12.50
CA LYS A 72 12.61 5.49 12.74
C LYS A 72 13.33 6.03 13.99
N SER A 73 13.66 7.32 13.96
CA SER A 73 14.34 8.03 15.06
C SER A 73 14.27 9.55 14.80
N LEU A 74 14.98 10.34 15.62
CA LEU A 74 15.10 11.79 15.44
C LEU A 74 16.42 12.27 16.07
N SER A 75 17.15 13.13 15.33
CA SER A 75 18.42 13.72 15.79
C SER A 75 18.57 15.13 15.19
N SER A 76 19.23 16.03 15.95
CA SER A 76 19.46 17.43 15.53
C SER A 76 20.73 17.96 16.22
N THR A 77 21.45 18.88 15.53
CA THR A 77 22.67 19.53 16.05
C THR A 77 22.42 21.03 16.30
N PRO A 78 22.00 21.45 17.55
CA PRO A 78 21.96 22.86 17.95
C PRO A 78 23.36 23.37 18.39
N GLN A 79 23.95 24.25 17.57
CA GLN A 79 25.28 24.84 17.84
C GLN A 79 25.34 26.26 17.23
N ALA A 80 25.87 27.22 18.01
CA ALA A 80 26.18 28.57 17.54
C ALA A 80 27.44 28.52 16.63
N PRO A 81 27.45 29.19 15.42
CA PRO A 81 28.66 29.27 14.58
C PRO A 81 29.86 29.84 15.35
N VAL A 82 30.80 28.94 15.74
CA VAL A 82 32.06 29.33 16.42
C VAL A 82 32.97 30.10 15.42
N SER A 83 32.72 31.42 15.34
CA SER A 83 33.39 32.31 14.41
C SER A 83 34.60 32.94 15.14
N LYS A 84 35.75 32.24 15.06
CA LYS A 84 36.99 32.66 15.73
C LYS A 84 37.68 33.75 14.90
N ARG A 85 37.11 34.98 14.90
CA ARG A 85 37.74 36.14 14.26
C ARG A 85 39.06 36.47 14.98
N ARG A 86 40.17 36.37 14.25
CA ARG A 86 41.51 36.47 14.82
C ARG A 86 42.51 36.84 13.71
N ALA A 87 42.81 38.15 13.62
CA ALA A 87 43.86 38.65 12.74
C ALA A 87 45.21 38.63 13.48
N ALA A 88 45.15 38.99 14.78
CA ALA A 88 46.28 38.99 15.71
C ALA A 88 45.74 39.40 17.12
N ILE A 1 -26.05 -21.62 -24.10
CA ILE A 1 -25.23 -22.18 -23.01
C ILE A 1 -24.47 -21.02 -22.30
N LEU A 2 -24.37 -21.11 -20.96
CA LEU A 2 -23.73 -20.09 -20.11
C LEU A 2 -22.97 -20.80 -18.99
N GLU A 3 -21.88 -20.17 -18.52
CA GLU A 3 -21.10 -20.67 -17.38
C GLU A 3 -21.76 -20.20 -16.08
N ALA A 4 -21.85 -21.11 -15.10
CA ALA A 4 -22.40 -20.81 -13.78
C ALA A 4 -21.43 -19.89 -13.01
N HIS A 5 -21.86 -18.64 -12.74
CA HIS A 5 -21.02 -17.65 -12.02
C HIS A 5 -21.04 -17.93 -10.52
N TYR A 6 -19.99 -18.64 -10.05
CA TYR A 6 -19.80 -18.95 -8.63
C TYR A 6 -19.30 -17.69 -7.89
N THR A 7 -20.25 -16.96 -7.28
CA THR A 7 -20.01 -15.65 -6.65
C THR A 7 -19.04 -15.76 -5.46
N ASN A 8 -17.76 -15.39 -5.70
CA ASN A 8 -16.71 -15.43 -4.69
C ASN A 8 -16.52 -14.01 -4.10
N LEU A 9 -17.22 -13.75 -2.98
CA LEU A 9 -17.22 -12.42 -2.32
C LEU A 9 -15.97 -12.27 -1.43
N LYS A 10 -14.95 -11.59 -1.99
CA LYS A 10 -13.77 -11.12 -1.24
C LYS A 10 -13.15 -9.94 -2.02
N CYS A 11 -12.03 -9.43 -1.51
CA CYS A 11 -11.28 -8.36 -2.17
C CYS A 11 -10.60 -8.94 -3.42
N ARG A 12 -11.03 -8.47 -4.60
CA ARG A 12 -10.48 -8.92 -5.88
C ARG A 12 -9.14 -8.22 -6.14
N CYS A 13 -8.06 -9.00 -6.25
CA CYS A 13 -6.73 -8.49 -6.61
C CYS A 13 -6.52 -8.75 -8.10
N SER A 14 -6.50 -7.67 -8.91
CA SER A 14 -6.34 -7.72 -10.38
C SER A 14 -5.08 -8.50 -10.80
N GLY A 15 -4.07 -8.45 -9.91
CA GLY A 15 -2.85 -9.23 -10.04
C GLY A 15 -1.80 -8.68 -9.09
N VAL A 16 -0.76 -9.49 -8.81
CA VAL A 16 0.39 -9.02 -8.03
C VAL A 16 1.55 -8.75 -8.99
N ILE A 17 2.31 -7.69 -8.67
CA ILE A 17 3.43 -7.23 -9.52
C ILE A 17 4.77 -7.75 -8.97
N SER A 18 5.64 -8.16 -9.88
CA SER A 18 7.06 -8.47 -9.58
C SER A 18 7.99 -7.35 -10.06
N THR A 19 7.39 -6.23 -10.51
CA THR A 19 8.12 -5.04 -10.96
C THR A 19 8.70 -4.28 -9.75
N VAL A 20 9.96 -3.81 -9.90
CA VAL A 20 10.63 -2.96 -8.89
C VAL A 20 10.01 -1.55 -8.95
N VAL A 21 9.28 -1.18 -7.89
CA VAL A 21 8.59 0.11 -7.77
C VAL A 21 9.24 0.93 -6.64
N GLY A 22 9.63 2.18 -6.95
CA GLY A 22 10.29 3.08 -6.00
C GLY A 22 9.34 4.12 -5.43
N LEU A 23 9.76 4.74 -4.30
CA LEU A 23 9.05 5.88 -3.67
C LEU A 23 8.93 7.08 -4.63
N ASN A 24 9.84 7.10 -5.62
CA ASN A 24 9.87 8.08 -6.72
C ASN A 24 8.51 8.16 -7.46
N ILE A 25 7.75 7.03 -7.50
CA ILE A 25 6.43 6.97 -8.17
C ILE A 25 5.29 6.59 -7.20
N ILE A 26 5.60 6.26 -5.92
CA ILE A 26 4.55 6.01 -4.89
C ILE A 26 3.84 7.33 -4.52
N ASP A 27 2.49 7.31 -4.45
CA ASP A 27 1.66 8.48 -4.07
C ASP A 27 0.97 8.26 -2.72
N ARG A 28 0.18 7.16 -2.63
CA ARG A 28 -0.55 6.78 -1.40
C ARG A 28 -0.56 5.26 -1.25
N ILE A 29 -0.55 4.80 0.01
CA ILE A 29 -0.70 3.39 0.37
C ILE A 29 -2.09 3.20 1.00
N GLN A 30 -2.98 2.47 0.31
CA GLN A 30 -4.34 2.18 0.81
C GLN A 30 -4.40 0.69 1.23
N VAL A 31 -4.39 0.44 2.54
CA VAL A 31 -4.52 -0.93 3.08
C VAL A 31 -6.02 -1.28 3.21
N THR A 32 -6.37 -2.53 2.88
CA THR A 32 -7.73 -3.05 3.00
C THR A 32 -7.76 -4.13 4.12
N PRO A 33 -8.09 -3.74 5.41
CA PRO A 33 -8.15 -4.68 6.56
C PRO A 33 -9.08 -5.89 6.31
N PRO A 34 -8.81 -7.09 6.92
CA PRO A 34 -9.59 -8.31 6.68
C PRO A 34 -10.99 -8.33 7.37
N GLY A 35 -11.35 -7.22 8.05
CA GLY A 35 -12.65 -7.07 8.71
C GLY A 35 -13.71 -6.49 7.76
N ASN A 36 -13.78 -7.07 6.55
CA ASN A 36 -14.70 -6.64 5.47
C ASN A 36 -15.20 -7.85 4.67
N GLY A 37 -14.84 -9.07 5.12
CA GLY A 37 -15.19 -10.32 4.44
C GLY A 37 -14.01 -10.94 3.70
N CYS A 38 -12.94 -10.16 3.47
CA CYS A 38 -11.71 -10.65 2.80
C CYS A 38 -10.83 -11.34 3.87
N PRO A 39 -10.38 -12.63 3.64
CA PRO A 39 -9.59 -13.40 4.67
C PRO A 39 -8.27 -12.71 5.07
N LYS A 40 -7.53 -12.18 4.08
CA LYS A 40 -6.25 -11.47 4.31
C LYS A 40 -6.43 -9.96 4.08
N THR A 41 -5.45 -9.17 4.57
CA THR A 41 -5.39 -7.73 4.34
C THR A 41 -4.68 -7.46 3.00
N GLU A 42 -5.33 -6.67 2.14
CA GLU A 42 -4.87 -6.47 0.75
C GLU A 42 -4.28 -5.06 0.60
N VAL A 43 -2.99 -4.99 0.23
CA VAL A 43 -2.29 -3.71 0.10
C VAL A 43 -2.46 -3.16 -1.33
N VAL A 44 -3.36 -2.18 -1.46
CA VAL A 44 -3.66 -1.49 -2.73
C VAL A 44 -2.89 -0.16 -2.75
N ILE A 45 -1.84 -0.07 -3.56
CA ILE A 45 -1.02 1.14 -3.64
C ILE A 45 -1.37 1.91 -4.93
N TRP A 46 -1.56 3.22 -4.79
CA TRP A 46 -1.81 4.15 -5.89
C TRP A 46 -0.51 4.92 -6.16
N THR A 47 -0.10 4.97 -7.45
CA THR A 47 1.08 5.73 -7.89
C THR A 47 0.70 7.19 -8.21
N LYS A 48 1.70 8.01 -8.57
CA LYS A 48 1.50 9.44 -8.93
C LYS A 48 0.79 9.56 -10.29
N MET A 49 0.96 8.51 -11.12
CA MET A 49 0.24 8.35 -12.40
C MET A 49 -1.21 7.87 -12.14
N LYS A 50 -1.54 7.63 -10.85
CA LYS A 50 -2.85 7.12 -10.37
C LYS A 50 -3.05 5.66 -10.80
N LYS A 51 -1.96 5.00 -11.24
CA LYS A 51 -1.98 3.60 -11.67
C LYS A 51 -2.05 2.72 -10.42
N VAL A 52 -2.98 1.74 -10.45
CA VAL A 52 -3.31 0.89 -9.30
C VAL A 52 -2.46 -0.39 -9.36
N ILE A 53 -1.67 -0.63 -8.30
CA ILE A 53 -0.86 -1.85 -8.14
C ILE A 53 -1.33 -2.59 -6.86
N CYS A 54 -1.51 -3.91 -6.99
CA CYS A 54 -1.95 -4.78 -5.87
C CYS A 54 -0.80 -5.71 -5.46
N VAL A 55 -0.46 -5.70 -4.16
CA VAL A 55 0.51 -6.64 -3.55
C VAL A 55 -0.03 -7.12 -2.20
N ASN A 56 0.57 -8.20 -1.69
CA ASN A 56 0.28 -8.76 -0.36
C ASN A 56 1.08 -8.03 0.72
N PRO A 57 0.68 -8.12 2.05
CA PRO A 57 1.46 -7.48 3.17
C PRO A 57 2.87 -8.08 3.34
N ARG A 58 3.07 -9.27 2.75
CA ARG A 58 4.32 -10.04 2.87
C ARG A 58 5.18 -9.86 1.59
N ALA A 59 5.00 -8.72 0.88
CA ALA A 59 5.84 -8.35 -0.29
C ALA A 59 7.17 -7.72 0.19
N LYS A 60 8.28 -8.15 -0.46
CA LYS A 60 9.67 -7.78 -0.06
C LYS A 60 9.93 -6.26 -0.15
N TRP A 61 9.59 -5.67 -1.30
CA TRP A 61 9.86 -4.24 -1.58
C TRP A 61 8.99 -3.34 -0.65
N LEU A 62 7.81 -3.86 -0.25
CA LEU A 62 6.85 -3.18 0.63
C LEU A 62 7.42 -3.01 2.07
N GLN A 63 8.28 -3.96 2.50
CA GLN A 63 8.92 -3.95 3.84
C GLN A 63 9.64 -2.61 4.11
N ARG A 64 10.25 -2.06 3.05
CA ARG A 64 10.96 -0.78 3.09
C ARG A 64 9.96 0.37 3.36
N LEU A 65 8.81 0.28 2.67
CA LEU A 65 7.71 1.25 2.79
C LEU A 65 7.05 1.18 4.19
N LEU A 66 7.04 -0.04 4.77
CA LEU A 66 6.52 -0.29 6.12
C LEU A 66 7.45 0.37 7.17
N ARG A 67 8.78 0.30 6.93
CA ARG A 67 9.76 0.96 7.82
C ARG A 67 9.65 2.50 7.70
N HIS A 68 9.40 3.00 6.47
CA HIS A 68 9.27 4.46 6.21
C HIS A 68 8.03 5.07 6.89
N VAL A 69 6.91 4.31 6.90
CA VAL A 69 5.65 4.78 7.52
C VAL A 69 5.73 4.73 9.07
N GLN A 70 6.77 4.07 9.60
CA GLN A 70 7.06 4.07 11.05
C GLN A 70 7.80 5.38 11.41
N SER A 71 7.23 6.12 12.38
CA SER A 71 7.77 7.43 12.84
C SER A 71 9.12 7.31 13.59
N LYS A 72 9.59 6.06 13.79
CA LYS A 72 10.94 5.78 14.34
C LYS A 72 12.02 6.13 13.29
N SER A 73 11.68 5.90 12.01
CA SER A 73 12.58 6.13 10.87
C SER A 73 12.50 7.59 10.40
N LEU A 74 13.64 8.13 9.90
CA LEU A 74 13.71 9.49 9.35
C LEU A 74 13.08 9.50 7.94
N SER A 75 11.77 9.73 7.92
CA SER A 75 10.96 9.79 6.69
C SER A 75 9.83 10.81 6.94
N SER A 76 8.72 10.72 6.17
CA SER A 76 7.48 11.42 6.48
C SER A 76 6.85 10.77 7.72
N THR A 77 7.18 11.32 8.91
CA THR A 77 6.77 10.76 10.21
C THR A 77 5.27 11.01 10.46
N PRO A 78 4.43 9.94 10.62
CA PRO A 78 3.08 10.09 11.16
C PRO A 78 3.08 9.89 12.71
N GLN A 79 2.84 11.00 13.44
CA GLN A 79 2.70 11.00 14.92
C GLN A 79 1.74 9.89 15.39
N ALA A 80 2.19 9.10 16.37
CA ALA A 80 1.43 7.99 16.96
C ALA A 80 1.09 8.33 18.43
N PRO A 81 -0.11 8.94 18.71
CA PRO A 81 -0.55 9.22 20.10
C PRO A 81 -0.88 7.91 20.86
N VAL A 82 0.18 7.25 21.35
CA VAL A 82 0.11 5.92 21.97
C VAL A 82 1.27 5.78 22.98
N SER A 83 1.17 4.81 23.90
CA SER A 83 2.26 4.45 24.81
C SER A 83 3.48 3.97 23.98
N LYS A 84 4.42 4.88 23.76
CA LYS A 84 5.62 4.65 22.93
C LYS A 84 6.85 5.12 23.70
N ARG A 85 8.02 4.57 23.34
CA ARG A 85 9.29 4.94 23.98
C ARG A 85 9.72 6.33 23.47
N ARG A 86 9.32 7.36 24.24
CA ARG A 86 9.79 8.75 24.05
C ARG A 86 11.32 8.81 24.20
N ALA A 87 11.98 9.62 23.34
CA ALA A 87 13.45 9.85 23.37
C ALA A 87 14.24 8.55 23.08
N ALA A 88 13.62 7.63 22.33
CA ALA A 88 14.24 6.35 21.96
C ALA A 88 15.34 6.55 20.89
N ILE A 1 -33.72 -12.29 -14.76
CA ILE A 1 -33.40 -12.88 -13.45
C ILE A 1 -32.15 -12.20 -12.87
N LEU A 2 -32.27 -11.67 -11.63
CA LEU A 2 -31.13 -11.18 -10.85
C LEU A 2 -30.49 -12.38 -10.11
N GLU A 3 -29.23 -12.67 -10.45
CA GLU A 3 -28.48 -13.80 -9.88
C GLU A 3 -28.11 -13.52 -8.41
N ALA A 4 -28.99 -13.95 -7.49
CA ALA A 4 -28.74 -13.90 -6.05
C ALA A 4 -27.68 -14.96 -5.70
N HIS A 5 -26.42 -14.52 -5.65
CA HIS A 5 -25.24 -15.39 -5.59
C HIS A 5 -25.17 -16.17 -4.25
N TYR A 6 -25.25 -17.51 -4.35
CA TYR A 6 -25.10 -18.44 -3.21
C TYR A 6 -23.65 -18.48 -2.70
N THR A 7 -22.73 -17.86 -3.47
CA THR A 7 -21.36 -17.59 -3.05
C THR A 7 -21.23 -16.07 -2.78
N ASN A 8 -20.40 -15.72 -1.79
CA ASN A 8 -20.12 -14.31 -1.46
C ASN A 8 -19.18 -13.70 -2.53
N LEU A 9 -19.51 -12.48 -2.97
CA LEU A 9 -18.67 -11.71 -3.89
C LEU A 9 -17.46 -11.18 -3.11
N LYS A 10 -16.40 -11.99 -3.08
CA LYS A 10 -15.15 -11.70 -2.38
C LYS A 10 -14.34 -10.62 -3.13
N CYS A 11 -13.38 -9.96 -2.43
CA CYS A 11 -12.57 -8.90 -3.07
C CYS A 11 -11.59 -9.54 -4.05
N ARG A 12 -11.88 -9.37 -5.35
CA ARG A 12 -11.01 -9.81 -6.45
C ARG A 12 -10.15 -8.60 -6.88
N CYS A 13 -8.82 -8.74 -6.79
CA CYS A 13 -7.88 -7.71 -7.28
C CYS A 13 -7.00 -8.28 -8.40
N SER A 14 -6.30 -7.38 -9.12
CA SER A 14 -5.45 -7.73 -10.27
C SER A 14 -4.34 -8.75 -9.89
N GLY A 15 -3.90 -8.67 -8.63
CA GLY A 15 -2.89 -9.58 -8.07
C GLY A 15 -1.68 -8.82 -7.54
N VAL A 16 -0.64 -9.58 -7.13
CA VAL A 16 0.57 -9.02 -6.51
C VAL A 16 1.66 -8.93 -7.59
N ILE A 17 2.30 -7.75 -7.71
CA ILE A 17 3.37 -7.52 -8.70
C ILE A 17 4.72 -8.01 -8.13
N SER A 18 5.52 -8.62 -9.02
CA SER A 18 6.89 -9.09 -8.70
C SER A 18 7.96 -8.00 -8.98
N THR A 19 7.51 -6.86 -9.53
CA THR A 19 8.36 -5.69 -9.78
C THR A 19 8.37 -4.77 -8.53
N VAL A 20 9.53 -4.17 -8.23
CA VAL A 20 9.67 -3.16 -7.18
C VAL A 20 9.32 -1.80 -7.78
N VAL A 21 8.19 -1.22 -7.33
CA VAL A 21 7.72 0.10 -7.78
C VAL A 21 8.60 1.23 -7.20
N GLY A 22 8.84 2.28 -8.01
CA GLY A 22 9.65 3.44 -7.61
C GLY A 22 9.04 4.19 -6.44
N LEU A 23 9.81 4.35 -5.35
CA LEU A 23 9.35 5.00 -4.12
C LEU A 23 9.09 6.50 -4.32
N ASN A 24 9.73 7.06 -5.37
CA ASN A 24 9.58 8.48 -5.73
C ASN A 24 8.22 8.73 -6.43
N ILE A 25 7.63 7.69 -7.07
CA ILE A 25 6.34 7.84 -7.79
C ILE A 25 5.15 7.37 -6.93
N ILE A 26 5.42 6.97 -5.67
CA ILE A 26 4.37 6.59 -4.70
C ILE A 26 3.61 7.85 -4.23
N ASP A 27 2.27 7.80 -4.29
CA ASP A 27 1.39 8.91 -3.87
C ASP A 27 0.79 8.63 -2.48
N ARG A 28 0.04 7.51 -2.35
CA ARG A 28 -0.68 7.17 -1.10
C ARG A 28 -0.71 5.64 -0.90
N ILE A 29 -0.74 5.23 0.39
CA ILE A 29 -0.78 3.82 0.80
C ILE A 29 -2.14 3.53 1.48
N GLN A 30 -3.00 2.77 0.77
CA GLN A 30 -4.30 2.28 1.27
C GLN A 30 -4.13 0.82 1.76
N VAL A 31 -4.88 0.41 2.80
CA VAL A 31 -4.88 -0.99 3.28
C VAL A 31 -6.31 -1.56 3.24
N THR A 32 -6.43 -2.85 2.89
CA THR A 32 -7.71 -3.55 2.78
C THR A 32 -7.71 -4.77 3.73
N PRO A 33 -8.52 -4.73 4.84
CA PRO A 33 -8.57 -5.84 5.83
C PRO A 33 -9.50 -7.01 5.39
N PRO A 34 -9.25 -8.26 5.91
CA PRO A 34 -10.13 -9.42 5.63
C PRO A 34 -11.43 -9.39 6.46
N GLY A 35 -12.36 -10.32 6.19
CA GLY A 35 -13.64 -10.38 6.90
C GLY A 35 -14.74 -9.53 6.26
N ASN A 36 -14.34 -8.47 5.53
CA ASN A 36 -15.27 -7.56 4.82
C ASN A 36 -15.50 -8.02 3.37
N GLY A 37 -15.28 -9.33 3.14
CA GLY A 37 -15.39 -9.94 1.81
C GLY A 37 -14.04 -10.21 1.19
N CYS A 38 -13.00 -9.54 1.69
CA CYS A 38 -11.65 -9.69 1.15
C CYS A 38 -10.98 -10.97 1.71
N PRO A 39 -10.60 -11.95 0.82
CA PRO A 39 -10.15 -13.31 1.24
C PRO A 39 -8.88 -13.28 2.12
N LYS A 40 -8.10 -12.20 2.00
CA LYS A 40 -6.87 -11.99 2.81
C LYS A 40 -6.59 -10.48 2.95
N THR A 41 -5.60 -10.12 3.79
CA THR A 41 -5.14 -8.74 3.95
C THR A 41 -4.29 -8.34 2.72
N GLU A 42 -4.54 -7.15 2.17
CA GLU A 42 -3.82 -6.65 0.98
C GLU A 42 -3.69 -5.12 1.04
N VAL A 43 -2.44 -4.64 0.93
CA VAL A 43 -2.11 -3.20 0.88
C VAL A 43 -2.24 -2.71 -0.58
N VAL A 44 -3.21 -1.82 -0.82
CA VAL A 44 -3.47 -1.23 -2.14
C VAL A 44 -2.66 0.07 -2.26
N ILE A 45 -1.62 0.07 -3.09
CA ILE A 45 -0.74 1.23 -3.26
C ILE A 45 -1.15 2.01 -4.53
N TRP A 46 -1.19 3.34 -4.40
CA TRP A 46 -1.55 4.29 -5.47
C TRP A 46 -0.31 5.13 -5.81
N THR A 47 0.03 5.21 -7.11
CA THR A 47 1.11 6.09 -7.60
C THR A 47 0.54 7.48 -7.99
N LYS A 48 1.44 8.44 -8.30
CA LYS A 48 1.07 9.81 -8.74
C LYS A 48 0.42 9.79 -10.14
N MET A 49 0.86 8.83 -10.97
CA MET A 49 0.24 8.53 -12.28
C MET A 49 -1.06 7.69 -12.10
N LYS A 50 -1.44 7.49 -10.82
CA LYS A 50 -2.73 6.89 -10.37
C LYS A 50 -2.88 5.43 -10.85
N LYS A 51 -1.72 4.79 -11.08
CA LYS A 51 -1.64 3.36 -11.36
C LYS A 51 -1.82 2.62 -10.02
N VAL A 52 -2.75 1.66 -10.02
CA VAL A 52 -3.20 0.92 -8.85
C VAL A 52 -2.52 -0.46 -8.81
N ILE A 53 -1.94 -0.81 -7.66
CA ILE A 53 -1.40 -2.16 -7.39
C ILE A 53 -1.91 -2.64 -6.01
N CYS A 54 -1.94 -3.96 -5.80
CA CYS A 54 -2.36 -4.57 -4.52
C CYS A 54 -1.40 -5.72 -4.18
N VAL A 55 -0.76 -5.65 -3.01
CA VAL A 55 0.23 -6.65 -2.56
C VAL A 55 -0.16 -7.17 -1.17
N ASN A 56 0.22 -8.42 -0.87
CA ASN A 56 0.05 -9.00 0.49
C ASN A 56 1.22 -8.55 1.39
N PRO A 57 1.03 -8.47 2.75
CA PRO A 57 2.09 -8.01 3.70
C PRO A 57 3.37 -8.91 3.75
N ARG A 58 3.38 -10.05 3.03
CA ARG A 58 4.55 -10.97 2.95
C ARG A 58 5.57 -10.52 1.90
N ALA A 59 5.19 -9.56 1.03
CA ALA A 59 6.13 -8.93 0.06
C ALA A 59 7.22 -8.19 0.84
N LYS A 60 8.47 -8.67 0.74
CA LYS A 60 9.58 -8.17 1.57
C LYS A 60 10.14 -6.82 1.09
N TRP A 61 9.89 -6.48 -0.20
CA TRP A 61 10.20 -5.14 -0.74
C TRP A 61 9.17 -4.09 -0.25
N LEU A 62 8.01 -4.55 0.28
CA LEU A 62 7.01 -3.65 0.91
C LEU A 62 7.56 -3.10 2.24
N GLN A 63 8.44 -3.87 2.92
CA GLN A 63 9.12 -3.41 4.15
C GLN A 63 10.07 -2.22 3.87
N ARG A 64 10.46 -2.03 2.59
CA ARG A 64 11.17 -0.81 2.14
C ARG A 64 10.25 0.41 2.27
N LEU A 65 8.98 0.24 1.83
CA LEU A 65 7.93 1.28 1.90
C LEU A 65 7.58 1.59 3.36
N LEU A 66 7.49 0.52 4.19
CA LEU A 66 7.11 0.63 5.61
C LEU A 66 8.22 1.35 6.42
N ARG A 67 9.49 1.09 6.04
CA ARG A 67 10.66 1.74 6.66
C ARG A 67 10.84 3.19 6.15
N HIS A 68 10.39 3.45 4.91
CA HIS A 68 10.47 4.78 4.28
C HIS A 68 9.43 5.76 4.87
N VAL A 69 8.15 5.31 4.92
CA VAL A 69 7.02 6.15 5.37
C VAL A 69 7.04 6.33 6.90
N GLN A 70 7.47 5.27 7.61
CA GLN A 70 7.65 5.30 9.06
C GLN A 70 9.15 5.44 9.36
N SER A 71 9.57 6.67 9.62
CA SER A 71 10.95 7.01 9.99
C SER A 71 10.92 8.36 10.72
N LYS A 72 11.14 8.33 12.03
CA LYS A 72 11.06 9.52 12.90
C LYS A 72 12.34 10.40 12.74
N SER A 73 13.42 9.80 12.19
CA SER A 73 14.70 10.48 11.93
C SER A 73 14.99 10.50 10.41
N LEU A 74 14.26 11.35 9.68
CA LEU A 74 14.39 11.50 8.21
C LEU A 74 14.27 13.00 7.87
N SER A 75 15.41 13.64 7.57
CA SER A 75 15.46 15.02 7.08
C SER A 75 15.53 15.00 5.54
N SER A 76 14.63 15.75 4.88
CA SER A 76 14.54 15.79 3.40
C SER A 76 15.57 16.78 2.83
N THR A 77 16.54 16.27 2.05
CA THR A 77 17.57 17.08 1.40
C THR A 77 16.94 18.04 0.38
N PRO A 78 17.37 19.36 0.33
CA PRO A 78 16.80 20.37 -0.60
C PRO A 78 17.00 19.98 -2.09
N GLN A 79 15.98 19.33 -2.64
CA GLN A 79 15.94 18.86 -4.04
C GLN A 79 15.05 19.81 -4.85
N ALA A 80 15.51 20.19 -6.05
CA ALA A 80 14.81 21.16 -6.90
C ALA A 80 14.80 20.67 -8.37
N PRO A 81 13.66 20.07 -8.87
CA PRO A 81 13.49 19.78 -10.32
C PRO A 81 13.19 21.08 -11.12
N VAL A 82 12.91 20.93 -12.43
CA VAL A 82 12.46 22.05 -13.27
C VAL A 82 10.92 22.19 -13.10
N SER A 83 10.52 22.80 -11.96
CA SER A 83 9.11 22.93 -11.58
C SER A 83 8.50 24.17 -12.26
N LYS A 84 8.22 24.02 -13.55
CA LYS A 84 7.50 25.01 -14.36
C LYS A 84 6.77 24.27 -15.49
N ARG A 85 5.62 24.82 -15.90
CA ARG A 85 4.68 24.18 -16.82
C ARG A 85 4.32 25.16 -17.94
N ARG A 86 3.61 24.69 -18.98
CA ARG A 86 3.08 25.57 -20.04
C ARG A 86 1.87 26.38 -19.51
N ALA A 87 1.28 25.93 -18.39
CA ALA A 87 0.27 26.71 -17.65
C ALA A 87 0.95 27.87 -16.89
N ALA A 88 2.02 27.51 -16.14
CA ALA A 88 2.84 28.47 -15.37
C ALA A 88 4.17 27.78 -15.00
N ILE A 1 -5.32 0.53 -20.37
CA ILE A 1 -6.03 0.39 -19.07
C ILE A 1 -7.47 0.90 -19.20
N LEU A 2 -8.44 0.07 -18.78
CA LEU A 2 -9.87 0.43 -18.73
C LEU A 2 -10.41 0.07 -17.34
N GLU A 3 -11.44 0.78 -16.87
CA GLU A 3 -12.06 0.55 -15.56
C GLU A 3 -13.51 0.08 -15.74
N ALA A 4 -13.91 -0.88 -14.90
CA ALA A 4 -15.27 -1.44 -14.88
C ALA A 4 -16.14 -0.61 -13.90
N HIS A 5 -17.02 0.23 -14.46
CA HIS A 5 -17.91 1.13 -13.66
C HIS A 5 -19.07 0.32 -13.07
N TYR A 6 -18.79 -0.33 -11.93
CA TYR A 6 -19.78 -1.13 -11.18
C TYR A 6 -19.68 -0.80 -9.68
N THR A 7 -20.81 -0.95 -8.98
CA THR A 7 -20.88 -0.82 -7.53
C THR A 7 -20.26 -2.07 -6.88
N ASN A 8 -18.93 -2.05 -6.72
CA ASN A 8 -18.16 -3.16 -6.14
C ASN A 8 -18.12 -3.02 -4.62
N LEU A 9 -18.87 -3.87 -3.91
CA LEU A 9 -18.96 -3.89 -2.44
C LEU A 9 -17.76 -4.67 -1.83
N LYS A 10 -17.02 -5.38 -2.67
CA LYS A 10 -15.84 -6.16 -2.27
C LYS A 10 -14.61 -5.24 -2.16
N CYS A 11 -13.49 -5.81 -1.69
CA CYS A 11 -12.19 -5.12 -1.72
C CYS A 11 -11.61 -5.24 -3.14
N ARG A 12 -11.48 -4.09 -3.82
CA ARG A 12 -10.99 -4.04 -5.22
C ARG A 12 -9.47 -4.20 -5.26
N CYS A 13 -9.00 -5.03 -6.18
CA CYS A 13 -7.58 -5.34 -6.37
C CYS A 13 -7.31 -5.60 -7.86
N SER A 14 -6.09 -5.29 -8.32
CA SER A 14 -5.67 -5.50 -9.73
C SER A 14 -4.83 -6.78 -9.88
N GLY A 15 -4.79 -7.59 -8.82
CA GLY A 15 -3.90 -8.76 -8.75
C GLY A 15 -2.50 -8.34 -8.31
N VAL A 16 -1.62 -9.33 -8.05
CA VAL A 16 -0.26 -9.06 -7.52
C VAL A 16 0.76 -9.11 -8.65
N ILE A 17 1.74 -8.18 -8.60
CA ILE A 17 2.76 -8.04 -9.66
C ILE A 17 4.16 -8.04 -9.03
N SER A 18 5.11 -8.60 -9.80
CA SER A 18 6.55 -8.62 -9.42
C SER A 18 7.30 -7.42 -10.02
N THR A 19 6.58 -6.57 -10.81
CA THR A 19 7.14 -5.33 -11.36
C THR A 19 7.57 -4.41 -10.20
N VAL A 20 8.86 -4.09 -10.16
CA VAL A 20 9.46 -3.28 -9.08
C VAL A 20 8.96 -1.84 -9.22
N VAL A 21 8.13 -1.40 -8.26
CA VAL A 21 7.56 -0.05 -8.24
C VAL A 21 8.47 0.88 -7.39
N GLY A 22 8.78 2.07 -7.94
CA GLY A 22 9.69 3.03 -7.32
C GLY A 22 9.02 3.82 -6.22
N LEU A 23 9.79 4.15 -5.17
CA LEU A 23 9.33 4.91 -4.00
C LEU A 23 8.82 6.30 -4.42
N ASN A 24 9.45 6.88 -5.46
CA ASN A 24 9.12 8.22 -6.00
C ASN A 24 7.71 8.24 -6.64
N ILE A 25 7.25 7.08 -7.18
CA ILE A 25 5.95 6.99 -7.87
C ILE A 25 4.88 6.31 -7.00
N ILE A 26 5.16 6.13 -5.69
CA ILE A 26 4.13 5.71 -4.71
C ILE A 26 3.24 6.92 -4.38
N ASP A 27 1.94 6.81 -4.60
CA ASP A 27 0.95 7.84 -4.21
C ASP A 27 0.46 7.57 -2.80
N ARG A 28 -0.13 6.37 -2.61
CA ARG A 28 -0.66 5.92 -1.28
C ARG A 28 -0.50 4.40 -1.16
N ILE A 29 -0.43 3.94 0.10
CA ILE A 29 -0.40 2.51 0.45
C ILE A 29 -1.70 2.17 1.20
N GLN A 30 -2.59 1.44 0.52
CA GLN A 30 -3.84 0.93 1.11
C GLN A 30 -3.63 -0.53 1.52
N VAL A 31 -4.14 -0.91 2.70
CA VAL A 31 -4.17 -2.31 3.14
C VAL A 31 -5.58 -2.66 3.62
N THR A 32 -6.13 -3.77 3.11
CA THR A 32 -7.42 -4.31 3.53
C THR A 32 -7.19 -5.58 4.38
N PRO A 33 -7.55 -5.58 5.71
CA PRO A 33 -7.42 -6.77 6.58
C PRO A 33 -8.52 -7.83 6.28
N PRO A 34 -8.39 -9.11 6.79
CA PRO A 34 -9.43 -10.16 6.61
C PRO A 34 -10.77 -9.78 7.32
N GLY A 35 -11.57 -8.98 6.61
CA GLY A 35 -12.86 -8.50 7.07
C GLY A 35 -13.35 -7.36 6.20
N ASN A 36 -14.54 -6.82 6.54
CA ASN A 36 -15.17 -5.67 5.85
C ASN A 36 -15.55 -6.00 4.39
N GLY A 37 -15.65 -7.30 4.06
CA GLY A 37 -15.92 -7.77 2.69
C GLY A 37 -14.67 -8.17 1.93
N CYS A 38 -13.53 -8.28 2.63
CA CYS A 38 -12.28 -8.78 2.06
C CYS A 38 -11.87 -10.03 2.86
N PRO A 39 -11.79 -11.25 2.23
CA PRO A 39 -11.54 -12.52 2.95
C PRO A 39 -10.05 -12.76 3.30
N LYS A 40 -9.20 -11.77 3.03
CA LYS A 40 -7.74 -11.89 3.22
C LYS A 40 -7.10 -10.51 3.48
N THR A 41 -5.80 -10.52 3.81
CA THR A 41 -4.98 -9.31 3.87
C THR A 41 -4.42 -9.00 2.47
N GLU A 42 -4.73 -7.82 1.91
CA GLU A 42 -4.24 -7.40 0.59
C GLU A 42 -3.67 -5.98 0.67
N VAL A 43 -2.49 -5.76 0.05
CA VAL A 43 -1.85 -4.44 0.00
C VAL A 43 -2.07 -3.85 -1.40
N VAL A 44 -3.02 -2.92 -1.47
CA VAL A 44 -3.35 -2.20 -2.71
C VAL A 44 -2.56 -0.87 -2.75
N ILE A 45 -1.57 -0.79 -3.64
CA ILE A 45 -0.78 0.44 -3.83
C ILE A 45 -1.37 1.26 -4.98
N TRP A 46 -1.59 2.56 -4.73
CA TRP A 46 -1.97 3.53 -5.75
C TRP A 46 -0.69 4.25 -6.17
N THR A 47 -0.37 4.28 -7.47
CA THR A 47 0.80 5.02 -8.00
C THR A 47 0.43 6.47 -8.34
N LYS A 48 1.44 7.30 -8.61
CA LYS A 48 1.26 8.73 -8.98
C LYS A 48 0.64 8.88 -10.39
N MET A 49 0.87 7.85 -11.22
CA MET A 49 0.24 7.72 -12.56
C MET A 49 -1.20 7.15 -12.42
N LYS A 50 -1.62 6.92 -11.15
CA LYS A 50 -2.96 6.48 -10.74
C LYS A 50 -3.29 5.06 -11.23
N LYS A 51 -2.21 4.30 -11.48
CA LYS A 51 -2.29 2.89 -11.83
C LYS A 51 -2.48 2.13 -10.49
N VAL A 52 -3.55 1.34 -10.43
CA VAL A 52 -3.88 0.51 -9.25
C VAL A 52 -3.14 -0.83 -9.36
N ILE A 53 -2.36 -1.17 -8.33
CA ILE A 53 -1.64 -2.46 -8.23
C ILE A 53 -1.85 -3.06 -6.85
N CYS A 54 -1.67 -4.37 -6.75
CA CYS A 54 -1.58 -5.07 -5.46
C CYS A 54 -0.21 -5.75 -5.38
N VAL A 55 0.33 -5.90 -4.16
CA VAL A 55 1.64 -6.55 -3.92
C VAL A 55 1.56 -7.42 -2.67
N ASN A 56 2.54 -8.33 -2.52
CA ASN A 56 2.63 -9.25 -1.37
C ASN A 56 3.12 -8.48 -0.11
N PRO A 57 2.40 -8.57 1.05
CA PRO A 57 2.78 -7.88 2.33
C PRO A 57 4.21 -8.23 2.81
N ARG A 58 4.66 -9.46 2.50
CA ARG A 58 5.98 -9.99 2.91
C ARG A 58 7.10 -9.65 1.89
N ALA A 59 6.84 -8.68 0.99
CA ALA A 59 7.87 -8.13 0.08
C ALA A 59 8.84 -7.24 0.89
N LYS A 60 10.14 -7.54 0.80
CA LYS A 60 11.17 -6.96 1.67
C LYS A 60 11.36 -5.45 1.41
N TRP A 61 11.27 -5.06 0.12
CA TRP A 61 11.35 -3.64 -0.30
C TRP A 61 10.16 -2.83 0.30
N LEU A 62 9.00 -3.50 0.41
CA LEU A 62 7.76 -2.92 0.92
C LEU A 62 7.88 -2.65 2.43
N GLN A 63 8.61 -3.55 3.13
CA GLN A 63 8.85 -3.44 4.59
C GLN A 63 9.49 -2.07 4.94
N ARG A 64 10.39 -1.64 4.06
CA ARG A 64 11.03 -0.31 4.13
C ARG A 64 9.97 0.80 4.02
N LEU A 65 9.08 0.66 3.00
CA LEU A 65 7.98 1.64 2.74
C LEU A 65 7.02 1.74 3.94
N LEU A 66 6.79 0.58 4.60
CA LEU A 66 5.92 0.49 5.78
C LEU A 66 6.58 1.13 7.00
N ARG A 67 7.92 0.97 7.12
CA ARG A 67 8.69 1.53 8.23
C ARG A 67 8.88 3.07 8.04
N HIS A 68 8.76 3.53 6.77
CA HIS A 68 8.80 4.98 6.41
C HIS A 68 7.56 5.70 6.96
N VAL A 69 6.39 5.08 6.81
CA VAL A 69 5.09 5.69 7.20
C VAL A 69 4.71 5.36 8.66
N GLN A 70 5.48 4.46 9.29
CA GLN A 70 5.29 4.07 10.69
C GLN A 70 5.89 5.16 11.63
N SER A 71 5.57 5.09 12.93
CA SER A 71 6.08 6.01 13.96
C SER A 71 7.61 5.84 14.15
N LYS A 72 8.24 6.78 14.90
CA LYS A 72 9.72 6.90 15.02
C LYS A 72 10.37 7.06 13.63
N SER A 73 9.68 7.80 12.76
CA SER A 73 10.09 8.05 11.37
C SER A 73 9.46 9.39 10.93
N LEU A 74 9.36 9.61 9.59
CA LEU A 74 8.72 10.80 9.00
C LEU A 74 7.20 10.79 9.31
N SER A 75 6.84 11.43 10.43
CA SER A 75 5.45 11.55 10.88
C SER A 75 4.92 12.95 10.54
N SER A 76 3.75 13.02 9.89
CA SER A 76 3.14 14.28 9.44
C SER A 76 2.46 15.01 10.62
N THR A 77 1.27 14.52 11.02
CA THR A 77 0.45 15.16 12.08
C THR A 77 0.82 14.59 13.47
N PRO A 78 1.28 15.45 14.45
CA PRO A 78 1.43 15.04 15.88
C PRO A 78 0.09 14.57 16.46
N GLN A 79 -0.11 13.24 16.46
CA GLN A 79 -1.32 12.57 17.00
C GLN A 79 -0.88 11.55 18.06
N ALA A 80 -1.82 11.10 18.91
CA ALA A 80 -1.58 10.07 19.93
C ALA A 80 -2.05 8.69 19.42
N PRO A 81 -1.13 7.82 18.88
CA PRO A 81 -1.48 6.46 18.45
C PRO A 81 -1.38 5.45 19.61
N VAL A 82 -2.31 4.48 19.63
CA VAL A 82 -2.33 3.37 20.63
C VAL A 82 -1.66 2.10 20.07
N SER A 83 -1.58 2.03 18.72
CA SER A 83 -0.93 0.91 18.00
C SER A 83 0.58 0.91 18.28
N LYS A 84 1.06 -0.16 18.92
CA LYS A 84 2.46 -0.34 19.27
C LYS A 84 3.30 -0.54 18.00
N ARG A 85 4.43 0.20 17.93
CA ARG A 85 5.33 0.18 16.78
C ARG A 85 5.98 -1.20 16.65
N ARG A 86 5.56 -1.95 15.61
CA ARG A 86 6.16 -3.24 15.27
C ARG A 86 7.61 -3.02 14.80
N ALA A 87 8.57 -3.34 15.69
CA ALA A 87 10.01 -3.20 15.43
C ALA A 87 10.49 -4.45 14.67
N ALA A 88 10.10 -4.54 13.39
CA ALA A 88 10.42 -5.67 12.50
C ALA A 88 11.82 -5.43 11.88
N ILE A 1 -33.94 -0.17 -15.60
CA ILE A 1 -33.08 0.12 -14.44
C ILE A 1 -31.66 -0.40 -14.69
N LEU A 2 -30.81 0.45 -15.30
CA LEU A 2 -29.41 0.13 -15.56
C LEU A 2 -28.55 0.64 -14.39
N GLU A 3 -28.07 -0.29 -13.56
CA GLU A 3 -27.16 0.02 -12.43
C GLU A 3 -25.71 -0.01 -12.90
N ALA A 4 -25.17 1.19 -13.20
CA ALA A 4 -23.78 1.38 -13.70
C ALA A 4 -22.72 1.24 -12.58
N HIS A 5 -23.16 0.76 -11.39
CA HIS A 5 -22.33 0.60 -10.21
C HIS A 5 -22.53 -0.82 -9.65
N TYR A 6 -21.48 -1.66 -9.73
CA TYR A 6 -21.48 -2.97 -9.07
C TYR A 6 -21.06 -2.80 -7.61
N THR A 7 -22.05 -2.85 -6.69
CA THR A 7 -21.83 -2.72 -5.25
C THR A 7 -21.14 -4.01 -4.72
N ASN A 8 -19.80 -3.98 -4.74
CA ASN A 8 -18.95 -5.15 -4.41
C ASN A 8 -18.62 -5.20 -2.92
N LEU A 9 -18.68 -6.41 -2.36
CA LEU A 9 -18.19 -6.70 -1.00
C LEU A 9 -16.68 -6.99 -1.06
N LYS A 10 -16.24 -7.58 -2.18
CA LYS A 10 -14.85 -7.99 -2.40
C LYS A 10 -13.90 -6.78 -2.47
N CYS A 11 -12.63 -7.00 -2.12
CA CYS A 11 -11.58 -5.99 -2.24
C CYS A 11 -11.14 -5.92 -3.72
N ARG A 12 -11.37 -4.77 -4.38
CA ARG A 12 -11.07 -4.62 -5.82
C ARG A 12 -9.58 -4.25 -6.02
N CYS A 13 -8.90 -5.06 -6.84
CA CYS A 13 -7.50 -4.83 -7.25
C CYS A 13 -7.32 -5.23 -8.71
N SER A 14 -6.37 -4.56 -9.38
CA SER A 14 -5.91 -4.93 -10.73
C SER A 14 -4.85 -6.07 -10.63
N GLY A 15 -3.94 -6.15 -11.62
CA GLY A 15 -2.81 -7.08 -11.57
C GLY A 15 -1.85 -6.78 -10.41
N VAL A 16 -1.08 -7.79 -10.01
CA VAL A 16 -0.09 -7.70 -8.93
C VAL A 16 1.31 -7.57 -9.56
N ILE A 17 2.20 -6.83 -8.89
CA ILE A 17 3.57 -6.58 -9.39
C ILE A 17 4.49 -7.77 -9.03
N SER A 18 5.44 -8.03 -9.95
CA SER A 18 6.53 -9.00 -9.75
C SER A 18 7.86 -8.29 -10.09
N THR A 19 7.89 -6.97 -9.83
CA THR A 19 9.01 -6.08 -10.13
C THR A 19 9.16 -5.09 -8.97
N VAL A 20 10.42 -4.75 -8.60
CA VAL A 20 10.69 -3.73 -7.55
C VAL A 20 10.13 -2.36 -8.01
N VAL A 21 9.11 -1.86 -7.30
CA VAL A 21 8.40 -0.62 -7.64
C VAL A 21 9.08 0.57 -6.94
N GLY A 22 9.21 1.69 -7.67
CA GLY A 22 9.87 2.88 -7.16
C GLY A 22 8.98 3.70 -6.25
N LEU A 23 9.55 4.08 -5.09
CA LEU A 23 8.90 4.94 -4.06
C LEU A 23 8.40 6.26 -4.68
N ASN A 24 9.14 6.72 -5.71
CA ASN A 24 8.89 7.96 -6.45
C ASN A 24 7.49 7.98 -7.10
N ILE A 25 7.00 6.81 -7.56
CA ILE A 25 5.71 6.72 -8.27
C ILE A 25 4.58 6.31 -7.32
N ILE A 26 4.92 5.95 -6.06
CA ILE A 26 3.91 5.61 -5.04
C ILE A 26 3.24 6.91 -4.54
N ASP A 27 1.89 6.92 -4.52
CA ASP A 27 1.11 8.04 -3.96
C ASP A 27 0.54 7.64 -2.59
N ARG A 28 -0.18 6.49 -2.56
CA ARG A 28 -0.89 6.03 -1.37
C ARG A 28 -0.73 4.51 -1.22
N ILE A 29 -0.56 4.06 0.02
CA ILE A 29 -0.53 2.65 0.40
C ILE A 29 -1.70 2.41 1.38
N GLN A 30 -2.74 1.72 0.91
CA GLN A 30 -3.90 1.36 1.72
C GLN A 30 -3.81 -0.14 2.05
N VAL A 31 -4.14 -0.50 3.28
CA VAL A 31 -4.07 -1.90 3.75
C VAL A 31 -5.50 -2.38 4.10
N THR A 32 -6.03 -3.30 3.30
CA THR A 32 -7.38 -3.86 3.50
C THR A 32 -7.28 -5.10 4.44
N PRO A 33 -7.99 -5.09 5.62
CA PRO A 33 -7.95 -6.20 6.62
C PRO A 33 -8.41 -7.58 6.04
N PRO A 34 -7.84 -8.72 6.56
CA PRO A 34 -8.16 -10.08 6.05
C PRO A 34 -9.58 -10.54 6.49
N GLY A 35 -10.53 -10.42 5.56
CA GLY A 35 -11.94 -10.79 5.80
C GLY A 35 -12.90 -9.72 5.29
N ASN A 36 -12.36 -8.58 4.81
CA ASN A 36 -13.17 -7.42 4.33
C ASN A 36 -13.48 -7.55 2.82
N GLY A 37 -13.81 -8.79 2.40
CA GLY A 37 -14.09 -9.12 1.00
C GLY A 37 -12.93 -9.80 0.31
N CYS A 38 -11.73 -9.65 0.87
CA CYS A 38 -10.53 -10.38 0.50
C CYS A 38 -10.11 -11.24 1.71
N PRO A 39 -10.14 -12.61 1.60
CA PRO A 39 -9.79 -13.55 2.72
C PRO A 39 -8.46 -13.19 3.42
N LYS A 40 -7.46 -12.78 2.62
CA LYS A 40 -6.13 -12.39 3.13
C LYS A 40 -5.98 -10.87 3.05
N THR A 41 -5.05 -10.31 3.86
CA THR A 41 -4.77 -8.87 3.91
C THR A 41 -4.28 -8.40 2.53
N GLU A 42 -5.05 -7.52 1.89
CA GLU A 42 -4.76 -7.08 0.51
C GLU A 42 -4.33 -5.61 0.55
N VAL A 43 -3.04 -5.36 0.26
CA VAL A 43 -2.47 -4.01 0.32
C VAL A 43 -2.67 -3.32 -1.03
N VAL A 44 -3.65 -2.42 -1.10
CA VAL A 44 -4.04 -1.71 -2.32
C VAL A 44 -3.21 -0.40 -2.40
N ILE A 45 -2.26 -0.38 -3.33
CA ILE A 45 -1.35 0.76 -3.52
C ILE A 45 -1.74 1.53 -4.79
N TRP A 46 -2.07 2.81 -4.63
CA TRP A 46 -2.36 3.72 -5.74
C TRP A 46 -1.08 4.48 -6.08
N THR A 47 -0.66 4.41 -7.34
CA THR A 47 0.46 5.23 -7.84
C THR A 47 -0.05 6.63 -8.26
N LYS A 48 0.89 7.57 -8.41
CA LYS A 48 0.59 8.95 -8.86
C LYS A 48 0.22 8.99 -10.37
N MET A 49 0.44 7.86 -11.07
CA MET A 49 -0.02 7.66 -12.47
C MET A 49 -1.43 7.01 -12.50
N LYS A 50 -2.03 6.84 -11.29
CA LYS A 50 -3.40 6.29 -11.08
C LYS A 50 -3.50 4.79 -11.46
N LYS A 51 -2.36 4.09 -11.45
CA LYS A 51 -2.31 2.63 -11.65
C LYS A 51 -2.54 1.94 -10.30
N VAL A 52 -3.49 0.99 -10.27
CA VAL A 52 -3.83 0.22 -9.08
C VAL A 52 -2.96 -1.04 -9.05
N ILE A 53 -2.07 -1.14 -8.05
CA ILE A 53 -1.19 -2.30 -7.86
C ILE A 53 -1.38 -2.81 -6.43
N CYS A 54 -1.64 -4.11 -6.27
CA CYS A 54 -1.89 -4.71 -4.95
C CYS A 54 -0.86 -5.81 -4.66
N VAL A 55 -0.36 -5.84 -3.41
CA VAL A 55 0.67 -6.79 -2.96
C VAL A 55 0.26 -7.47 -1.65
N ASN A 56 1.00 -8.53 -1.33
CA ASN A 56 0.81 -9.29 -0.08
C ASN A 56 1.36 -8.49 1.13
N PRO A 57 0.84 -8.74 2.38
CA PRO A 57 1.17 -7.92 3.59
C PRO A 57 2.66 -7.99 3.97
N ARG A 58 3.30 -9.13 3.65
CA ARG A 58 4.69 -9.43 4.05
C ARG A 58 5.65 -9.34 2.85
N ALA A 59 5.27 -8.55 1.82
CA ALA A 59 6.18 -8.21 0.72
C ALA A 59 7.31 -7.34 1.29
N LYS A 60 8.58 -7.77 1.07
CA LYS A 60 9.76 -7.15 1.71
C LYS A 60 10.05 -5.75 1.14
N TRP A 61 9.72 -5.54 -0.16
CA TRP A 61 9.83 -4.21 -0.79
C TRP A 61 8.86 -3.23 -0.10
N LEU A 62 7.73 -3.76 0.37
CA LEU A 62 6.71 -2.99 1.11
C LEU A 62 7.21 -2.68 2.54
N GLN A 63 7.91 -3.65 3.16
CA GLN A 63 8.41 -3.51 4.54
C GLN A 63 9.37 -2.31 4.67
N ARG A 64 10.29 -2.17 3.69
CA ARG A 64 11.27 -1.06 3.68
C ARG A 64 10.58 0.30 3.43
N LEU A 65 9.46 0.28 2.67
CA LEU A 65 8.56 1.45 2.49
C LEU A 65 8.00 1.91 3.85
N LEU A 66 7.49 0.93 4.64
CA LEU A 66 6.90 1.17 5.97
C LEU A 66 7.95 1.68 7.00
N ARG A 67 9.19 1.18 6.86
CA ARG A 67 10.34 1.61 7.68
C ARG A 67 10.76 3.05 7.32
N HIS A 68 10.59 3.44 6.04
CA HIS A 68 10.84 4.82 5.57
C HIS A 68 9.73 5.79 6.02
N VAL A 69 8.47 5.28 6.16
CA VAL A 69 7.33 6.08 6.64
C VAL A 69 7.60 6.50 8.11
N GLN A 70 7.98 5.51 8.94
CA GLN A 70 8.42 5.76 10.32
C GLN A 70 9.96 5.84 10.35
N SER A 71 10.48 6.84 9.62
CA SER A 71 11.91 7.23 9.68
C SER A 71 12.18 7.95 11.01
N LYS A 72 11.12 8.59 11.53
CA LYS A 72 11.16 9.30 12.81
C LYS A 72 10.87 8.30 13.95
N SER A 73 11.84 8.12 14.85
CA SER A 73 11.71 7.26 16.03
C SER A 73 10.69 7.86 17.04
N LEU A 74 9.74 7.01 17.50
CA LEU A 74 8.72 7.36 18.51
C LEU A 74 7.71 8.42 17.96
N SER A 75 7.49 8.40 16.63
CA SER A 75 6.52 9.29 15.96
C SER A 75 5.12 8.64 15.97
N SER A 76 4.14 9.34 16.57
CA SER A 76 2.75 8.89 16.70
C SER A 76 1.81 9.80 15.88
N THR A 77 2.36 10.46 14.84
CA THR A 77 1.58 11.33 13.93
C THR A 77 1.80 10.93 12.44
N PRO A 78 1.37 9.69 12.01
CA PRO A 78 1.52 9.24 10.61
C PRO A 78 0.32 9.70 9.74
N GLN A 79 0.60 10.03 8.47
CA GLN A 79 -0.44 10.27 7.46
C GLN A 79 -0.91 8.92 6.91
N ALA A 80 -1.69 8.21 7.73
CA ALA A 80 -2.23 6.88 7.43
C ALA A 80 -3.50 7.01 6.55
N PRO A 81 -3.73 6.07 5.58
CA PRO A 81 -4.87 6.15 4.63
C PRO A 81 -6.24 6.01 5.33
N VAL A 82 -6.77 7.16 5.80
CA VAL A 82 -8.06 7.24 6.53
C VAL A 82 -9.26 7.23 5.55
N SER A 83 -8.97 7.49 4.26
CA SER A 83 -9.97 7.47 3.19
C SER A 83 -10.46 6.02 2.95
N LYS A 84 -11.54 5.66 3.65
CA LYS A 84 -12.26 4.40 3.47
C LYS A 84 -13.28 4.60 2.33
N ARG A 85 -12.76 4.61 1.10
CA ARG A 85 -13.54 5.01 -0.09
C ARG A 85 -13.54 3.87 -1.12
N ARG A 86 -14.62 3.10 -1.11
CA ARG A 86 -14.90 2.08 -2.14
C ARG A 86 -15.84 2.66 -3.20
N ALA A 87 -15.28 3.52 -4.06
CA ALA A 87 -15.99 4.06 -5.21
C ALA A 87 -16.05 3.00 -6.33
N ALA A 88 -17.05 3.09 -7.21
CA ALA A 88 -17.22 2.17 -8.35
C ALA A 88 -16.53 2.76 -9.60
N ILE A 1 -34.65 -8.91 -22.15
CA ILE A 1 -34.75 -8.34 -20.78
C ILE A 1 -33.35 -7.97 -20.26
N LEU A 2 -33.25 -6.87 -19.50
CA LEU A 2 -32.00 -6.46 -18.84
C LEU A 2 -31.87 -7.17 -17.49
N GLU A 3 -30.71 -7.81 -17.26
CA GLU A 3 -30.33 -8.40 -15.97
C GLU A 3 -29.20 -7.57 -15.35
N ALA A 4 -29.08 -7.60 -14.01
CA ALA A 4 -28.02 -6.89 -13.27
C ALA A 4 -27.07 -7.89 -12.62
N HIS A 5 -25.77 -7.79 -12.97
CA HIS A 5 -24.72 -8.62 -12.35
C HIS A 5 -24.33 -8.05 -10.97
N TYR A 6 -25.12 -8.45 -9.96
CA TYR A 6 -24.87 -8.12 -8.55
C TYR A 6 -23.52 -8.70 -8.06
N THR A 7 -22.83 -7.93 -7.20
CA THR A 7 -21.51 -8.28 -6.68
C THR A 7 -21.42 -7.87 -5.20
N ASN A 8 -21.13 -8.84 -4.32
CA ASN A 8 -20.95 -8.60 -2.88
C ASN A 8 -19.65 -7.80 -2.63
N LEU A 9 -19.64 -7.00 -1.55
CA LEU A 9 -18.55 -6.05 -1.25
C LEU A 9 -17.28 -6.78 -0.80
N LYS A 10 -16.44 -7.11 -1.77
CA LYS A 10 -15.07 -7.59 -1.53
C LYS A 10 -14.11 -6.38 -1.46
N CYS A 11 -12.85 -6.62 -1.07
CA CYS A 11 -11.79 -5.62 -1.20
C CYS A 11 -11.39 -5.54 -2.67
N ARG A 12 -11.68 -4.39 -3.34
CA ARG A 12 -11.53 -4.25 -4.78
C ARG A 12 -10.05 -4.20 -5.16
N CYS A 13 -9.64 -5.16 -6.01
CA CYS A 13 -8.29 -5.26 -6.55
C CYS A 13 -8.32 -5.14 -8.08
N SER A 14 -7.17 -4.79 -8.65
CA SER A 14 -6.99 -4.68 -10.10
C SER A 14 -6.18 -5.89 -10.60
N GLY A 15 -4.99 -6.09 -9.98
CA GLY A 15 -4.09 -7.17 -10.32
C GLY A 15 -2.79 -7.08 -9.52
N VAL A 16 -1.96 -8.15 -9.55
CA VAL A 16 -0.70 -8.21 -8.77
C VAL A 16 0.50 -7.94 -9.68
N ILE A 17 1.61 -7.49 -9.08
CA ILE A 17 2.85 -7.16 -9.79
C ILE A 17 4.04 -7.93 -9.20
N SER A 18 5.03 -8.23 -10.05
CA SER A 18 6.30 -8.88 -9.65
C SER A 18 7.48 -7.90 -9.80
N THR A 19 7.15 -6.61 -9.99
CA THR A 19 8.15 -5.55 -10.17
C THR A 19 8.46 -4.87 -8.82
N VAL A 20 9.73 -4.47 -8.63
CA VAL A 20 10.13 -3.63 -7.51
C VAL A 20 9.59 -2.21 -7.77
N VAL A 21 8.61 -1.79 -6.96
CA VAL A 21 7.98 -0.48 -7.11
C VAL A 21 8.67 0.52 -6.18
N GLY A 22 9.16 1.62 -6.75
CA GLY A 22 9.94 2.60 -6.01
C GLY A 22 9.10 3.55 -5.16
N LEU A 23 9.68 3.98 -4.02
CA LEU A 23 9.06 4.97 -3.11
C LEU A 23 8.75 6.28 -3.87
N ASN A 24 9.61 6.61 -4.86
CA ASN A 24 9.46 7.79 -5.73
C ASN A 24 8.13 7.78 -6.52
N ILE A 25 7.67 6.57 -6.90
CA ILE A 25 6.47 6.41 -7.75
C ILE A 25 5.27 5.86 -6.94
N ILE A 26 5.37 5.88 -5.61
CA ILE A 26 4.20 5.61 -4.71
C ILE A 26 3.45 6.92 -4.49
N ASP A 27 2.12 6.91 -4.71
CA ASP A 27 1.26 8.10 -4.45
C ASP A 27 0.51 7.91 -3.12
N ARG A 28 -0.31 6.83 -3.02
CA ARG A 28 -1.07 6.49 -1.80
C ARG A 28 -1.13 4.97 -1.62
N ILE A 29 -0.98 4.51 -0.37
CA ILE A 29 -1.08 3.09 0.01
C ILE A 29 -2.40 2.85 0.77
N GLN A 30 -3.25 1.99 0.23
CA GLN A 30 -4.47 1.49 0.89
C GLN A 30 -4.19 0.04 1.32
N VAL A 31 -4.56 -0.32 2.55
CA VAL A 31 -4.39 -1.71 3.06
C VAL A 31 -5.73 -2.22 3.62
N THR A 32 -6.15 -3.39 3.15
CA THR A 32 -7.37 -4.06 3.61
C THR A 32 -6.99 -5.43 4.25
N PRO A 33 -6.98 -5.54 5.61
CA PRO A 33 -6.67 -6.81 6.34
C PRO A 33 -7.77 -7.91 6.10
N PRO A 34 -7.55 -9.21 6.52
CA PRO A 34 -8.61 -10.25 6.43
C PRO A 34 -9.88 -9.84 7.21
N GLY A 35 -10.87 -9.35 6.46
CA GLY A 35 -12.10 -8.75 6.99
C GLY A 35 -12.91 -8.15 5.84
N ASN A 36 -14.21 -7.84 6.08
CA ASN A 36 -15.17 -7.40 5.00
C ASN A 36 -15.43 -8.56 3.99
N GLY A 37 -15.12 -9.80 4.44
CA GLY A 37 -15.21 -11.00 3.60
C GLY A 37 -14.00 -11.18 2.69
N CYS A 38 -12.96 -10.36 2.89
CA CYS A 38 -11.71 -10.42 2.10
C CYS A 38 -10.76 -11.48 2.73
N PRO A 39 -10.08 -12.35 1.90
CA PRO A 39 -9.37 -13.55 2.40
C PRO A 39 -8.13 -13.22 3.28
N LYS A 40 -7.23 -12.38 2.76
CA LYS A 40 -5.92 -12.07 3.38
C LYS A 40 -5.68 -10.55 3.34
N THR A 41 -4.55 -10.11 3.91
CA THR A 41 -4.12 -8.70 3.84
C THR A 41 -3.76 -8.36 2.39
N GLU A 42 -4.59 -7.52 1.77
CA GLU A 42 -4.45 -7.07 0.38
C GLU A 42 -4.11 -5.58 0.38
N VAL A 43 -2.89 -5.24 -0.05
CA VAL A 43 -2.39 -3.87 -0.04
C VAL A 43 -2.58 -3.28 -1.45
N VAL A 44 -3.63 -2.47 -1.61
CA VAL A 44 -4.01 -1.84 -2.88
C VAL A 44 -3.35 -0.45 -2.96
N ILE A 45 -2.36 -0.30 -3.85
CA ILE A 45 -1.55 0.94 -3.92
C ILE A 45 -1.78 1.68 -5.24
N TRP A 46 -2.10 2.97 -5.15
CA TRP A 46 -2.13 3.88 -6.30
C TRP A 46 -0.72 4.47 -6.46
N THR A 47 -0.11 4.31 -7.64
CA THR A 47 1.18 4.92 -7.96
C THR A 47 1.00 6.37 -8.46
N LYS A 48 2.13 7.08 -8.68
CA LYS A 48 2.15 8.44 -9.25
C LYS A 48 1.69 8.42 -10.74
N MET A 49 1.81 7.24 -11.36
CA MET A 49 1.29 6.94 -12.70
C MET A 49 -0.24 6.72 -12.66
N LYS A 50 -0.80 6.74 -11.42
CA LYS A 50 -2.20 6.42 -11.10
C LYS A 50 -2.55 4.98 -11.51
N LYS A 51 -1.51 4.14 -11.58
CA LYS A 51 -1.60 2.71 -11.91
C LYS A 51 -1.88 1.98 -10.58
N VAL A 52 -2.98 1.22 -10.56
CA VAL A 52 -3.44 0.49 -9.37
C VAL A 52 -2.77 -0.89 -9.33
N ILE A 53 -2.19 -1.23 -8.19
CA ILE A 53 -1.51 -2.53 -7.98
C ILE A 53 -2.03 -3.16 -6.69
N CYS A 54 -1.89 -4.49 -6.59
CA CYS A 54 -2.22 -5.24 -5.38
C CYS A 54 -0.99 -6.08 -5.00
N VAL A 55 -0.42 -5.84 -3.81
CA VAL A 55 0.65 -6.68 -3.25
C VAL A 55 0.24 -7.20 -1.87
N ASN A 56 0.82 -8.31 -1.46
CA ASN A 56 0.70 -8.87 -0.11
C ASN A 56 1.88 -8.37 0.75
N PRO A 57 1.84 -8.49 2.12
CA PRO A 57 3.02 -8.20 2.99
C PRO A 57 4.25 -9.11 2.72
N ARG A 58 4.13 -10.05 1.76
CA ARG A 58 5.27 -10.83 1.24
C ARG A 58 6.22 -9.94 0.40
N ALA A 59 5.69 -8.83 -0.17
CA ALA A 59 6.46 -7.86 -0.95
C ALA A 59 7.52 -7.17 -0.06
N LYS A 60 8.81 -7.45 -0.34
CA LYS A 60 9.94 -6.99 0.49
C LYS A 60 10.14 -5.46 0.37
N TRP A 61 9.87 -4.90 -0.83
CA TRP A 61 10.03 -3.44 -1.09
C TRP A 61 9.05 -2.61 -0.24
N LEU A 62 7.90 -3.24 0.11
CA LEU A 62 6.81 -2.60 0.87
C LEU A 62 7.23 -2.27 2.32
N GLN A 63 8.11 -3.12 2.91
CA GLN A 63 8.59 -2.93 4.30
C GLN A 63 9.40 -1.62 4.42
N ARG A 64 9.95 -1.13 3.28
CA ARG A 64 10.72 0.12 3.21
C ARG A 64 9.79 1.33 3.42
N LEU A 65 8.59 1.23 2.83
CA LEU A 65 7.53 2.27 2.94
C LEU A 65 6.96 2.29 4.37
N LEU A 66 6.77 1.07 4.92
CA LEU A 66 6.25 0.87 6.29
C LEU A 66 7.31 1.25 7.35
N ARG A 67 8.61 1.17 6.98
CA ARG A 67 9.74 1.61 7.84
C ARG A 67 9.91 3.13 7.72
N HIS A 68 9.54 3.68 6.54
CA HIS A 68 9.67 5.14 6.26
C HIS A 68 8.71 5.97 7.15
N VAL A 69 7.57 5.35 7.55
CA VAL A 69 6.57 5.98 8.46
C VAL A 69 6.86 5.65 9.94
N GLN A 70 7.88 4.80 10.18
CA GLN A 70 8.35 4.43 11.54
C GLN A 70 9.47 5.40 12.00
N SER A 71 9.69 5.50 13.33
CA SER A 71 10.75 6.32 13.95
C SER A 71 12.17 5.88 13.51
N LYS A 72 13.02 6.86 13.13
CA LYS A 72 14.45 6.62 12.80
C LYS A 72 15.37 7.25 13.86
N SER A 73 14.77 7.81 14.92
CA SER A 73 15.52 8.41 16.03
C SER A 73 16.12 7.31 16.94
N LEU A 74 17.36 6.91 16.61
CA LEU A 74 18.14 5.98 17.44
C LEU A 74 19.07 6.79 18.38
N SER A 75 19.31 6.22 19.59
CA SER A 75 20.13 6.85 20.64
C SER A 75 21.63 6.61 20.34
N SER A 76 22.48 7.60 20.70
CA SER A 76 23.93 7.54 20.48
C SER A 76 24.56 6.41 21.33
N THR A 77 25.01 5.33 20.65
CA THR A 77 25.67 4.19 21.31
C THR A 77 27.05 4.63 21.83
N PRO A 78 27.29 4.63 23.19
CA PRO A 78 28.57 5.11 23.78
C PRO A 78 29.72 4.11 23.56
N GLN A 79 30.94 4.52 23.96
CA GLN A 79 32.15 3.70 23.78
C GLN A 79 32.04 2.38 24.59
N ALA A 80 32.42 1.29 23.93
CA ALA A 80 32.34 -0.06 24.50
C ALA A 80 33.59 -0.35 25.36
N PRO A 81 33.45 -1.04 26.54
CA PRO A 81 34.61 -1.40 27.40
C PRO A 81 35.55 -2.39 26.67
N VAL A 82 36.70 -1.86 26.15
CA VAL A 82 37.66 -2.62 25.33
C VAL A 82 38.17 -3.86 26.09
N SER A 83 37.74 -5.04 25.64
CA SER A 83 38.04 -6.32 26.28
C SER A 83 38.55 -7.30 25.21
N LYS A 84 39.72 -7.91 25.46
CA LYS A 84 40.31 -8.90 24.54
C LYS A 84 39.42 -10.17 24.50
N ARG A 85 39.14 -10.65 23.29
CA ARG A 85 38.34 -11.86 23.07
C ARG A 85 39.24 -12.99 22.56
N ARG A 86 39.60 -13.94 23.45
CA ARG A 86 40.28 -15.18 23.08
C ARG A 86 39.24 -16.19 22.57
N ALA A 87 39.25 -16.42 21.25
CA ALA A 87 38.39 -17.43 20.62
C ALA A 87 39.02 -18.82 20.77
N ALA A 88 38.19 -19.86 20.60
CA ALA A 88 38.60 -21.27 20.69
C ALA A 88 37.79 -22.11 19.69
N ILE A 1 -0.42 -5.78 -17.47
CA ILE A 1 -1.68 -6.54 -17.25
C ILE A 1 -2.72 -5.66 -16.53
N LEU A 2 -4.00 -6.00 -16.74
CA LEU A 2 -5.15 -5.33 -16.11
C LEU A 2 -6.28 -6.36 -16.05
N GLU A 3 -6.56 -6.88 -14.84
CA GLU A 3 -7.54 -7.97 -14.64
C GLU A 3 -9.00 -7.49 -14.85
N ALA A 4 -9.93 -8.46 -14.89
CA ALA A 4 -11.38 -8.22 -14.95
C ALA A 4 -12.09 -9.31 -14.13
N HIS A 5 -11.41 -9.82 -13.07
CA HIS A 5 -11.90 -10.95 -12.24
C HIS A 5 -13.16 -10.57 -11.46
N TYR A 6 -13.92 -11.61 -11.06
CA TYR A 6 -15.18 -11.47 -10.31
C TYR A 6 -14.91 -10.86 -8.90
N THR A 7 -15.01 -9.52 -8.82
CA THR A 7 -14.75 -8.76 -7.58
C THR A 7 -15.99 -7.89 -7.22
N ASN A 8 -16.63 -8.24 -6.10
CA ASN A 8 -17.78 -7.52 -5.50
C ASN A 8 -18.01 -8.05 -4.08
N LEU A 9 -18.51 -7.16 -3.18
CA LEU A 9 -18.72 -7.48 -1.73
C LEU A 9 -17.36 -7.82 -1.04
N LYS A 10 -16.27 -7.29 -1.63
CA LYS A 10 -14.89 -7.60 -1.22
C LYS A 10 -13.93 -6.48 -1.62
N CYS A 11 -12.65 -6.63 -1.24
CA CYS A 11 -11.58 -5.69 -1.59
C CYS A 11 -11.24 -5.83 -3.09
N ARG A 12 -11.47 -4.74 -3.86
CA ARG A 12 -11.16 -4.69 -5.31
C ARG A 12 -9.63 -4.73 -5.54
N CYS A 13 -9.23 -5.40 -6.63
CA CYS A 13 -7.81 -5.66 -6.94
C CYS A 13 -7.50 -5.38 -8.41
N SER A 14 -6.20 -5.33 -8.73
CA SER A 14 -5.69 -5.13 -10.10
C SER A 14 -4.57 -6.15 -10.43
N GLY A 15 -4.44 -7.18 -9.57
CA GLY A 15 -3.35 -8.15 -9.63
C GLY A 15 -2.06 -7.65 -9.00
N VAL A 16 -1.04 -8.53 -8.95
CA VAL A 16 0.27 -8.21 -8.35
C VAL A 16 1.30 -7.92 -9.45
N ILE A 17 2.50 -7.44 -9.05
CA ILE A 17 3.55 -7.02 -9.99
C ILE A 17 4.86 -7.80 -9.74
N SER A 18 5.50 -8.23 -10.84
CA SER A 18 6.87 -8.76 -10.84
C SER A 18 7.89 -7.60 -10.89
N THR A 19 7.54 -6.57 -11.69
CA THR A 19 8.35 -5.35 -11.86
C THR A 19 8.37 -4.53 -10.56
N VAL A 20 9.59 -4.30 -10.01
CA VAL A 20 9.78 -3.49 -8.80
C VAL A 20 9.32 -2.03 -9.05
N VAL A 21 8.29 -1.63 -8.29
CA VAL A 21 7.69 -0.28 -8.38
C VAL A 21 8.50 0.70 -7.48
N GLY A 22 8.80 1.90 -8.02
CA GLY A 22 9.65 2.88 -7.32
C GLY A 22 8.93 3.65 -6.23
N LEU A 23 9.63 3.87 -5.10
CA LEU A 23 9.14 4.62 -3.92
C LEU A 23 8.64 6.02 -4.33
N ASN A 24 9.36 6.63 -5.29
CA ASN A 24 9.05 7.98 -5.80
C ASN A 24 7.70 8.01 -6.55
N ILE A 25 7.35 6.91 -7.25
CA ILE A 25 6.11 6.88 -8.07
C ILE A 25 4.92 6.37 -7.26
N ILE A 26 5.16 5.96 -5.99
CA ILE A 26 4.08 5.64 -5.03
C ILE A 26 3.38 6.95 -4.61
N ASP A 27 2.04 6.95 -4.53
CA ASP A 27 1.25 8.06 -3.95
C ASP A 27 0.75 7.65 -2.57
N ARG A 28 0.04 6.51 -2.53
CA ARG A 28 -0.69 6.05 -1.34
C ARG A 28 -0.60 4.53 -1.24
N ILE A 29 -0.46 4.02 -0.01
CA ILE A 29 -0.52 2.58 0.29
C ILE A 29 -1.80 2.36 1.11
N GLN A 30 -2.82 1.77 0.50
CA GLN A 30 -4.11 1.50 1.16
C GLN A 30 -4.07 0.05 1.69
N VAL A 31 -3.87 -0.08 3.01
CA VAL A 31 -3.81 -1.38 3.68
C VAL A 31 -5.23 -1.71 4.16
N THR A 32 -5.86 -2.70 3.52
CA THR A 32 -7.24 -3.10 3.80
C THR A 32 -7.25 -4.43 4.57
N PRO A 33 -7.71 -4.45 5.86
CA PRO A 33 -7.80 -5.71 6.65
C PRO A 33 -8.93 -6.63 6.13
N PRO A 34 -8.91 -7.97 6.46
CA PRO A 34 -10.01 -8.90 6.11
C PRO A 34 -11.28 -8.57 6.94
N GLY A 35 -12.48 -8.86 6.38
CA GLY A 35 -13.73 -8.50 7.03
C GLY A 35 -14.95 -9.07 6.32
N ASN A 36 -15.03 -8.80 5.01
CA ASN A 36 -16.10 -9.31 4.15
C ASN A 36 -15.54 -9.57 2.73
N GLY A 37 -15.40 -10.87 2.38
CA GLY A 37 -14.96 -11.29 1.05
C GLY A 37 -13.45 -11.21 0.81
N CYS A 38 -12.74 -10.44 1.66
CA CYS A 38 -11.28 -10.25 1.56
C CYS A 38 -10.58 -11.37 2.38
N PRO A 39 -9.79 -12.29 1.71
CA PRO A 39 -9.15 -13.43 2.40
C PRO A 39 -8.10 -12.96 3.43
N LYS A 40 -6.99 -12.40 2.93
CA LYS A 40 -5.91 -11.83 3.76
C LYS A 40 -6.03 -10.30 3.75
N THR A 41 -5.12 -9.64 4.49
CA THR A 41 -4.97 -8.18 4.41
C THR A 41 -4.50 -7.79 2.99
N GLU A 42 -5.40 -7.17 2.23
CA GLU A 42 -5.17 -6.79 0.82
C GLU A 42 -4.55 -5.38 0.80
N VAL A 43 -3.28 -5.28 0.40
CA VAL A 43 -2.58 -3.99 0.35
C VAL A 43 -2.64 -3.45 -1.10
N VAL A 44 -3.56 -2.51 -1.33
CA VAL A 44 -3.78 -1.90 -2.64
C VAL A 44 -2.99 -0.58 -2.72
N ILE A 45 -1.92 -0.54 -3.53
CA ILE A 45 -1.11 0.69 -3.70
C ILE A 45 -1.61 1.44 -4.93
N TRP A 46 -1.73 2.77 -4.78
CA TRP A 46 -2.10 3.71 -5.82
C TRP A 46 -0.87 4.52 -6.16
N THR A 47 -0.37 4.44 -7.41
CA THR A 47 0.74 5.26 -7.87
C THR A 47 0.23 6.65 -8.30
N LYS A 48 1.15 7.63 -8.35
CA LYS A 48 0.83 9.03 -8.69
C LYS A 48 0.45 9.23 -10.18
N MET A 49 0.68 8.20 -11.02
CA MET A 49 0.19 8.16 -12.42
C MET A 49 -1.19 7.46 -12.49
N LYS A 50 -1.80 7.23 -11.30
CA LYS A 50 -3.12 6.60 -11.14
C LYS A 50 -3.13 5.10 -11.50
N LYS A 51 -1.93 4.48 -11.61
CA LYS A 51 -1.81 3.05 -11.95
C LYS A 51 -1.97 2.25 -10.64
N VAL A 52 -2.93 1.33 -10.63
CA VAL A 52 -3.34 0.59 -9.41
C VAL A 52 -2.67 -0.78 -9.40
N ILE A 53 -2.20 -1.20 -8.22
CA ILE A 53 -1.60 -2.53 -7.99
C ILE A 53 -2.07 -3.09 -6.65
N CYS A 54 -2.03 -4.43 -6.56
CA CYS A 54 -2.15 -5.16 -5.30
C CYS A 54 -0.79 -5.75 -4.98
N VAL A 55 -0.38 -5.67 -3.72
CA VAL A 55 0.89 -6.25 -3.24
C VAL A 55 0.64 -6.99 -1.93
N ASN A 56 1.55 -7.90 -1.60
CA ASN A 56 1.45 -8.75 -0.39
C ASN A 56 2.16 -8.06 0.79
N PRO A 57 1.59 -8.11 2.05
CA PRO A 57 2.23 -7.52 3.26
C PRO A 57 3.56 -8.21 3.65
N ARG A 58 3.84 -9.39 3.04
CA ARG A 58 5.10 -10.14 3.25
C ARG A 58 6.13 -9.89 2.14
N ALA A 59 5.85 -8.91 1.25
CA ALA A 59 6.83 -8.43 0.25
C ALA A 59 7.95 -7.65 0.97
N LYS A 60 9.21 -8.10 0.78
CA LYS A 60 10.38 -7.66 1.59
C LYS A 60 10.69 -6.16 1.41
N TRP A 61 10.55 -5.67 0.16
CA TRP A 61 10.77 -4.24 -0.19
C TRP A 61 9.67 -3.36 0.44
N LEU A 62 8.43 -3.91 0.51
CA LEU A 62 7.25 -3.19 1.01
C LEU A 62 7.40 -2.88 2.50
N GLN A 63 8.01 -3.83 3.25
CA GLN A 63 8.29 -3.66 4.67
C GLN A 63 9.14 -2.39 4.89
N ARG A 64 10.14 -2.18 4.01
CA ARG A 64 11.01 -0.98 4.03
C ARG A 64 10.19 0.30 3.74
N LEU A 65 9.19 0.20 2.87
CA LEU A 65 8.22 1.30 2.59
C LEU A 65 7.43 1.65 3.88
N LEU A 66 7.00 0.58 4.59
CA LEU A 66 6.19 0.69 5.82
C LEU A 66 7.05 1.20 7.00
N ARG A 67 8.38 1.03 6.92
CA ARG A 67 9.35 1.58 7.90
C ARG A 67 9.79 3.01 7.51
N HIS A 68 9.64 3.37 6.23
CA HIS A 68 9.90 4.74 5.73
C HIS A 68 8.73 5.69 6.08
N VAL A 69 7.50 5.14 6.14
CA VAL A 69 6.30 5.92 6.57
C VAL A 69 6.24 6.03 8.11
N GLN A 70 7.05 5.20 8.79
CA GLN A 70 7.25 5.27 10.25
C GLN A 70 7.93 6.60 10.61
N SER A 71 7.53 7.18 11.76
CA SER A 71 7.98 8.51 12.20
C SER A 71 9.50 8.50 12.50
N LYS A 72 10.27 8.89 11.47
CA LYS A 72 11.73 9.03 11.52
C LYS A 72 12.11 10.38 12.17
N SER A 73 13.22 10.39 12.93
CA SER A 73 13.78 11.59 13.57
C SER A 73 14.36 12.52 12.47
N LEU A 74 13.44 13.31 11.87
CA LEU A 74 13.69 14.14 10.69
C LEU A 74 12.88 15.44 10.86
N SER A 75 13.44 16.57 10.40
CA SER A 75 12.83 17.91 10.58
C SER A 75 11.42 17.98 9.96
N SER A 76 10.40 17.89 10.83
CA SER A 76 8.99 17.94 10.43
C SER A 76 8.50 19.41 10.37
N THR A 77 7.32 19.60 9.77
CA THR A 77 6.74 20.93 9.52
C THR A 77 5.19 20.79 9.49
N PRO A 78 4.40 21.87 9.80
CA PRO A 78 2.93 21.86 9.57
C PRO A 78 2.57 21.48 8.11
N GLN A 79 2.12 20.24 7.90
CA GLN A 79 1.70 19.76 6.57
C GLN A 79 0.26 20.25 6.29
N ALA A 80 0.07 20.79 5.07
CA ALA A 80 -1.25 21.21 4.59
C ALA A 80 -2.15 19.97 4.39
N PRO A 81 -3.38 19.94 5.01
CA PRO A 81 -4.39 18.88 4.70
C PRO A 81 -4.74 18.88 3.21
N VAL A 82 -4.97 17.68 2.65
CA VAL A 82 -5.33 17.54 1.23
C VAL A 82 -6.77 18.02 1.04
N SER A 83 -6.90 19.23 0.46
CA SER A 83 -8.21 19.81 0.13
C SER A 83 -8.89 18.96 -0.97
N LYS A 84 -9.69 17.97 -0.54
CA LYS A 84 -10.47 17.12 -1.43
C LYS A 84 -11.85 17.75 -1.62
N ARG A 85 -12.28 17.92 -2.87
CA ARG A 85 -13.60 18.51 -3.24
C ARG A 85 -14.79 17.69 -2.69
N ARG A 86 -15.99 18.31 -2.69
CA ARG A 86 -17.24 17.61 -2.36
C ARG A 86 -17.69 16.79 -3.61
N ALA A 87 -17.19 15.56 -3.68
CA ALA A 87 -17.54 14.61 -4.75
C ALA A 87 -18.85 13.91 -4.40
N ALA A 88 -19.97 14.54 -4.81
CA ALA A 88 -21.33 14.06 -4.51
C ALA A 88 -21.81 13.04 -5.59
N ILE A 1 -35.30 -8.30 -14.40
CA ILE A 1 -35.20 -9.68 -14.92
C ILE A 1 -34.84 -10.66 -13.78
N LEU A 2 -33.69 -10.42 -13.12
CA LEU A 2 -33.17 -11.33 -12.06
C LEU A 2 -32.04 -10.68 -11.23
N GLU A 3 -31.86 -9.36 -11.41
CA GLU A 3 -30.82 -8.56 -10.74
C GLU A 3 -30.84 -8.73 -9.20
N ALA A 4 -29.64 -8.81 -8.59
CA ALA A 4 -29.48 -9.02 -7.14
C ALA A 4 -29.89 -7.76 -6.37
N HIS A 5 -30.83 -7.91 -5.41
CA HIS A 5 -31.22 -6.86 -4.46
C HIS A 5 -30.16 -6.74 -3.34
N TYR A 6 -29.51 -7.88 -3.05
CA TYR A 6 -28.47 -7.98 -2.00
C TYR A 6 -27.13 -8.41 -2.63
N THR A 7 -26.02 -7.97 -2.03
CA THR A 7 -24.65 -8.23 -2.53
C THR A 7 -23.66 -8.21 -1.35
N ASN A 8 -22.36 -8.43 -1.63
CA ASN A 8 -21.27 -8.33 -0.64
C ASN A 8 -20.05 -7.62 -1.28
N LEU A 9 -19.56 -6.55 -0.63
CA LEU A 9 -18.43 -5.75 -1.13
C LEU A 9 -17.13 -6.16 -0.42
N LYS A 10 -16.33 -6.98 -1.12
CA LYS A 10 -15.01 -7.43 -0.64
C LYS A 10 -13.94 -6.43 -1.16
N CYS A 11 -12.72 -6.52 -0.60
CA CYS A 11 -11.58 -5.71 -1.07
C CYS A 11 -11.13 -6.22 -2.45
N ARG A 12 -11.30 -5.39 -3.50
CA ARG A 12 -11.09 -5.78 -4.91
C ARG A 12 -9.64 -5.53 -5.36
N CYS A 13 -9.15 -6.45 -6.19
CA CYS A 13 -7.78 -6.45 -6.71
C CYS A 13 -7.75 -7.00 -8.14
N SER A 14 -6.63 -6.77 -8.86
CA SER A 14 -6.43 -7.24 -10.24
C SER A 14 -5.68 -8.60 -10.25
N GLY A 15 -4.56 -8.66 -9.50
CA GLY A 15 -3.73 -9.88 -9.47
C GLY A 15 -2.45 -9.68 -8.65
N VAL A 16 -1.29 -9.89 -9.30
CA VAL A 16 0.06 -9.76 -8.70
C VAL A 16 1.01 -9.01 -9.64
N ILE A 17 2.13 -8.50 -9.11
CA ILE A 17 3.19 -7.84 -9.92
C ILE A 17 4.45 -8.72 -9.97
N SER A 18 5.21 -8.59 -11.07
CA SER A 18 6.46 -9.33 -11.30
C SER A 18 7.69 -8.40 -11.25
N THR A 19 7.48 -7.16 -10.77
CA THR A 19 8.52 -6.11 -10.77
C THR A 19 8.40 -5.23 -9.52
N VAL A 20 9.53 -4.61 -9.12
CA VAL A 20 9.53 -3.57 -8.08
C VAL A 20 9.10 -2.23 -8.71
N VAL A 21 8.33 -1.46 -7.94
CA VAL A 21 7.78 -0.15 -8.36
C VAL A 21 8.56 0.98 -7.64
N GLY A 22 8.77 2.12 -8.33
CA GLY A 22 9.54 3.25 -7.80
C GLY A 22 8.91 3.88 -6.56
N LEU A 23 9.68 3.94 -5.46
CA LEU A 23 9.23 4.49 -4.15
C LEU A 23 8.76 5.96 -4.30
N ASN A 24 9.43 6.69 -5.22
CA ASN A 24 9.14 8.11 -5.50
C ASN A 24 7.81 8.30 -6.25
N ILE A 25 7.37 7.28 -7.04
CA ILE A 25 6.11 7.39 -7.84
C ILE A 25 4.90 6.87 -7.04
N ILE A 26 5.13 6.40 -5.79
CA ILE A 26 4.06 5.97 -4.88
C ILE A 26 3.38 7.20 -4.27
N ASP A 27 2.11 7.44 -4.64
CA ASP A 27 1.34 8.61 -4.15
C ASP A 27 0.67 8.25 -2.81
N ARG A 28 -0.07 7.14 -2.82
CA ARG A 28 -0.81 6.65 -1.64
C ARG A 28 -1.00 5.14 -1.72
N ILE A 29 -1.00 4.48 -0.55
CA ILE A 29 -1.24 3.03 -0.45
C ILE A 29 -2.57 2.81 0.28
N GLN A 30 -3.49 2.10 -0.36
CA GLN A 30 -4.76 1.68 0.26
C GLN A 30 -4.58 0.27 0.84
N VAL A 31 -4.58 0.17 2.17
CA VAL A 31 -4.46 -1.14 2.86
C VAL A 31 -5.73 -1.42 3.69
N THR A 32 -6.26 -2.63 3.54
CA THR A 32 -7.42 -3.10 4.29
C THR A 32 -7.03 -4.41 5.03
N PRO A 33 -7.43 -4.57 6.34
CA PRO A 33 -7.18 -5.83 7.12
C PRO A 33 -7.86 -7.09 6.52
N PRO A 34 -7.52 -8.33 7.02
CA PRO A 34 -8.31 -9.55 6.68
C PRO A 34 -9.72 -9.51 7.32
N GLY A 35 -10.58 -10.46 6.94
CA GLY A 35 -11.98 -10.47 7.37
C GLY A 35 -12.83 -9.41 6.66
N ASN A 36 -14.12 -9.33 7.06
CA ASN A 36 -15.14 -8.40 6.48
C ASN A 36 -15.41 -8.74 4.99
N GLY A 37 -14.97 -9.93 4.55
CA GLY A 37 -15.06 -10.38 3.16
C GLY A 37 -13.71 -10.35 2.46
N CYS A 38 -12.74 -9.56 2.98
CA CYS A 38 -11.39 -9.45 2.39
C CYS A 38 -10.51 -10.61 2.92
N PRO A 39 -9.87 -11.44 2.03
CA PRO A 39 -9.14 -12.67 2.45
C PRO A 39 -7.92 -12.40 3.36
N LYS A 40 -6.87 -11.80 2.80
CA LYS A 40 -5.63 -11.44 3.51
C LYS A 40 -5.67 -9.95 3.85
N THR A 41 -4.60 -9.45 4.51
CA THR A 41 -4.36 -8.02 4.54
C THR A 41 -4.07 -7.57 3.09
N GLU A 42 -5.01 -6.83 2.48
CA GLU A 42 -4.96 -6.45 1.06
C GLU A 42 -4.23 -5.12 0.91
N VAL A 43 -3.04 -5.15 0.27
CA VAL A 43 -2.25 -3.95 0.00
C VAL A 43 -2.37 -3.58 -1.50
N VAL A 44 -3.20 -2.59 -1.78
CA VAL A 44 -3.43 -2.05 -3.13
C VAL A 44 -2.74 -0.67 -3.22
N ILE A 45 -1.67 -0.57 -4.01
CA ILE A 45 -0.90 0.68 -4.13
C ILE A 45 -1.41 1.52 -5.34
N TRP A 46 -1.56 2.83 -5.11
CA TRP A 46 -2.00 3.80 -6.11
C TRP A 46 -0.83 4.78 -6.39
N THR A 47 -0.29 4.75 -7.63
CA THR A 47 0.81 5.64 -8.02
C THR A 47 0.29 7.04 -8.39
N LYS A 48 1.22 8.00 -8.56
CA LYS A 48 0.91 9.40 -8.91
C LYS A 48 0.38 9.54 -10.35
N MET A 49 0.67 8.51 -11.18
CA MET A 49 0.15 8.41 -12.57
C MET A 49 -1.18 7.62 -12.61
N LYS A 50 -1.73 7.33 -11.38
CA LYS A 50 -3.05 6.69 -11.18
C LYS A 50 -3.05 5.23 -11.66
N LYS A 51 -1.84 4.63 -11.75
CA LYS A 51 -1.69 3.21 -12.09
C LYS A 51 -1.94 2.41 -10.80
N VAL A 52 -2.90 1.49 -10.87
CA VAL A 52 -3.31 0.64 -9.74
C VAL A 52 -2.52 -0.67 -9.81
N ILE A 53 -1.91 -1.07 -8.69
CA ILE A 53 -1.20 -2.36 -8.58
C ILE A 53 -1.59 -3.05 -7.26
N CYS A 54 -1.49 -4.38 -7.27
CA CYS A 54 -1.65 -5.21 -6.07
C CYS A 54 -0.29 -5.78 -5.69
N VAL A 55 0.09 -5.62 -4.41
CA VAL A 55 1.31 -6.21 -3.85
C VAL A 55 0.93 -7.04 -2.61
N ASN A 56 1.59 -8.20 -2.45
CA ASN A 56 1.36 -9.10 -1.31
C ASN A 56 2.14 -8.54 -0.10
N PRO A 57 1.50 -8.35 1.11
CA PRO A 57 2.15 -7.72 2.31
C PRO A 57 3.45 -8.41 2.77
N ARG A 58 3.64 -9.68 2.37
CA ARG A 58 4.86 -10.47 2.70
C ARG A 58 6.09 -10.01 1.89
N ALA A 59 5.89 -9.10 0.91
CA ALA A 59 6.96 -8.55 0.05
C ALA A 59 7.99 -7.77 0.90
N LYS A 60 9.26 -8.21 0.78
CA LYS A 60 10.37 -7.73 1.61
C LYS A 60 10.69 -6.25 1.34
N TRP A 61 10.61 -5.85 0.06
CA TRP A 61 10.87 -4.45 -0.36
C TRP A 61 9.82 -3.48 0.22
N LEU A 62 8.58 -3.98 0.39
CA LEU A 62 7.45 -3.20 0.94
C LEU A 62 7.65 -2.92 2.45
N GLN A 63 8.39 -3.81 3.13
CA GLN A 63 8.71 -3.67 4.56
C GLN A 63 9.50 -2.36 4.84
N ARG A 64 10.23 -1.87 3.81
CA ARG A 64 10.93 -0.57 3.87
C ARG A 64 9.90 0.58 4.03
N LEU A 65 8.78 0.47 3.28
CA LEU A 65 7.67 1.47 3.32
C LEU A 65 6.96 1.41 4.69
N LEU A 66 6.77 0.17 5.20
CA LEU A 66 6.15 -0.08 6.53
C LEU A 66 7.04 0.49 7.66
N ARG A 67 8.37 0.49 7.45
CA ARG A 67 9.35 1.05 8.40
C ARG A 67 9.39 2.60 8.30
N HIS A 68 9.19 3.14 7.08
CA HIS A 68 9.23 4.59 6.83
C HIS A 68 8.02 5.31 7.48
N VAL A 69 6.90 4.59 7.68
CA VAL A 69 5.69 5.16 8.33
C VAL A 69 5.68 4.94 9.86
N GLN A 70 6.60 4.08 10.34
CA GLN A 70 6.75 3.75 11.79
C GLN A 70 7.20 4.97 12.62
N SER A 71 6.93 4.94 13.94
CA SER A 71 7.40 5.98 14.91
C SER A 71 8.94 6.14 14.87
N LYS A 72 9.39 7.38 15.16
CA LYS A 72 10.82 7.81 15.19
C LYS A 72 11.40 8.08 13.76
N SER A 73 10.59 7.85 12.70
CA SER A 73 11.02 8.09 11.31
C SER A 73 10.96 9.60 10.98
N LEU A 74 11.84 10.07 10.08
CA LEU A 74 11.90 11.50 9.67
C LEU A 74 10.93 11.78 8.49
N SER A 75 9.92 10.90 8.31
CA SER A 75 8.85 11.06 7.32
C SER A 75 7.79 12.04 7.87
N SER A 76 6.85 12.44 6.99
CA SER A 76 5.70 13.27 7.37
C SER A 76 4.61 12.36 7.94
N THR A 77 4.65 12.17 9.27
CA THR A 77 3.64 11.43 10.03
C THR A 77 2.59 12.44 10.58
N PRO A 78 1.32 12.00 10.89
CA PRO A 78 0.35 12.83 11.63
C PRO A 78 0.74 12.96 13.13
N GLN A 79 -0.15 13.54 13.96
CA GLN A 79 0.05 13.63 15.41
C GLN A 79 0.01 12.22 16.01
N ALA A 80 1.18 11.69 16.40
CA ALA A 80 1.28 10.37 17.04
C ALA A 80 0.64 10.42 18.45
N PRO A 81 -0.51 9.71 18.71
CA PRO A 81 -1.20 9.74 20.03
C PRO A 81 -0.57 8.74 21.01
N VAL A 82 -1.20 8.57 22.21
CA VAL A 82 -0.78 7.53 23.17
C VAL A 82 -1.00 6.12 22.57
N SER A 83 0.06 5.63 21.92
CA SER A 83 0.11 4.28 21.34
C SER A 83 0.32 3.27 22.47
N LYS A 84 -0.52 2.20 22.47
CA LYS A 84 -0.49 1.12 23.47
C LYS A 84 0.94 0.51 23.57
N ARG A 85 1.59 0.77 24.73
CA ARG A 85 3.04 0.54 24.95
C ARG A 85 3.41 -0.95 24.81
N ARG A 86 3.91 -1.30 23.60
CA ARG A 86 4.32 -2.67 23.18
C ARG A 86 3.14 -3.67 23.19
N ALA A 87 1.90 -3.15 23.29
CA ALA A 87 0.67 -3.96 23.39
C ALA A 87 -0.13 -3.90 22.06
N ALA A 88 -1.12 -4.79 21.91
CA ALA A 88 -1.99 -4.84 20.70
C ALA A 88 -3.42 -5.32 21.09
N ILE A 1 -22.52 -24.12 -19.41
CA ILE A 1 -23.50 -23.26 -18.70
C ILE A 1 -22.84 -22.63 -17.45
N LEU A 2 -22.63 -21.29 -17.48
CA LEU A 2 -21.90 -20.56 -16.42
C LEU A 2 -22.82 -20.08 -15.27
N GLU A 3 -24.00 -20.71 -15.16
CA GLU A 3 -24.98 -20.42 -14.10
C GLU A 3 -24.46 -20.81 -12.69
N ALA A 4 -25.17 -20.33 -11.64
CA ALA A 4 -24.84 -20.53 -10.21
C ALA A 4 -23.59 -19.75 -9.77
N HIS A 5 -23.11 -18.84 -10.65
CA HIS A 5 -21.96 -17.96 -10.39
C HIS A 5 -22.47 -16.56 -10.02
N TYR A 6 -21.97 -16.04 -8.90
CA TYR A 6 -22.33 -14.73 -8.35
C TYR A 6 -21.04 -13.97 -7.99
N THR A 7 -21.01 -12.67 -8.32
CA THR A 7 -19.83 -11.82 -8.07
C THR A 7 -19.72 -11.45 -6.58
N ASN A 8 -19.06 -12.32 -5.80
CA ASN A 8 -18.74 -12.05 -4.39
C ASN A 8 -17.68 -10.94 -4.32
N LEU A 9 -18.11 -9.73 -3.94
CA LEU A 9 -17.22 -8.59 -3.74
C LEU A 9 -16.29 -8.89 -2.55
N LYS A 10 -15.00 -9.05 -2.85
CA LYS A 10 -13.94 -9.29 -1.86
C LYS A 10 -12.70 -8.46 -2.26
N CYS A 11 -11.51 -8.78 -1.69
CA CYS A 11 -10.27 -8.05 -2.02
C CYS A 11 -9.87 -8.35 -3.48
N ARG A 12 -9.98 -7.33 -4.35
CA ARG A 12 -9.68 -7.49 -5.78
C ARG A 12 -8.21 -7.15 -6.04
N CYS A 13 -7.47 -8.13 -6.57
CA CYS A 13 -6.04 -8.00 -6.84
C CYS A 13 -5.83 -7.53 -8.28
N SER A 14 -5.27 -6.31 -8.43
CA SER A 14 -4.91 -5.70 -9.72
C SER A 14 -4.02 -6.64 -10.57
N GLY A 15 -3.21 -7.45 -9.90
CA GLY A 15 -2.36 -8.44 -10.54
C GLY A 15 -1.18 -8.80 -9.66
N VAL A 16 -0.22 -9.55 -10.24
CA VAL A 16 1.04 -9.90 -9.57
C VAL A 16 2.16 -9.05 -10.18
N ILE A 17 2.95 -8.40 -9.32
CA ILE A 17 4.15 -7.64 -9.74
C ILE A 17 5.42 -8.32 -9.20
N SER A 18 6.51 -8.27 -9.98
CA SER A 18 7.81 -8.86 -9.61
C SER A 18 8.92 -7.84 -9.93
N THR A 19 8.59 -6.56 -9.75
CA THR A 19 9.49 -5.44 -10.00
C THR A 19 9.55 -4.55 -8.75
N VAL A 20 10.76 -4.07 -8.42
CA VAL A 20 10.95 -3.11 -7.34
C VAL A 20 10.46 -1.74 -7.86
N VAL A 21 9.34 -1.26 -7.29
CA VAL A 21 8.71 -0.01 -7.72
C VAL A 21 9.34 1.17 -6.95
N GLY A 22 9.57 2.28 -7.67
CA GLY A 22 10.18 3.48 -7.09
C GLY A 22 9.30 4.15 -6.04
N LEU A 23 9.89 4.41 -4.85
CA LEU A 23 9.24 5.14 -3.74
C LEU A 23 8.77 6.54 -4.24
N ASN A 24 9.53 7.07 -5.22
CA ASN A 24 9.27 8.35 -5.92
C ASN A 24 7.85 8.42 -6.54
N ILE A 25 7.35 7.27 -7.04
CA ILE A 25 6.04 7.22 -7.72
C ILE A 25 4.95 6.59 -6.83
N ILE A 26 5.31 6.11 -5.63
CA ILE A 26 4.33 5.64 -4.63
C ILE A 26 3.57 6.87 -4.07
N ASP A 27 2.27 7.00 -4.40
CA ASP A 27 1.43 8.14 -3.97
C ASP A 27 0.85 7.90 -2.59
N ARG A 28 0.12 6.78 -2.46
CA ARG A 28 -0.64 6.47 -1.23
C ARG A 28 -0.95 4.97 -1.21
N ILE A 29 -0.93 4.37 0.00
CA ILE A 29 -1.20 2.93 0.19
C ILE A 29 -2.58 2.77 0.87
N GLN A 30 -3.48 2.00 0.24
CA GLN A 30 -4.82 1.70 0.76
C GLN A 30 -4.83 0.26 1.31
N VAL A 31 -5.06 0.10 2.63
CA VAL A 31 -5.09 -1.21 3.29
C VAL A 31 -6.50 -1.48 3.87
N THR A 32 -7.21 -2.48 3.30
CA THR A 32 -8.45 -3.01 3.86
C THR A 32 -8.12 -4.16 4.82
N PRO A 33 -8.44 -4.04 6.16
CA PRO A 33 -8.26 -5.13 7.15
C PRO A 33 -9.10 -6.39 6.80
N PRO A 34 -8.71 -7.61 7.31
CA PRO A 34 -9.45 -8.87 7.03
C PRO A 34 -10.91 -8.78 7.56
N GLY A 35 -11.84 -8.99 6.62
CA GLY A 35 -13.27 -8.76 6.84
C GLY A 35 -13.86 -7.96 5.70
N ASN A 36 -15.03 -7.33 5.95
CA ASN A 36 -15.73 -6.46 4.96
C ASN A 36 -16.19 -7.26 3.72
N GLY A 37 -16.49 -8.56 3.92
CA GLY A 37 -16.84 -9.46 2.82
C GLY A 37 -15.62 -10.02 2.10
N CYS A 38 -14.45 -10.00 2.77
CA CYS A 38 -13.18 -10.56 2.26
C CYS A 38 -12.44 -11.32 3.38
N PRO A 39 -11.93 -12.57 3.13
CA PRO A 39 -11.10 -13.29 4.12
C PRO A 39 -9.61 -12.82 4.12
N LYS A 40 -9.25 -11.99 3.13
CA LYS A 40 -7.88 -11.50 2.89
C LYS A 40 -7.73 -10.05 3.42
N THR A 41 -6.49 -9.66 3.75
CA THR A 41 -6.10 -8.26 3.95
C THR A 41 -5.72 -7.67 2.56
N GLU A 42 -6.48 -6.69 2.07
CA GLU A 42 -6.21 -6.06 0.76
C GLU A 42 -5.14 -4.96 0.95
N VAL A 43 -3.95 -5.17 0.39
CA VAL A 43 -2.88 -4.18 0.40
C VAL A 43 -2.60 -3.76 -1.06
N VAL A 44 -3.12 -2.59 -1.43
CA VAL A 44 -3.03 -2.04 -2.79
C VAL A 44 -2.41 -0.64 -2.73
N ILE A 45 -1.46 -0.37 -3.64
CA ILE A 45 -0.75 0.91 -3.67
C ILE A 45 -1.17 1.72 -4.91
N TRP A 46 -1.68 2.92 -4.67
CA TRP A 46 -1.98 3.91 -5.71
C TRP A 46 -0.67 4.65 -6.04
N THR A 47 -0.30 4.71 -7.32
CA THR A 47 0.87 5.46 -7.81
C THR A 47 0.48 6.94 -8.06
N LYS A 48 1.47 7.79 -8.47
CA LYS A 48 1.20 9.20 -8.84
C LYS A 48 0.31 9.29 -10.10
N MET A 49 0.35 8.21 -10.89
CA MET A 49 -0.51 8.01 -12.08
C MET A 49 -1.91 7.53 -11.65
N LYS A 50 -2.10 7.34 -10.32
CA LYS A 50 -3.32 6.80 -9.67
C LYS A 50 -3.57 5.33 -10.06
N LYS A 51 -2.54 4.68 -10.64
CA LYS A 51 -2.64 3.27 -11.06
C LYS A 51 -2.46 2.38 -9.82
N VAL A 52 -3.42 1.50 -9.61
CA VAL A 52 -3.45 0.57 -8.48
C VAL A 52 -2.59 -0.66 -8.79
N ILE A 53 -1.60 -0.94 -7.94
CA ILE A 53 -0.83 -2.20 -8.00
C ILE A 53 -1.24 -3.05 -6.78
N CYS A 54 -1.18 -4.37 -6.93
CA CYS A 54 -1.60 -5.32 -5.89
C CYS A 54 -0.36 -6.00 -5.31
N VAL A 55 -0.15 -5.82 -3.99
CA VAL A 55 1.00 -6.38 -3.26
C VAL A 55 0.50 -7.20 -2.07
N ASN A 56 1.32 -8.14 -1.63
CA ASN A 56 1.11 -8.85 -0.35
C ASN A 56 1.58 -7.93 0.80
N PRO A 57 1.02 -8.06 2.05
CA PRO A 57 1.51 -7.28 3.21
C PRO A 57 2.97 -7.65 3.55
N ARG A 58 3.36 -8.89 3.20
CA ARG A 58 4.69 -9.46 3.46
C ARG A 58 5.60 -9.40 2.23
N ALA A 59 5.19 -8.64 1.19
CA ALA A 59 6.01 -8.45 -0.04
C ALA A 59 7.37 -7.81 0.32
N LYS A 60 8.47 -8.36 -0.25
CA LYS A 60 9.84 -8.09 0.21
C LYS A 60 10.26 -6.60 0.01
N TRP A 61 9.89 -5.99 -1.14
CA TRP A 61 10.28 -4.60 -1.45
C TRP A 61 9.44 -3.57 -0.69
N LEU A 62 8.27 -4.01 -0.16
CA LEU A 62 7.35 -3.16 0.62
C LEU A 62 8.01 -2.70 1.94
N GLN A 63 9.05 -3.46 2.38
CA GLN A 63 9.88 -3.11 3.56
C GLN A 63 10.53 -1.71 3.45
N ARG A 64 10.71 -1.19 2.22
CA ARG A 64 11.22 0.17 1.98
C ARG A 64 10.23 1.22 2.53
N LEU A 65 8.95 1.01 2.22
CA LEU A 65 7.85 1.94 2.58
C LEU A 65 7.49 1.77 4.07
N LEU A 66 7.51 0.52 4.55
CA LEU A 66 7.21 0.18 5.95
C LEU A 66 8.30 0.72 6.89
N ARG A 67 9.56 0.71 6.43
CA ARG A 67 10.69 1.28 7.20
C ARG A 67 10.66 2.81 7.16
N HIS A 68 10.37 3.37 5.96
CA HIS A 68 10.44 4.83 5.72
C HIS A 68 9.35 5.61 6.50
N VAL A 69 8.13 5.02 6.63
CA VAL A 69 7.05 5.61 7.46
C VAL A 69 7.38 5.47 8.97
N GLN A 70 8.16 4.41 9.31
CA GLN A 70 8.63 4.14 10.67
C GLN A 70 9.86 5.04 11.02
N SER A 71 10.52 5.60 9.98
CA SER A 71 11.67 6.52 10.16
C SER A 71 11.22 7.85 10.80
N LYS A 72 12.21 8.62 11.37
CA LYS A 72 11.94 9.89 12.05
C LYS A 72 11.36 10.92 11.06
N SER A 73 10.04 11.09 11.12
CA SER A 73 9.28 11.99 10.23
C SER A 73 8.53 13.06 11.04
N LEU A 74 8.05 14.11 10.35
CA LEU A 74 7.25 15.17 10.97
C LEU A 74 5.82 14.65 11.25
N SER A 75 5.69 13.89 12.35
CA SER A 75 4.45 13.25 12.76
C SER A 75 3.63 14.20 13.66
N SER A 76 2.29 14.11 13.56
CA SER A 76 1.34 14.88 14.41
C SER A 76 1.43 14.46 15.89
N THR A 77 2.03 13.29 16.15
CA THR A 77 2.27 12.78 17.50
C THR A 77 3.78 12.45 17.67
N PRO A 78 4.55 13.29 18.43
CA PRO A 78 5.94 12.95 18.86
C PRO A 78 5.96 11.72 19.81
N GLN A 79 7.13 11.08 19.95
CA GLN A 79 7.29 9.90 20.83
C GLN A 79 8.01 10.32 22.12
N ALA A 80 7.43 9.95 23.27
CA ALA A 80 8.10 10.08 24.57
C ALA A 80 9.28 9.06 24.63
N PRO A 81 10.53 9.48 25.01
CA PRO A 81 11.65 8.53 25.24
C PRO A 81 11.28 7.49 26.31
N VAL A 82 11.70 6.23 26.09
CA VAL A 82 11.40 5.09 27.00
C VAL A 82 11.88 5.36 28.44
N SER A 83 11.04 4.97 29.43
CA SER A 83 11.39 5.06 30.86
C SER A 83 12.33 3.89 31.23
N LYS A 84 13.58 3.99 30.74
CA LYS A 84 14.65 3.01 31.00
C LYS A 84 15.16 3.16 32.45
N ARG A 85 15.93 2.18 32.91
CA ARG A 85 16.49 2.17 34.28
C ARG A 85 18.00 1.99 34.24
N ARG A 86 18.67 2.70 35.14
CA ARG A 86 20.12 2.65 35.31
C ARG A 86 20.50 1.50 36.25
N ALA A 87 20.85 0.35 35.66
CA ALA A 87 21.37 -0.81 36.41
C ALA A 87 22.75 -0.47 36.99
N ALA A 88 22.75 0.09 38.20
CA ALA A 88 23.96 0.58 38.87
C ALA A 88 24.62 -0.56 39.69
N ILE A 1 -15.39 -4.02 -19.68
CA ILE A 1 -15.72 -4.05 -18.24
C ILE A 1 -17.06 -4.76 -18.02
N LEU A 2 -17.09 -5.73 -17.08
CA LEU A 2 -18.34 -6.36 -16.62
C LEU A 2 -18.84 -5.61 -15.38
N GLU A 3 -20.06 -5.07 -15.46
CA GLU A 3 -20.78 -4.45 -14.33
C GLU A 3 -20.93 -5.45 -13.16
N ALA A 4 -20.84 -4.97 -11.91
CA ALA A 4 -20.87 -5.81 -10.71
C ALA A 4 -21.55 -5.07 -9.55
N HIS A 5 -22.42 -5.79 -8.80
CA HIS A 5 -23.11 -5.23 -7.63
C HIS A 5 -22.15 -5.20 -6.42
N TYR A 6 -22.38 -4.24 -5.52
CA TYR A 6 -21.48 -3.98 -4.37
C TYR A 6 -21.95 -4.70 -3.10
N THR A 7 -22.92 -5.63 -3.26
CA THR A 7 -23.46 -6.46 -2.16
C THR A 7 -22.36 -7.39 -1.59
N ASN A 8 -21.67 -6.90 -0.54
CA ASN A 8 -20.53 -7.58 0.12
C ASN A 8 -19.39 -7.80 -0.88
N LEU A 9 -18.56 -6.76 -1.08
CA LEU A 9 -17.37 -6.85 -1.93
C LEU A 9 -16.20 -7.46 -1.13
N LYS A 10 -15.51 -8.42 -1.75
CA LYS A 10 -14.28 -9.02 -1.19
C LYS A 10 -13.08 -8.14 -1.59
N CYS A 11 -11.84 -8.63 -1.35
CA CYS A 11 -10.62 -7.94 -1.80
C CYS A 11 -10.68 -7.64 -3.32
N ARG A 12 -10.73 -6.34 -3.65
CA ARG A 12 -10.64 -5.87 -5.04
C ARG A 12 -9.16 -5.73 -5.39
N CYS A 13 -8.72 -6.47 -6.41
CA CYS A 13 -7.30 -6.60 -6.76
C CYS A 13 -7.16 -6.65 -8.28
N SER A 14 -6.73 -5.52 -8.87
CA SER A 14 -6.54 -5.36 -10.33
C SER A 14 -5.06 -5.15 -10.64
N GLY A 15 -4.49 -6.01 -11.51
CA GLY A 15 -3.09 -5.96 -11.87
C GLY A 15 -2.19 -6.32 -10.69
N VAL A 16 -1.87 -7.62 -10.56
CA VAL A 16 -1.13 -8.15 -9.41
C VAL A 16 0.34 -8.34 -9.81
N ILE A 17 1.26 -7.79 -9.01
CA ILE A 17 2.69 -7.86 -9.27
C ILE A 17 3.42 -8.47 -8.05
N SER A 18 4.50 -9.19 -8.33
CA SER A 18 5.47 -9.66 -7.34
C SER A 18 6.85 -9.04 -7.64
N THR A 19 6.82 -7.90 -8.36
CA THR A 19 8.01 -7.17 -8.80
C THR A 19 8.36 -6.06 -7.78
N VAL A 20 9.66 -5.78 -7.62
CA VAL A 20 10.13 -4.61 -6.87
C VAL A 20 9.74 -3.34 -7.66
N VAL A 21 8.81 -2.56 -7.09
CA VAL A 21 8.33 -1.30 -7.68
C VAL A 21 9.20 -0.14 -7.17
N GLY A 22 9.44 0.84 -8.06
CA GLY A 22 10.17 2.05 -7.71
C GLY A 22 9.46 2.85 -6.62
N LEU A 23 10.13 3.01 -5.46
CA LEU A 23 9.61 3.75 -4.28
C LEU A 23 9.17 5.19 -4.66
N ASN A 24 9.85 5.76 -5.67
CA ASN A 24 9.60 7.13 -6.13
C ASN A 24 8.17 7.30 -6.69
N ILE A 25 7.63 6.25 -7.39
CA ILE A 25 6.31 6.35 -8.06
C ILE A 25 5.15 6.03 -7.10
N ILE A 26 5.47 5.57 -5.87
CA ILE A 26 4.47 5.28 -4.83
C ILE A 26 3.92 6.63 -4.30
N ASP A 27 2.58 6.77 -4.25
CA ASP A 27 1.94 8.03 -3.81
C ASP A 27 1.12 7.81 -2.53
N ARG A 28 0.13 6.90 -2.60
CA ARG A 28 -0.84 6.68 -1.51
C ARG A 28 -1.21 5.19 -1.42
N ILE A 29 -1.09 4.60 -0.21
CA ILE A 29 -1.32 3.17 0.04
C ILE A 29 -2.59 3.00 0.90
N GLN A 30 -3.37 1.97 0.57
CA GLN A 30 -4.64 1.63 1.23
C GLN A 30 -4.68 0.10 1.44
N VAL A 31 -4.94 -0.35 2.69
CA VAL A 31 -4.79 -1.78 3.07
C VAL A 31 -6.05 -2.31 3.78
N THR A 32 -6.44 -3.56 3.44
CA THR A 32 -7.50 -4.31 4.15
C THR A 32 -6.85 -5.49 4.92
N PRO A 33 -6.97 -5.53 6.28
CA PRO A 33 -6.57 -6.73 7.06
C PRO A 33 -7.62 -7.87 6.92
N PRO A 34 -7.19 -9.19 6.95
CA PRO A 34 -8.11 -10.35 6.80
C PRO A 34 -9.24 -10.35 7.86
N GLY A 35 -10.43 -10.79 7.45
CA GLY A 35 -11.62 -10.79 8.31
C GLY A 35 -12.58 -9.63 7.97
N ASN A 36 -12.00 -8.48 7.53
CA ASN A 36 -12.77 -7.25 7.22
C ASN A 36 -13.40 -7.35 5.81
N GLY A 37 -14.51 -8.11 5.72
CA GLY A 37 -15.27 -8.28 4.47
C GLY A 37 -14.56 -9.13 3.40
N CYS A 38 -13.34 -9.57 3.69
CA CYS A 38 -12.52 -10.40 2.81
C CYS A 38 -11.77 -11.45 3.63
N PRO A 39 -11.69 -12.74 3.16
CA PRO A 39 -11.01 -13.83 3.91
C PRO A 39 -9.47 -13.86 3.72
N LYS A 40 -8.88 -12.77 3.23
CA LYS A 40 -7.43 -12.67 2.96
C LYS A 40 -6.94 -11.21 3.07
N THR A 41 -5.62 -11.02 2.99
CA THR A 41 -4.99 -9.69 3.04
C THR A 41 -5.07 -9.02 1.65
N GLU A 42 -5.52 -7.76 1.63
CA GLU A 42 -5.53 -6.91 0.42
C GLU A 42 -4.57 -5.74 0.67
N VAL A 43 -3.61 -5.52 -0.25
CA VAL A 43 -2.72 -4.34 -0.20
C VAL A 43 -2.79 -3.63 -1.57
N VAL A 44 -3.54 -2.52 -1.61
CA VAL A 44 -3.70 -1.69 -2.80
C VAL A 44 -2.76 -0.48 -2.71
N ILE A 45 -1.99 -0.22 -3.77
CA ILE A 45 -1.16 0.98 -3.88
C ILE A 45 -1.57 1.78 -5.12
N TRP A 46 -1.80 3.08 -4.92
CA TRP A 46 -2.06 4.06 -5.97
C TRP A 46 -0.76 4.81 -6.23
N THR A 47 -0.31 4.81 -7.49
CA THR A 47 0.92 5.50 -7.90
C THR A 47 0.65 6.99 -8.21
N LYS A 48 1.74 7.77 -8.40
CA LYS A 48 1.69 9.16 -8.90
C LYS A 48 1.18 9.20 -10.36
N MET A 49 1.22 8.03 -11.03
CA MET A 49 0.66 7.83 -12.38
C MET A 49 -0.87 7.73 -12.33
N LYS A 50 -1.42 7.66 -11.09
CA LYS A 50 -2.87 7.46 -10.80
C LYS A 50 -3.27 6.02 -11.20
N LYS A 51 -2.25 5.14 -11.29
CA LYS A 51 -2.39 3.76 -11.75
C LYS A 51 -2.44 2.83 -10.52
N VAL A 52 -3.40 1.91 -10.53
CA VAL A 52 -3.64 0.97 -9.44
C VAL A 52 -2.78 -0.30 -9.63
N ILE A 53 -1.98 -0.61 -8.61
CA ILE A 53 -1.22 -1.87 -8.51
C ILE A 53 -1.66 -2.60 -7.24
N CYS A 54 -1.82 -3.91 -7.34
CA CYS A 54 -2.18 -4.78 -6.24
C CYS A 54 -0.95 -5.62 -5.90
N VAL A 55 -0.41 -5.45 -4.67
CA VAL A 55 0.91 -5.99 -4.28
C VAL A 55 0.79 -7.00 -3.15
N ASN A 56 1.87 -7.75 -2.92
CA ASN A 56 1.99 -8.70 -1.79
C ASN A 56 2.33 -7.92 -0.49
N PRO A 57 1.71 -8.29 0.68
CA PRO A 57 2.03 -7.64 1.99
C PRO A 57 3.50 -7.82 2.39
N ARG A 58 4.03 -9.05 2.22
CA ARG A 58 5.41 -9.39 2.62
C ARG A 58 6.42 -9.03 1.52
N ALA A 59 6.05 -8.09 0.61
CA ALA A 59 6.96 -7.51 -0.39
C ALA A 59 8.11 -6.78 0.34
N LYS A 60 9.35 -7.18 0.01
CA LYS A 60 10.57 -6.79 0.74
C LYS A 60 10.83 -5.27 0.68
N TRP A 61 10.45 -4.66 -0.46
CA TRP A 61 10.61 -3.21 -0.67
C TRP A 61 9.56 -2.42 0.14
N LEU A 62 8.38 -3.04 0.36
CA LEU A 62 7.26 -2.45 1.14
C LEU A 62 7.65 -2.30 2.63
N GLN A 63 8.61 -3.11 3.09
CA GLN A 63 9.18 -3.04 4.45
C GLN A 63 9.77 -1.64 4.72
N ARG A 64 10.41 -1.05 3.70
CA ARG A 64 11.01 0.30 3.79
C ARG A 64 9.92 1.38 3.89
N LEU A 65 8.76 1.12 3.26
CA LEU A 65 7.61 2.03 3.31
C LEU A 65 6.97 1.97 4.71
N LEU A 66 6.98 0.76 5.33
CA LEU A 66 6.50 0.55 6.72
C LEU A 66 7.42 1.29 7.72
N ARG A 67 8.74 1.25 7.46
CA ARG A 67 9.75 1.96 8.29
C ARG A 67 9.65 3.47 8.10
N HIS A 68 9.35 3.91 6.86
CA HIS A 68 9.24 5.34 6.52
C HIS A 68 8.08 5.99 7.29
N VAL A 69 6.93 5.29 7.33
CA VAL A 69 5.71 5.81 7.98
C VAL A 69 5.72 5.58 9.50
N GLN A 70 6.55 4.63 9.97
CA GLN A 70 6.69 4.32 11.41
C GLN A 70 7.51 5.42 12.11
N SER A 71 7.27 5.60 13.42
CA SER A 71 7.99 6.55 14.28
C SER A 71 9.50 6.24 14.32
N LYS A 72 10.32 7.30 14.47
CA LYS A 72 11.79 7.25 14.44
C LYS A 72 12.26 6.94 13.00
N SER A 73 12.01 7.91 12.11
CA SER A 73 12.22 7.77 10.66
C SER A 73 12.83 9.08 10.10
N LEU A 74 13.02 9.14 8.76
CA LEU A 74 13.42 10.38 8.05
C LEU A 74 12.31 11.46 8.20
N SER A 75 12.32 12.14 9.37
CA SER A 75 11.35 13.16 9.76
C SER A 75 11.88 13.88 11.02
N SER A 76 11.54 15.19 11.16
CA SER A 76 12.08 16.04 12.25
C SER A 76 11.07 16.13 13.42
N THR A 77 11.03 15.06 14.23
CA THR A 77 10.24 15.01 15.46
C THR A 77 11.11 15.54 16.64
N PRO A 78 10.71 16.67 17.33
CA PRO A 78 11.40 17.15 18.56
C PRO A 78 11.33 16.09 19.69
N GLN A 79 12.34 15.21 19.70
CA GLN A 79 12.38 14.00 20.55
C GLN A 79 13.79 13.89 21.16
N ALA A 80 13.85 13.69 22.50
CA ALA A 80 15.12 13.56 23.25
C ALA A 80 15.94 12.36 22.72
N PRO A 81 17.29 12.53 22.48
CA PRO A 81 18.14 11.43 21.98
C PRO A 81 18.32 10.31 23.03
N VAL A 82 17.45 9.27 22.95
CA VAL A 82 17.53 8.10 23.84
C VAL A 82 18.83 7.31 23.57
N SER A 83 19.36 6.72 24.65
CA SER A 83 20.59 5.91 24.59
C SER A 83 20.34 4.62 23.77
N LYS A 84 21.41 4.09 23.16
CA LYS A 84 21.35 2.85 22.36
C LYS A 84 21.77 1.68 23.27
N ARG A 85 20.83 0.75 23.53
CA ARG A 85 21.10 -0.50 24.27
C ARG A 85 22.15 -1.35 23.50
N ARG A 86 23.32 -1.54 24.12
CA ARG A 86 24.44 -2.30 23.52
C ARG A 86 24.24 -3.80 23.77
N ALA A 87 24.88 -4.65 22.94
CA ALA A 87 24.95 -6.09 23.18
C ALA A 87 26.03 -6.34 24.26
N ALA A 88 25.58 -6.66 25.48
CA ALA A 88 26.45 -6.83 26.67
C ALA A 88 27.32 -8.10 26.51
N ILE A 1 -32.22 -15.71 -18.25
CA ILE A 1 -31.90 -14.27 -18.13
C ILE A 1 -30.41 -14.12 -17.81
N LEU A 2 -29.65 -13.46 -18.72
CA LEU A 2 -28.23 -13.16 -18.55
C LEU A 2 -28.03 -12.03 -17.52
N GLU A 3 -26.81 -11.96 -16.96
CA GLU A 3 -26.42 -10.95 -15.96
C GLU A 3 -25.23 -10.11 -16.47
N ALA A 4 -24.96 -8.97 -15.78
CA ALA A 4 -23.86 -8.04 -16.16
C ALA A 4 -22.71 -8.09 -15.14
N HIS A 5 -22.99 -8.48 -13.89
CA HIS A 5 -21.97 -8.61 -12.82
C HIS A 5 -22.28 -9.80 -11.91
N TYR A 6 -21.66 -10.95 -12.18
CA TYR A 6 -21.58 -12.09 -11.23
C TYR A 6 -20.55 -11.75 -10.14
N THR A 7 -19.57 -10.91 -10.51
CA THR A 7 -18.55 -10.39 -9.60
C THR A 7 -19.17 -9.41 -8.58
N ASN A 8 -18.97 -9.71 -7.29
CA ASN A 8 -19.32 -8.79 -6.18
C ASN A 8 -18.02 -8.12 -5.69
N LEU A 9 -18.03 -6.79 -5.57
CA LEU A 9 -16.87 -6.00 -5.11
C LEU A 9 -16.54 -6.34 -3.63
N LYS A 10 -15.53 -7.22 -3.46
CA LYS A 10 -15.06 -7.70 -2.15
C LYS A 10 -13.65 -7.11 -1.89
N CYS A 11 -12.58 -7.95 -1.94
CA CYS A 11 -11.19 -7.45 -1.90
C CYS A 11 -10.75 -7.13 -3.34
N ARG A 12 -10.53 -5.83 -3.62
CA ARG A 12 -10.19 -5.35 -4.96
C ARG A 12 -8.68 -5.48 -5.18
N CYS A 13 -8.30 -6.28 -6.18
CA CYS A 13 -6.90 -6.62 -6.46
C CYS A 13 -6.71 -6.73 -7.97
N SER A 14 -6.06 -5.72 -8.56
CA SER A 14 -5.78 -5.66 -10.00
C SER A 14 -4.83 -6.79 -10.42
N GLY A 15 -3.73 -6.92 -9.65
CA GLY A 15 -2.71 -7.94 -9.88
C GLY A 15 -1.44 -7.63 -9.12
N VAL A 16 -0.49 -8.58 -9.11
CA VAL A 16 0.78 -8.44 -8.36
C VAL A 16 1.90 -8.09 -9.33
N ILE A 17 2.87 -7.32 -8.82
CA ILE A 17 3.96 -6.74 -9.63
C ILE A 17 5.11 -7.74 -9.83
N SER A 18 5.56 -7.86 -11.10
CA SER A 18 6.81 -8.54 -11.47
C SER A 18 7.99 -7.54 -11.32
N THR A 19 7.74 -6.30 -11.76
CA THR A 19 8.69 -5.19 -11.68
C THR A 19 8.43 -4.42 -10.36
N VAL A 20 9.51 -4.18 -9.57
CA VAL A 20 9.40 -3.41 -8.30
C VAL A 20 8.98 -1.95 -8.62
N VAL A 21 7.95 -1.47 -7.91
CA VAL A 21 7.37 -0.14 -8.13
C VAL A 21 8.18 0.92 -7.35
N GLY A 22 8.53 2.01 -8.07
CA GLY A 22 9.40 3.05 -7.54
C GLY A 22 8.80 3.80 -6.35
N LEU A 23 9.63 3.99 -5.30
CA LEU A 23 9.27 4.74 -4.08
C LEU A 23 8.81 6.18 -4.43
N ASN A 24 9.42 6.73 -5.49
CA ASN A 24 9.11 8.07 -6.02
C ASN A 24 7.67 8.15 -6.55
N ILE A 25 7.16 7.05 -7.13
CA ILE A 25 5.81 7.05 -7.76
C ILE A 25 4.75 6.48 -6.81
N ILE A 26 5.14 5.95 -5.62
CA ILE A 26 4.18 5.56 -4.56
C ILE A 26 3.48 6.84 -4.05
N ASP A 27 2.22 7.03 -4.49
CA ASP A 27 1.42 8.21 -4.14
C ASP A 27 0.71 7.96 -2.81
N ARG A 28 -0.05 6.86 -2.74
CA ARG A 28 -0.85 6.52 -1.55
C ARG A 28 -0.97 4.99 -1.39
N ILE A 29 -0.95 4.54 -0.13
CA ILE A 29 -1.05 3.13 0.24
C ILE A 29 -2.44 2.88 0.86
N GLN A 30 -3.22 2.01 0.22
CA GLN A 30 -4.51 1.53 0.74
C GLN A 30 -4.33 0.08 1.21
N VAL A 31 -5.01 -0.29 2.30
CA VAL A 31 -4.99 -1.65 2.86
C VAL A 31 -6.43 -2.19 2.85
N THR A 32 -6.66 -3.36 2.24
CA THR A 32 -7.94 -4.08 2.35
C THR A 32 -7.87 -5.02 3.59
N PRO A 33 -8.64 -4.72 4.68
CA PRO A 33 -8.71 -5.60 5.88
C PRO A 33 -9.52 -6.90 5.61
N PRO A 34 -9.21 -8.03 6.33
CA PRO A 34 -9.95 -9.30 6.17
C PRO A 34 -11.35 -9.25 6.85
N GLY A 35 -12.27 -10.13 6.40
CA GLY A 35 -13.63 -10.21 6.95
C GLY A 35 -14.64 -9.30 6.23
N ASN A 36 -14.14 -8.28 5.49
CA ASN A 36 -14.97 -7.31 4.76
C ASN A 36 -15.39 -7.89 3.40
N GLY A 37 -16.21 -8.96 3.45
CA GLY A 37 -16.64 -9.71 2.26
C GLY A 37 -15.59 -10.69 1.73
N CYS A 38 -14.31 -10.49 2.13
CA CYS A 38 -13.15 -11.26 1.66
C CYS A 38 -12.22 -11.54 2.86
N PRO A 39 -11.79 -12.81 3.11
CA PRO A 39 -10.94 -13.16 4.28
C PRO A 39 -9.42 -12.97 4.00
N LYS A 40 -9.09 -11.96 3.17
CA LYS A 40 -7.70 -11.72 2.70
C LYS A 40 -7.24 -10.32 3.10
N THR A 41 -6.06 -10.26 3.76
CA THR A 41 -5.35 -9.02 4.06
C THR A 41 -4.41 -8.69 2.88
N GLU A 42 -4.59 -7.52 2.27
CA GLU A 42 -3.76 -7.07 1.12
C GLU A 42 -3.53 -5.57 1.17
N VAL A 43 -2.52 -5.12 0.40
CA VAL A 43 -2.10 -3.73 0.30
C VAL A 43 -2.23 -3.29 -1.17
N VAL A 44 -3.28 -2.51 -1.45
CA VAL A 44 -3.61 -1.97 -2.77
C VAL A 44 -3.02 -0.56 -2.88
N ILE A 45 -1.97 -0.36 -3.69
CA ILE A 45 -1.26 0.94 -3.76
C ILE A 45 -1.56 1.64 -5.09
N TRP A 46 -1.86 2.94 -4.99
CA TRP A 46 -2.14 3.81 -6.13
C TRP A 46 -0.88 4.67 -6.39
N THR A 47 -0.37 4.62 -7.63
CA THR A 47 0.81 5.41 -8.02
C THR A 47 0.40 6.86 -8.33
N LYS A 48 1.38 7.72 -8.68
CA LYS A 48 1.12 9.11 -9.11
C LYS A 48 0.26 9.14 -10.40
N MET A 49 0.41 8.07 -11.21
CA MET A 49 -0.34 7.85 -12.46
C MET A 49 -1.69 7.17 -12.18
N LYS A 50 -2.04 7.01 -10.88
CA LYS A 50 -3.27 6.34 -10.38
C LYS A 50 -3.29 4.84 -10.76
N LYS A 51 -2.11 4.29 -11.15
CA LYS A 51 -1.99 2.89 -11.56
C LYS A 51 -2.10 2.02 -10.31
N VAL A 52 -2.99 1.03 -10.39
CA VAL A 52 -3.34 0.18 -9.27
C VAL A 52 -2.41 -1.03 -9.25
N ILE A 53 -1.64 -1.18 -8.17
CA ILE A 53 -0.90 -2.41 -7.87
C ILE A 53 -1.55 -3.06 -6.64
N CYS A 54 -1.35 -4.36 -6.49
CA CYS A 54 -1.89 -5.14 -5.37
C CYS A 54 -0.82 -6.13 -4.92
N VAL A 55 -0.35 -5.98 -3.68
CA VAL A 55 0.70 -6.84 -3.07
C VAL A 55 0.30 -7.22 -1.65
N ASN A 56 0.87 -8.32 -1.12
CA ASN A 56 0.69 -8.71 0.30
C ASN A 56 1.62 -7.84 1.19
N PRO A 57 1.23 -7.57 2.50
CA PRO A 57 2.05 -6.72 3.43
C PRO A 57 3.48 -7.26 3.68
N ARG A 58 3.71 -8.54 3.35
CA ARG A 58 5.01 -9.24 3.53
C ARG A 58 5.92 -9.11 2.28
N ALA A 59 5.63 -8.13 1.41
CA ALA A 59 6.52 -7.76 0.29
C ALA A 59 7.75 -6.99 0.85
N LYS A 60 8.97 -7.44 0.48
CA LYS A 60 10.24 -6.93 1.04
C LYS A 60 10.51 -5.46 0.64
N TRP A 61 10.18 -5.11 -0.62
CA TRP A 61 10.32 -3.73 -1.13
C TRP A 61 9.41 -2.77 -0.34
N LEU A 62 8.25 -3.30 0.09
CA LEU A 62 7.24 -2.56 0.84
C LEU A 62 7.64 -2.47 2.33
N GLN A 63 8.36 -3.50 2.83
CA GLN A 63 8.90 -3.49 4.20
C GLN A 63 9.91 -2.34 4.37
N ARG A 64 10.63 -2.02 3.28
CA ARG A 64 11.53 -0.84 3.22
C ARG A 64 10.74 0.46 3.49
N LEU A 65 9.53 0.55 2.88
CA LEU A 65 8.60 1.67 3.09
C LEU A 65 8.12 1.71 4.56
N LEU A 66 7.80 0.53 5.13
CA LEU A 66 7.32 0.39 6.52
C LEU A 66 8.43 0.77 7.54
N ARG A 67 9.69 0.51 7.16
CA ARG A 67 10.89 0.88 7.95
C ARG A 67 11.23 2.38 7.77
N HIS A 68 10.83 2.94 6.61
CA HIS A 68 11.09 4.36 6.27
C HIS A 68 10.04 5.31 6.88
N VAL A 69 8.78 4.82 7.06
CA VAL A 69 7.71 5.62 7.71
C VAL A 69 8.00 5.79 9.20
N GLN A 70 8.81 4.85 9.77
CA GLN A 70 9.35 4.95 11.12
C GLN A 70 10.25 6.23 11.16
N SER A 71 9.90 7.15 12.08
CA SER A 71 10.58 8.46 12.23
C SER A 71 12.10 8.33 12.43
N LYS A 72 12.86 9.27 11.83
CA LYS A 72 14.33 9.33 11.94
C LYS A 72 14.99 8.07 11.32
N SER A 73 14.60 7.79 10.07
CA SER A 73 15.21 6.73 9.24
C SER A 73 16.37 7.32 8.39
N LEU A 74 17.17 6.45 7.74
CA LEU A 74 18.34 6.86 6.91
C LEU A 74 17.95 7.90 5.83
N SER A 75 18.30 9.16 6.11
CA SER A 75 18.06 10.32 5.21
C SER A 75 19.26 11.30 5.27
N SER A 76 20.36 10.87 5.92
CA SER A 76 21.50 11.73 6.28
C SER A 76 22.64 11.56 5.25
N THR A 77 22.88 12.62 4.46
CA THR A 77 24.00 12.69 3.50
C THR A 77 25.19 13.44 4.15
N PRO A 78 26.29 12.72 4.60
CA PRO A 78 27.49 13.34 5.23
C PRO A 78 28.15 14.44 4.36
N GLN A 79 27.79 15.70 4.64
CA GLN A 79 28.45 16.88 4.09
C GLN A 79 29.65 17.22 4.98
N ALA A 80 30.83 16.72 4.59
CA ALA A 80 32.09 16.88 5.33
C ALA A 80 32.88 18.09 4.77
N PRO A 81 32.95 19.26 5.52
CA PRO A 81 33.77 20.43 5.10
C PRO A 81 35.25 20.05 4.85
N VAL A 82 35.66 20.12 3.56
CA VAL A 82 36.98 19.62 3.11
C VAL A 82 38.10 20.46 3.76
N SER A 83 38.99 19.79 4.51
CA SER A 83 40.04 20.44 5.32
C SER A 83 41.41 20.41 4.59
N LYS A 84 41.38 20.45 3.24
CA LYS A 84 42.61 20.46 2.41
C LYS A 84 43.15 21.90 2.26
N ARG A 85 43.86 22.32 3.31
CA ARG A 85 44.58 23.61 3.38
C ARG A 85 45.43 23.61 4.67
N ARG A 86 46.66 24.15 4.61
CA ARG A 86 47.59 24.22 5.77
C ARG A 86 47.78 25.70 6.11
N ALA A 87 48.36 26.46 5.17
CA ALA A 87 48.59 27.90 5.30
C ALA A 87 47.29 28.68 5.02
N ALA A 88 46.35 28.63 5.98
CA ALA A 88 45.03 29.29 5.89
C ALA A 88 44.45 29.43 7.31
N ILE A 1 -16.07 9.17 -19.57
CA ILE A 1 -16.40 7.95 -18.79
C ILE A 1 -17.54 8.23 -17.78
N LEU A 2 -18.46 7.27 -17.63
CA LEU A 2 -19.47 7.27 -16.54
C LEU A 2 -19.04 6.26 -15.46
N GLU A 3 -19.73 6.24 -14.31
CA GLU A 3 -19.43 5.31 -13.21
C GLU A 3 -20.70 4.70 -12.63
N ALA A 4 -20.50 3.69 -11.78
CA ALA A 4 -21.55 3.11 -10.94
C ALA A 4 -20.93 2.83 -9.58
N HIS A 5 -21.68 3.12 -8.51
CA HIS A 5 -21.25 2.84 -7.14
C HIS A 5 -21.33 1.34 -6.87
N TYR A 6 -20.21 0.64 -7.11
CA TYR A 6 -20.14 -0.82 -6.95
C TYR A 6 -20.09 -1.15 -5.46
N THR A 7 -21.29 -1.34 -4.87
CA THR A 7 -21.49 -1.70 -3.46
C THR A 7 -20.98 -3.13 -3.13
N ASN A 8 -20.37 -3.80 -4.13
CA ASN A 8 -19.65 -5.08 -3.97
C ASN A 8 -18.71 -5.03 -2.75
N LEU A 9 -19.19 -5.63 -1.63
CA LEU A 9 -18.53 -5.56 -0.32
C LEU A 9 -17.40 -6.59 -0.27
N LYS A 10 -16.29 -6.23 -0.92
CA LYS A 10 -15.08 -7.05 -0.99
C LYS A 10 -13.85 -6.14 -0.91
N CYS A 11 -12.73 -6.72 -0.46
CA CYS A 11 -11.43 -6.08 -0.48
C CYS A 11 -11.00 -5.89 -1.95
N ARG A 12 -10.51 -4.70 -2.30
CA ARG A 12 -10.01 -4.40 -3.66
C ARG A 12 -8.55 -4.87 -3.78
N CYS A 13 -8.25 -5.68 -4.82
CA CYS A 13 -6.87 -6.08 -5.16
C CYS A 13 -6.72 -6.18 -6.69
N SER A 14 -5.62 -5.60 -7.18
CA SER A 14 -5.20 -5.64 -8.60
C SER A 14 -4.34 -6.91 -8.90
N GLY A 15 -4.62 -8.01 -8.18
CA GLY A 15 -3.90 -9.29 -8.38
C GLY A 15 -2.59 -9.35 -7.61
N VAL A 16 -1.56 -9.95 -8.21
CA VAL A 16 -0.19 -9.98 -7.68
C VAL A 16 0.76 -9.58 -8.81
N ILE A 17 1.71 -8.66 -8.53
CA ILE A 17 2.63 -8.11 -9.56
C ILE A 17 4.10 -8.29 -9.14
N SER A 18 4.98 -8.43 -10.14
CA SER A 18 6.44 -8.49 -9.97
C SER A 18 7.10 -7.13 -10.20
N THR A 19 6.26 -6.10 -10.47
CA THR A 19 6.72 -4.75 -10.77
C THR A 19 7.20 -4.07 -9.47
N VAL A 20 8.52 -4.09 -9.26
CA VAL A 20 9.16 -3.37 -8.15
C VAL A 20 9.14 -1.88 -8.53
N VAL A 21 8.31 -1.11 -7.81
CA VAL A 21 8.05 0.30 -8.11
C VAL A 21 8.88 1.19 -7.16
N GLY A 22 9.43 2.29 -7.73
CA GLY A 22 10.22 3.25 -6.98
C GLY A 22 9.41 3.99 -5.93
N LEU A 23 10.00 4.14 -4.72
CA LEU A 23 9.36 4.78 -3.55
C LEU A 23 8.99 6.25 -3.88
N ASN A 24 9.79 6.85 -4.77
CA ASN A 24 9.65 8.23 -5.27
C ASN A 24 8.26 8.48 -5.91
N ILE A 25 7.69 7.45 -6.57
CA ILE A 25 6.42 7.60 -7.34
C ILE A 25 5.24 6.86 -6.66
N ILE A 26 5.48 6.35 -5.43
CA ILE A 26 4.41 5.82 -4.56
C ILE A 26 3.61 7.02 -3.98
N ASP A 27 2.35 7.16 -4.42
CA ASP A 27 1.49 8.32 -4.05
C ASP A 27 0.78 8.05 -2.72
N ARG A 28 0.02 6.94 -2.67
CA ARG A 28 -0.82 6.62 -1.51
C ARG A 28 -1.02 5.10 -1.41
N ILE A 29 -0.94 4.58 -0.18
CA ILE A 29 -1.07 3.14 0.12
C ILE A 29 -2.43 2.90 0.76
N GLN A 30 -3.19 1.95 0.23
CA GLN A 30 -4.47 1.51 0.80
C GLN A 30 -4.35 0.04 1.22
N VAL A 31 -4.91 -0.27 2.38
CA VAL A 31 -4.89 -1.63 2.94
C VAL A 31 -6.33 -2.02 3.31
N THR A 32 -6.81 -3.10 2.69
CA THR A 32 -8.10 -3.71 3.02
C THR A 32 -7.82 -4.98 3.88
N PRO A 33 -8.22 -4.96 5.20
CA PRO A 33 -7.91 -6.05 6.16
C PRO A 33 -8.68 -7.37 5.85
N PRO A 34 -8.21 -8.55 6.39
CA PRO A 34 -8.80 -9.87 6.06
C PRO A 34 -10.17 -10.05 6.75
N GLY A 35 -11.23 -10.24 5.94
CA GLY A 35 -12.58 -10.45 6.44
C GLY A 35 -13.63 -9.82 5.53
N ASN A 36 -13.31 -8.62 5.00
CA ASN A 36 -14.22 -7.84 4.17
C ASN A 36 -14.26 -8.43 2.74
N GLY A 37 -15.00 -9.54 2.57
CA GLY A 37 -15.11 -10.23 1.29
C GLY A 37 -13.79 -10.82 0.79
N CYS A 38 -12.78 -10.91 1.69
CA CYS A 38 -11.42 -11.35 1.34
C CYS A 38 -10.86 -12.25 2.47
N PRO A 39 -10.23 -13.43 2.12
CA PRO A 39 -9.56 -14.32 3.11
C PRO A 39 -8.28 -13.70 3.73
N LYS A 40 -7.50 -12.99 2.88
CA LYS A 40 -6.18 -12.43 3.24
C LYS A 40 -6.20 -10.89 3.13
N THR A 41 -5.24 -10.24 3.83
CA THR A 41 -4.99 -8.80 3.73
C THR A 41 -4.54 -8.44 2.29
N GLU A 42 -5.29 -7.55 1.63
CA GLU A 42 -5.01 -7.11 0.25
C GLU A 42 -4.50 -5.65 0.28
N VAL A 43 -3.26 -5.43 -0.16
CA VAL A 43 -2.58 -4.12 -0.13
C VAL A 43 -2.51 -3.54 -1.56
N VAL A 44 -3.35 -2.51 -1.84
CA VAL A 44 -3.36 -1.81 -3.16
C VAL A 44 -2.68 -0.45 -3.04
N ILE A 45 -1.68 -0.22 -3.89
CA ILE A 45 -0.85 0.97 -3.86
C ILE A 45 -1.10 1.79 -5.14
N TRP A 46 -1.56 3.03 -4.96
CA TRP A 46 -1.75 4.00 -6.05
C TRP A 46 -0.42 4.76 -6.27
N THR A 47 0.05 4.79 -7.52
CA THR A 47 1.21 5.61 -7.93
C THR A 47 0.77 7.06 -8.21
N LYS A 48 1.72 7.94 -8.59
CA LYS A 48 1.42 9.35 -8.94
C LYS A 48 0.56 9.42 -10.23
N MET A 49 0.75 8.43 -11.12
CA MET A 49 -0.05 8.27 -12.35
C MET A 49 -1.44 7.66 -12.01
N LYS A 50 -1.59 7.26 -10.73
CA LYS A 50 -2.79 6.62 -10.15
C LYS A 50 -2.98 5.20 -10.70
N LYS A 51 -1.85 4.60 -11.14
CA LYS A 51 -1.80 3.20 -11.56
C LYS A 51 -1.83 2.34 -10.28
N VAL A 52 -2.81 1.44 -10.20
CA VAL A 52 -3.01 0.56 -9.04
C VAL A 52 -2.21 -0.73 -9.23
N ILE A 53 -1.39 -1.06 -8.24
CA ILE A 53 -0.68 -2.34 -8.12
C ILE A 53 -1.18 -3.03 -6.84
N CYS A 54 -1.05 -4.35 -6.74
CA CYS A 54 -1.46 -5.09 -5.53
C CYS A 54 -0.37 -6.09 -5.14
N VAL A 55 -0.04 -6.12 -3.85
CA VAL A 55 0.95 -7.02 -3.26
C VAL A 55 0.40 -7.63 -1.99
N ASN A 56 1.07 -8.69 -1.55
CA ASN A 56 0.78 -9.40 -0.30
C ASN A 56 1.43 -8.64 0.88
N PRO A 57 0.96 -8.85 2.15
CA PRO A 57 1.63 -8.31 3.38
C PRO A 57 3.02 -8.97 3.62
N ARG A 58 3.29 -10.08 2.89
CA ARG A 58 4.55 -10.84 3.00
C ARG A 58 5.67 -10.22 2.12
N ALA A 59 5.30 -9.22 1.28
CA ALA A 59 6.20 -8.62 0.28
C ALA A 59 7.39 -7.87 0.94
N LYS A 60 8.60 -8.15 0.43
CA LYS A 60 9.88 -7.64 0.99
C LYS A 60 10.07 -6.13 0.73
N TRP A 61 9.64 -5.67 -0.45
CA TRP A 61 9.82 -4.25 -0.85
C TRP A 61 8.81 -3.35 -0.08
N LEU A 62 7.71 -3.95 0.40
CA LEU A 62 6.68 -3.27 1.24
C LEU A 62 7.30 -2.84 2.58
N GLN A 63 8.32 -3.59 3.06
CA GLN A 63 9.07 -3.28 4.30
C GLN A 63 9.75 -1.89 4.18
N ARG A 64 10.19 -1.54 2.95
CA ARG A 64 10.78 -0.22 2.63
C ARG A 64 9.74 0.90 2.74
N LEU A 65 8.50 0.60 2.29
CA LEU A 65 7.39 1.58 2.24
C LEU A 65 6.89 1.91 3.66
N LEU A 66 6.85 0.87 4.51
CA LEU A 66 6.46 1.02 5.93
C LEU A 66 7.54 1.81 6.68
N ARG A 67 8.80 1.39 6.50
CA ARG A 67 9.96 2.00 7.16
C ARG A 67 10.21 3.45 6.63
N HIS A 68 9.73 3.73 5.40
CA HIS A 68 9.87 5.05 4.74
C HIS A 68 9.13 6.14 5.53
N VAL A 69 7.92 5.80 6.01
CA VAL A 69 7.05 6.76 6.72
C VAL A 69 7.34 6.77 8.24
N GLN A 70 7.78 5.61 8.77
CA GLN A 70 8.11 5.44 10.19
C GLN A 70 9.59 5.82 10.46
N SER A 71 9.91 6.21 11.71
CA SER A 71 11.29 6.52 12.13
C SER A 71 12.13 5.24 12.10
N LYS A 72 13.25 5.30 11.37
CA LYS A 72 14.10 4.13 11.08
C LYS A 72 15.16 4.00 12.19
N SER A 73 16.16 4.91 12.17
CA SER A 73 17.24 4.97 13.16
C SER A 73 17.81 6.40 13.17
N LEU A 74 17.40 7.22 14.16
CA LEU A 74 17.89 8.59 14.34
C LEU A 74 19.37 8.52 14.79
N SER A 75 20.27 8.58 13.80
CA SER A 75 21.71 8.60 14.01
C SER A 75 22.25 10.01 13.70
N SER A 76 23.55 10.22 13.92
CA SER A 76 24.23 11.46 13.53
C SER A 76 24.43 11.47 12.01
N THR A 77 24.00 12.56 11.33
CA THR A 77 24.20 12.71 9.88
C THR A 77 25.70 13.03 9.62
N PRO A 78 26.41 12.20 8.76
CA PRO A 78 27.80 12.52 8.34
C PRO A 78 27.92 13.92 7.70
N GLN A 79 28.80 14.77 8.27
CA GLN A 79 29.04 16.14 7.77
C GLN A 79 29.61 16.11 6.33
N ALA A 80 29.17 17.06 5.50
CA ALA A 80 29.59 17.18 4.09
C ALA A 80 30.02 18.64 3.84
N PRO A 81 31.28 18.90 3.34
CA PRO A 81 31.76 20.27 3.09
C PRO A 81 31.07 20.88 1.85
N VAL A 82 30.07 21.74 2.11
CA VAL A 82 29.32 22.47 1.07
C VAL A 82 30.25 23.36 0.22
N SER A 83 29.94 23.52 -1.08
CA SER A 83 30.76 24.33 -2.01
C SER A 83 30.47 25.83 -1.78
N LYS A 84 31.00 26.33 -0.66
CA LYS A 84 30.85 27.71 -0.20
C LYS A 84 31.93 27.91 0.86
N ARG A 85 32.93 28.73 0.53
CA ARG A 85 34.02 29.11 1.44
C ARG A 85 33.86 30.59 1.81
N ARG A 86 34.52 30.98 2.89
CA ARG A 86 34.53 32.36 3.39
C ARG A 86 35.25 33.30 2.39
N ALA A 87 36.30 32.75 1.73
CA ALA A 87 37.11 33.48 0.74
C ALA A 87 36.70 33.11 -0.71
N ALA A 88 35.70 32.21 -0.87
CA ALA A 88 35.26 31.74 -2.20
C ALA A 88 33.78 31.28 -2.15
N ILE A 1 -9.54 -24.50 -13.31
CA ILE A 1 -9.73 -23.23 -12.57
C ILE A 1 -10.48 -22.23 -13.47
N LEU A 2 -11.73 -21.90 -13.11
CA LEU A 2 -12.54 -20.88 -13.80
C LEU A 2 -12.82 -19.71 -12.83
N GLU A 3 -11.95 -18.69 -12.85
CA GLU A 3 -12.13 -17.44 -12.09
C GLU A 3 -12.89 -16.42 -12.95
N ALA A 4 -14.24 -16.52 -12.95
CA ALA A 4 -15.11 -15.59 -13.69
C ALA A 4 -15.45 -14.36 -12.83
N HIS A 5 -15.92 -13.30 -13.48
CA HIS A 5 -16.28 -12.03 -12.82
C HIS A 5 -17.71 -12.11 -12.26
N TYR A 6 -17.83 -12.60 -11.02
CA TYR A 6 -19.11 -12.56 -10.26
C TYR A 6 -19.06 -11.39 -9.28
N THR A 7 -20.21 -10.70 -9.11
CA THR A 7 -20.34 -9.56 -8.19
C THR A 7 -20.26 -10.07 -6.73
N ASN A 8 -19.01 -10.16 -6.25
CA ASN A 8 -18.69 -10.65 -4.90
C ASN A 8 -17.91 -9.56 -4.15
N LEU A 9 -18.24 -9.36 -2.88
CA LEU A 9 -17.59 -8.36 -2.03
C LEU A 9 -16.19 -8.88 -1.67
N LYS A 10 -15.20 -8.44 -2.45
CA LYS A 10 -13.76 -8.69 -2.24
C LYS A 10 -12.98 -7.43 -2.62
N CYS A 11 -11.67 -7.42 -2.37
CA CYS A 11 -10.81 -6.26 -2.63
C CYS A 11 -10.50 -6.16 -4.13
N ARG A 12 -10.95 -5.04 -4.77
CA ARG A 12 -10.71 -4.78 -6.20
C ARG A 12 -9.22 -4.53 -6.45
N CYS A 13 -8.67 -5.19 -7.48
CA CYS A 13 -7.25 -5.13 -7.83
C CYS A 13 -7.07 -5.23 -9.35
N SER A 14 -5.95 -4.70 -9.87
CA SER A 14 -5.59 -4.81 -11.31
C SER A 14 -4.57 -5.94 -11.54
N GLY A 15 -4.07 -6.53 -10.44
CA GLY A 15 -3.07 -7.60 -10.48
C GLY A 15 -2.02 -7.40 -9.39
N VAL A 16 -1.24 -8.47 -9.13
CA VAL A 16 -0.17 -8.46 -8.11
C VAL A 16 1.19 -8.33 -8.83
N ILE A 17 2.02 -7.37 -8.41
CA ILE A 17 3.33 -7.13 -9.04
C ILE A 17 4.40 -8.10 -8.50
N SER A 18 5.29 -8.53 -9.38
CA SER A 18 6.47 -9.32 -9.04
C SER A 18 7.69 -8.40 -9.00
N THR A 19 7.95 -7.71 -10.13
CA THR A 19 9.02 -6.71 -10.26
C THR A 19 8.72 -5.48 -9.37
N VAL A 20 9.71 -5.11 -8.54
CA VAL A 20 9.59 -3.99 -7.58
C VAL A 20 9.44 -2.65 -8.34
N VAL A 21 8.56 -1.80 -7.81
CA VAL A 21 8.19 -0.50 -8.42
C VAL A 21 8.85 0.65 -7.64
N GLY A 22 9.25 1.72 -8.38
CA GLY A 22 9.93 2.87 -7.80
C GLY A 22 9.04 3.76 -6.93
N LEU A 23 9.61 4.16 -5.76
CA LEU A 23 8.92 5.02 -4.77
C LEU A 23 8.58 6.41 -5.35
N ASN A 24 9.27 6.77 -6.45
CA ASN A 24 9.07 8.02 -7.20
C ASN A 24 7.62 8.14 -7.72
N ILE A 25 7.01 7.01 -8.13
CA ILE A 25 5.65 7.04 -8.70
C ILE A 25 4.61 6.55 -7.68
N ILE A 26 5.04 6.14 -6.48
CA ILE A 26 4.10 5.76 -5.40
C ILE A 26 3.54 7.03 -4.74
N ASP A 27 2.20 7.14 -4.69
CA ASP A 27 1.51 8.33 -4.16
C ASP A 27 0.94 8.04 -2.77
N ARG A 28 0.09 7.00 -2.69
CA ARG A 28 -0.60 6.58 -1.45
C ARG A 28 -0.68 5.05 -1.40
N ILE A 29 -0.76 4.49 -0.19
CA ILE A 29 -0.93 3.05 0.04
C ILE A 29 -2.18 2.80 0.91
N GLN A 30 -3.20 2.17 0.32
CA GLN A 30 -4.42 1.78 1.03
C GLN A 30 -4.31 0.31 1.46
N VAL A 31 -4.11 0.08 2.76
CA VAL A 31 -4.01 -1.27 3.32
C VAL A 31 -5.43 -1.75 3.73
N THR A 32 -5.89 -2.84 3.09
CA THR A 32 -7.16 -3.50 3.42
C THR A 32 -6.90 -4.58 4.49
N PRO A 33 -7.41 -4.41 5.76
CA PRO A 33 -7.24 -5.42 6.82
C PRO A 33 -8.09 -6.70 6.54
N PRO A 34 -7.64 -7.90 7.05
CA PRO A 34 -8.37 -9.18 6.84
C PRO A 34 -9.79 -9.16 7.48
N GLY A 35 -10.81 -9.12 6.62
CA GLY A 35 -12.22 -9.13 7.05
C GLY A 35 -13.12 -8.42 6.06
N ASN A 36 -12.55 -7.43 5.32
CA ASN A 36 -13.30 -6.59 4.36
C ASN A 36 -13.39 -7.28 2.99
N GLY A 37 -14.18 -8.37 2.95
CA GLY A 37 -14.35 -9.18 1.74
C GLY A 37 -13.15 -10.08 1.40
N CYS A 38 -12.07 -9.95 2.19
CA CYS A 38 -10.78 -10.61 1.93
C CYS A 38 -10.28 -11.26 3.23
N PRO A 39 -9.97 -12.60 3.24
CA PRO A 39 -9.46 -13.30 4.45
C PRO A 39 -8.01 -12.89 4.80
N LYS A 40 -7.29 -12.30 3.84
CA LYS A 40 -5.88 -11.86 4.01
C LYS A 40 -5.81 -10.31 4.01
N THR A 41 -4.61 -9.78 4.28
CA THR A 41 -4.34 -8.34 4.22
C THR A 41 -3.96 -7.97 2.77
N GLU A 42 -4.82 -7.17 2.11
CA GLU A 42 -4.62 -6.78 0.72
C GLU A 42 -4.05 -5.37 0.65
N VAL A 43 -2.79 -5.23 0.25
CA VAL A 43 -2.14 -3.93 0.17
C VAL A 43 -2.34 -3.37 -1.25
N VAL A 44 -3.31 -2.47 -1.37
CA VAL A 44 -3.69 -1.82 -2.62
C VAL A 44 -2.99 -0.45 -2.70
N ILE A 45 -1.98 -0.36 -3.54
CA ILE A 45 -1.17 0.87 -3.70
C ILE A 45 -1.68 1.65 -4.92
N TRP A 46 -1.95 2.95 -4.72
CA TRP A 46 -2.33 3.88 -5.78
C TRP A 46 -1.13 4.75 -6.13
N THR A 47 -0.71 4.72 -7.41
CA THR A 47 0.39 5.55 -7.91
C THR A 47 -0.09 6.99 -8.23
N LYS A 48 0.88 7.89 -8.50
CA LYS A 48 0.61 9.31 -8.88
C LYS A 48 -0.05 9.42 -10.28
N MET A 49 -0.02 8.30 -11.02
CA MET A 49 -0.71 8.16 -12.32
C MET A 49 -2.03 7.37 -12.15
N LYS A 50 -2.52 7.28 -10.89
CA LYS A 50 -3.78 6.59 -10.49
C LYS A 50 -3.79 5.07 -10.79
N LYS A 51 -2.64 4.51 -11.22
CA LYS A 51 -2.56 3.08 -11.60
C LYS A 51 -2.61 2.23 -10.31
N VAL A 52 -3.52 1.25 -10.33
CA VAL A 52 -3.75 0.33 -9.21
C VAL A 52 -2.78 -0.85 -9.30
N ILE A 53 -1.95 -1.02 -8.28
CA ILE A 53 -1.04 -2.16 -8.13
C ILE A 53 -1.26 -2.78 -6.75
N CYS A 54 -1.14 -4.09 -6.64
CA CYS A 54 -1.28 -4.79 -5.35
C CYS A 54 0.00 -5.55 -5.02
N VAL A 55 0.37 -5.58 -3.74
CA VAL A 55 1.48 -6.41 -3.24
C VAL A 55 0.99 -7.27 -2.07
N ASN A 56 1.73 -8.34 -1.80
CA ASN A 56 1.50 -9.23 -0.67
C ASN A 56 1.98 -8.53 0.63
N PRO A 57 1.30 -8.77 1.80
CA PRO A 57 1.67 -8.13 3.10
C PRO A 57 3.09 -8.48 3.57
N ARG A 58 3.62 -9.64 3.11
CA ARG A 58 4.95 -10.15 3.49
C ARG A 58 5.97 -9.98 2.33
N ALA A 59 5.68 -9.04 1.41
CA ALA A 59 6.63 -8.62 0.36
C ALA A 59 7.81 -7.86 1.01
N LYS A 60 9.05 -8.19 0.60
CA LYS A 60 10.28 -7.71 1.27
C LYS A 60 10.44 -6.18 1.13
N TRP A 61 10.11 -5.66 -0.06
CA TRP A 61 10.21 -4.22 -0.35
C TRP A 61 9.16 -3.42 0.46
N LEU A 62 8.01 -4.07 0.74
CA LEU A 62 6.91 -3.46 1.50
C LEU A 62 7.30 -3.24 2.96
N GLN A 63 8.14 -4.15 3.52
CA GLN A 63 8.68 -4.01 4.90
C GLN A 63 9.47 -2.69 5.05
N ARG A 64 10.11 -2.26 3.93
CA ARG A 64 10.82 -0.98 3.84
C ARG A 64 9.82 0.17 3.95
N LEU A 65 8.69 0.06 3.21
CA LEU A 65 7.63 1.09 3.16
C LEU A 65 6.97 1.27 4.53
N LEU A 66 6.71 0.12 5.21
CA LEU A 66 6.05 0.10 6.53
C LEU A 66 6.92 0.80 7.58
N ARG A 67 8.22 0.43 7.63
CA ARG A 67 9.19 0.99 8.60
C ARG A 67 9.58 2.46 8.26
N HIS A 68 9.49 2.82 6.97
CA HIS A 68 9.88 4.16 6.47
C HIS A 68 8.78 5.20 6.80
N VAL A 69 7.51 4.81 6.63
CA VAL A 69 6.35 5.69 6.92
C VAL A 69 6.07 5.72 8.43
N GLN A 70 6.40 4.63 9.13
CA GLN A 70 6.27 4.53 10.60
C GLN A 70 7.46 5.21 11.30
N SER A 71 7.20 5.75 12.50
CA SER A 71 8.16 6.53 13.32
C SER A 71 8.42 7.92 12.69
N LYS A 72 7.54 8.32 11.76
CA LYS A 72 7.61 9.62 11.08
C LYS A 72 6.47 10.52 11.58
N SER A 73 6.82 11.48 12.46
CA SER A 73 5.88 12.47 12.99
C SER A 73 5.78 13.67 12.03
N LEU A 74 5.27 13.39 10.81
CA LEU A 74 5.10 14.40 9.74
C LEU A 74 3.77 15.13 9.98
N SER A 75 3.83 16.43 10.32
CA SER A 75 2.64 17.26 10.52
C SER A 75 2.02 17.66 9.16
N SER A 76 1.24 16.74 8.58
CA SER A 76 0.54 16.96 7.31
C SER A 76 -0.75 17.76 7.59
N THR A 77 -0.82 18.98 7.03
CA THR A 77 -1.93 19.91 7.26
C THR A 77 -2.99 19.80 6.15
N PRO A 78 -4.32 19.80 6.47
CA PRO A 78 -5.39 19.69 5.45
C PRO A 78 -5.61 20.98 4.64
N GLN A 79 -6.41 20.87 3.57
CA GLN A 79 -6.69 21.97 2.63
C GLN A 79 -8.18 22.32 2.70
N ALA A 80 -8.50 23.62 2.49
CA ALA A 80 -9.88 24.14 2.51
C ALA A 80 -10.65 23.74 1.23
N PRO A 81 -11.68 22.83 1.31
CA PRO A 81 -12.51 22.47 0.12
C PRO A 81 -13.56 23.55 -0.23
N VAL A 82 -13.91 23.64 -1.54
CA VAL A 82 -14.87 24.61 -2.14
C VAL A 82 -14.78 26.05 -1.55
N SER A 83 -13.81 26.82 -2.06
CA SER A 83 -13.63 28.24 -1.71
C SER A 83 -14.54 29.09 -2.62
N LYS A 84 -15.74 29.44 -2.12
CA LYS A 84 -16.80 30.09 -2.93
C LYS A 84 -17.90 30.70 -2.04
N ARG A 85 -18.52 31.79 -2.52
CA ARG A 85 -19.70 32.43 -1.92
C ARG A 85 -20.70 32.78 -3.04
N ARG A 86 -21.99 32.96 -2.67
CA ARG A 86 -23.02 33.43 -3.61
C ARG A 86 -22.92 34.96 -3.72
N ALA A 87 -22.08 35.42 -4.65
CA ALA A 87 -21.81 36.84 -4.88
C ALA A 87 -22.87 37.43 -5.85
N ALA A 88 -24.13 37.45 -5.36
CA ALA A 88 -25.29 37.88 -6.14
C ALA A 88 -26.44 38.27 -5.19
N ILE A 1 -22.57 -8.50 -28.17
CA ILE A 1 -21.58 -8.01 -27.19
C ILE A 1 -22.31 -7.28 -26.05
N LEU A 2 -21.87 -7.52 -24.81
CA LEU A 2 -22.42 -6.90 -23.60
C LEU A 2 -21.27 -6.60 -22.62
N GLU A 3 -21.51 -5.65 -21.73
CA GLU A 3 -20.52 -5.19 -20.73
C GLU A 3 -20.81 -5.86 -19.38
N ALA A 4 -19.76 -6.29 -18.67
CA ALA A 4 -19.86 -6.82 -17.30
C ALA A 4 -19.92 -5.67 -16.30
N HIS A 5 -21.06 -5.56 -15.58
CA HIS A 5 -21.22 -4.59 -14.49
C HIS A 5 -20.40 -5.06 -13.28
N TYR A 6 -19.22 -4.44 -13.10
CA TYR A 6 -18.29 -4.79 -12.03
C TYR A 6 -18.77 -4.20 -10.70
N THR A 7 -18.88 -5.07 -9.70
CA THR A 7 -19.29 -4.71 -8.34
C THR A 7 -18.06 -4.70 -7.42
N ASN A 8 -17.98 -3.73 -6.52
CA ASN A 8 -16.86 -3.60 -5.55
C ASN A 8 -17.17 -4.37 -4.24
N LEU A 9 -17.74 -5.59 -4.42
CA LEU A 9 -18.16 -6.47 -3.31
C LEU A 9 -16.94 -6.86 -2.44
N LYS A 10 -15.81 -7.11 -3.10
CA LYS A 10 -14.60 -7.64 -2.44
C LYS A 10 -13.35 -6.85 -2.83
N CYS A 11 -12.21 -7.21 -2.21
CA CYS A 11 -10.89 -6.64 -2.50
C CYS A 11 -10.49 -6.93 -3.97
N ARG A 12 -10.36 -5.87 -4.78
CA ARG A 12 -10.10 -5.99 -6.23
C ARG A 12 -8.58 -6.00 -6.50
N CYS A 13 -8.13 -7.09 -7.15
CA CYS A 13 -6.72 -7.29 -7.53
C CYS A 13 -6.65 -7.99 -8.90
N SER A 14 -5.92 -7.38 -9.85
CA SER A 14 -5.77 -7.92 -11.21
C SER A 14 -4.49 -8.79 -11.28
N GLY A 15 -4.66 -10.13 -11.20
CA GLY A 15 -3.55 -11.08 -11.28
C GLY A 15 -2.56 -10.96 -10.12
N VAL A 16 -1.27 -11.25 -10.40
CA VAL A 16 -0.15 -11.04 -9.45
C VAL A 16 0.97 -10.25 -10.16
N ILE A 17 1.44 -9.16 -9.54
CA ILE A 17 2.61 -8.41 -10.05
C ILE A 17 3.85 -8.77 -9.21
N SER A 18 4.87 -9.33 -9.88
CA SER A 18 6.18 -9.63 -9.27
C SER A 18 7.20 -8.52 -9.58
N THR A 19 6.72 -7.43 -10.21
CA THR A 19 7.53 -6.26 -10.54
C THR A 19 7.72 -5.39 -9.29
N VAL A 20 9.00 -5.06 -8.98
CA VAL A 20 9.32 -4.12 -7.90
C VAL A 20 8.98 -2.71 -8.42
N VAL A 21 7.95 -2.12 -7.84
CA VAL A 21 7.42 -0.82 -8.25
C VAL A 21 8.28 0.30 -7.66
N GLY A 22 8.56 1.33 -8.47
CA GLY A 22 9.42 2.44 -8.07
C GLY A 22 8.89 3.17 -6.84
N LEU A 23 9.74 3.26 -5.80
CA LEU A 23 9.39 3.93 -4.53
C LEU A 23 9.00 5.41 -4.82
N ASN A 24 9.66 6.01 -5.81
CA ASN A 24 9.40 7.39 -6.28
C ASN A 24 7.99 7.52 -6.89
N ILE A 25 7.50 6.45 -7.58
CA ILE A 25 6.17 6.50 -8.25
C ILE A 25 5.05 5.98 -7.33
N ILE A 26 5.37 5.64 -6.07
CA ILE A 26 4.35 5.37 -5.03
C ILE A 26 3.83 6.71 -4.50
N ASP A 27 2.49 6.84 -4.41
CA ASP A 27 1.83 8.02 -3.83
C ASP A 27 1.36 7.72 -2.40
N ARG A 28 0.54 6.66 -2.27
CA ARG A 28 -0.03 6.23 -0.98
C ARG A 28 -0.15 4.70 -0.90
N ILE A 29 -0.17 4.20 0.34
CA ILE A 29 -0.33 2.78 0.68
C ILE A 29 -1.68 2.61 1.40
N GLN A 30 -2.65 1.94 0.77
CA GLN A 30 -3.97 1.67 1.37
C GLN A 30 -4.02 0.19 1.82
N VAL A 31 -4.37 -0.04 3.08
CA VAL A 31 -4.44 -1.39 3.67
C VAL A 31 -5.91 -1.86 3.72
N THR A 32 -6.18 -3.00 3.05
CA THR A 32 -7.50 -3.66 3.05
C THR A 32 -7.49 -4.75 4.14
N PRO A 33 -8.25 -4.58 5.28
CA PRO A 33 -8.31 -5.58 6.38
C PRO A 33 -9.06 -6.88 5.97
N PRO A 34 -8.78 -8.04 6.64
CA PRO A 34 -9.48 -9.31 6.35
C PRO A 34 -10.87 -9.37 7.03
N GLY A 35 -11.72 -10.32 6.60
CA GLY A 35 -13.10 -10.44 7.06
C GLY A 35 -14.05 -9.52 6.27
N ASN A 36 -13.69 -8.23 6.18
CA ASN A 36 -14.50 -7.19 5.50
C ASN A 36 -14.37 -7.31 3.97
N GLY A 37 -15.14 -8.25 3.39
CA GLY A 37 -15.19 -8.47 1.93
C GLY A 37 -14.01 -9.23 1.36
N CYS A 38 -12.92 -9.36 2.13
CA CYS A 38 -11.67 -9.98 1.66
C CYS A 38 -11.20 -11.01 2.70
N PRO A 39 -10.81 -12.27 2.30
CA PRO A 39 -10.33 -13.31 3.25
C PRO A 39 -8.84 -13.14 3.64
N LYS A 40 -8.22 -12.04 3.17
CA LYS A 40 -6.80 -11.72 3.41
C LYS A 40 -6.64 -10.19 3.58
N THR A 41 -5.52 -9.78 4.22
CA THR A 41 -5.09 -8.38 4.22
C THR A 41 -4.37 -8.09 2.89
N GLU A 42 -4.96 -7.22 2.08
CA GLU A 42 -4.45 -6.85 0.74
C GLU A 42 -3.92 -5.42 0.76
N VAL A 43 -2.60 -5.23 0.51
CA VAL A 43 -2.03 -3.89 0.38
C VAL A 43 -2.28 -3.37 -1.05
N VAL A 44 -3.28 -2.49 -1.15
CA VAL A 44 -3.64 -1.81 -2.39
C VAL A 44 -2.88 -0.48 -2.44
N ILE A 45 -1.88 -0.39 -3.33
CA ILE A 45 -1.08 0.82 -3.48
C ILE A 45 -1.66 1.68 -4.61
N TRP A 46 -1.72 2.99 -4.38
CA TRP A 46 -2.07 4.00 -5.38
C TRP A 46 -0.77 4.69 -5.82
N THR A 47 -0.44 4.59 -7.10
CA THR A 47 0.73 5.28 -7.67
C THR A 47 0.42 6.79 -7.86
N LYS A 48 1.47 7.58 -8.15
CA LYS A 48 1.34 9.01 -8.51
C LYS A 48 0.78 9.18 -9.94
N MET A 49 0.73 8.06 -10.68
CA MET A 49 0.02 7.93 -11.96
C MET A 49 -1.49 7.64 -11.71
N LYS A 50 -1.84 7.46 -10.41
CA LYS A 50 -3.20 7.16 -9.91
C LYS A 50 -3.71 5.77 -10.35
N LYS A 51 -2.75 4.91 -10.76
CA LYS A 51 -3.04 3.51 -11.09
C LYS A 51 -3.18 2.68 -9.81
N VAL A 52 -4.23 1.86 -9.78
CA VAL A 52 -4.55 0.94 -8.69
C VAL A 52 -3.75 -0.36 -8.91
N ILE A 53 -2.86 -0.68 -7.97
CA ILE A 53 -2.09 -1.94 -7.98
C ILE A 53 -2.28 -2.67 -6.64
N CYS A 54 -2.24 -4.00 -6.70
CA CYS A 54 -2.30 -4.88 -5.52
C CYS A 54 -0.93 -5.57 -5.37
N VAL A 55 -0.36 -5.55 -4.16
CA VAL A 55 0.96 -6.15 -3.87
C VAL A 55 0.88 -7.04 -2.60
N ASN A 56 1.92 -7.88 -2.42
CA ASN A 56 2.06 -8.72 -1.20
C ASN A 56 2.48 -7.85 0.00
N PRO A 57 1.86 -8.03 1.22
CA PRO A 57 2.22 -7.27 2.45
C PRO A 57 3.68 -7.54 2.92
N ARG A 58 4.17 -8.77 2.62
CA ARG A 58 5.50 -9.24 3.01
C ARG A 58 6.59 -8.89 1.98
N ALA A 59 6.21 -8.14 0.91
CA ALA A 59 7.18 -7.68 -0.12
C ALA A 59 8.29 -6.84 0.53
N LYS A 60 9.55 -7.30 0.40
CA LYS A 60 10.72 -6.76 1.12
C LYS A 60 10.96 -5.25 0.86
N TRP A 61 10.70 -4.81 -0.38
CA TRP A 61 10.84 -3.39 -0.78
C TRP A 61 9.76 -2.52 -0.10
N LEU A 62 8.59 -3.12 0.14
CA LEU A 62 7.44 -2.48 0.80
C LEU A 62 7.71 -2.32 2.31
N GLN A 63 8.35 -3.34 2.92
CA GLN A 63 8.58 -3.42 4.40
C GLN A 63 9.34 -2.18 4.95
N ARG A 64 10.38 -1.75 4.22
CA ARG A 64 11.18 -0.56 4.60
C ARG A 64 10.38 0.74 4.39
N LEU A 65 9.44 0.71 3.44
CA LEU A 65 8.56 1.84 3.13
C LEU A 65 7.42 1.93 4.19
N LEU A 66 7.08 0.77 4.80
CA LEU A 66 6.17 0.70 5.96
C LEU A 66 6.89 1.16 7.25
N ARG A 67 8.23 0.96 7.28
CA ARG A 67 9.08 1.52 8.37
C ARG A 67 9.27 3.05 8.16
N HIS A 68 9.26 3.49 6.88
CA HIS A 68 9.43 4.93 6.53
C HIS A 68 8.29 5.80 7.10
N VAL A 69 7.06 5.23 7.10
CA VAL A 69 5.86 5.96 7.59
C VAL A 69 5.85 6.00 9.15
N GLN A 70 6.72 5.20 9.78
CA GLN A 70 6.87 5.15 11.25
C GLN A 70 7.92 6.21 11.70
N SER A 71 7.45 7.26 12.40
CA SER A 71 8.31 8.29 13.00
C SER A 71 8.72 7.89 14.44
N LYS A 72 10.03 7.95 14.74
CA LYS A 72 10.53 7.79 16.10
C LYS A 72 10.22 9.07 16.92
N SER A 73 9.07 9.03 17.61
CA SER A 73 8.54 10.14 18.41
C SER A 73 7.80 9.60 19.65
N LEU A 74 8.11 8.32 20.00
CA LEU A 74 7.37 7.50 20.98
C LEU A 74 5.89 7.46 20.55
N SER A 75 5.65 6.68 19.49
CA SER A 75 4.33 6.47 18.91
C SER A 75 3.47 5.64 19.86
N SER A 76 2.51 6.29 20.52
CA SER A 76 1.58 5.63 21.45
C SER A 76 0.45 4.92 20.67
N THR A 77 -0.12 3.88 21.29
CA THR A 77 -1.23 3.12 20.72
C THR A 77 -2.48 4.03 20.53
N PRO A 78 -3.21 3.93 19.35
CA PRO A 78 -4.36 4.82 19.02
C PRO A 78 -5.36 5.05 20.18
N GLN A 79 -5.63 6.32 20.49
CA GLN A 79 -6.45 6.74 21.64
C GLN A 79 -7.97 6.66 21.32
N ALA A 80 -8.29 5.99 20.20
CA ALA A 80 -9.66 5.64 19.82
C ALA A 80 -9.68 4.21 19.27
N PRO A 81 -9.74 3.15 20.16
CA PRO A 81 -9.77 1.74 19.71
C PRO A 81 -11.15 1.40 19.09
N VAL A 82 -11.20 0.32 18.29
CA VAL A 82 -12.46 -0.11 17.63
C VAL A 82 -13.46 -0.55 18.71
N SER A 83 -14.51 0.26 18.91
CA SER A 83 -15.53 0.07 19.95
C SER A 83 -16.50 -1.07 19.57
N LYS A 84 -15.99 -2.31 19.65
CA LYS A 84 -16.78 -3.53 19.54
C LYS A 84 -16.85 -4.15 20.94
N ARG A 85 -18.01 -4.00 21.59
CA ARG A 85 -18.25 -4.51 22.95
C ARG A 85 -19.33 -5.59 22.90
N ARG A 86 -19.23 -6.54 23.84
CA ARG A 86 -20.15 -7.68 23.95
C ARG A 86 -20.65 -7.74 25.41
N ALA A 87 -21.99 -7.68 25.59
CA ALA A 87 -22.63 -7.66 26.92
C ALA A 87 -23.47 -8.92 27.10
N ALA A 88 -23.52 -9.44 28.34
CA ALA A 88 -24.27 -10.65 28.68
C ALA A 88 -25.80 -10.43 28.48
N ILE A 1 -11.60 -27.90 -8.30
CA ILE A 1 -11.80 -26.50 -7.88
C ILE A 1 -13.17 -26.00 -8.35
N LEU A 2 -14.16 -26.03 -7.45
CA LEU A 2 -15.48 -25.44 -7.67
C LEU A 2 -15.33 -23.92 -7.41
N GLU A 3 -15.27 -23.14 -8.50
CA GLU A 3 -15.14 -21.69 -8.43
C GLU A 3 -16.49 -21.07 -8.04
N ALA A 4 -16.70 -20.92 -6.72
CA ALA A 4 -17.91 -20.27 -6.17
C ALA A 4 -17.95 -18.79 -6.58
N HIS A 5 -19.17 -18.27 -6.87
CA HIS A 5 -19.38 -16.87 -7.27
C HIS A 5 -18.99 -15.96 -6.09
N TYR A 6 -17.91 -15.20 -6.30
CA TYR A 6 -17.27 -14.38 -5.26
C TYR A 6 -18.17 -13.21 -4.85
N THR A 7 -18.23 -12.99 -3.53
CA THR A 7 -19.06 -11.96 -2.89
C THR A 7 -18.72 -10.53 -3.38
N ASN A 8 -19.66 -9.59 -3.15
CA ASN A 8 -19.48 -8.17 -3.50
C ASN A 8 -19.15 -7.36 -2.25
N LEU A 9 -18.86 -6.05 -2.44
CA LEU A 9 -18.42 -5.10 -1.38
C LEU A 9 -17.04 -5.52 -0.82
N LYS A 10 -16.28 -6.21 -1.67
CA LYS A 10 -14.97 -6.78 -1.34
C LYS A 10 -13.83 -5.84 -1.79
N CYS A 11 -12.60 -6.19 -1.42
CA CYS A 11 -11.39 -5.49 -1.84
C CYS A 11 -11.05 -5.83 -3.30
N ARG A 12 -10.91 -4.80 -4.16
CA ARG A 12 -10.47 -4.97 -5.54
C ARG A 12 -8.96 -5.22 -5.56
N CYS A 13 -8.57 -6.41 -6.03
CA CYS A 13 -7.17 -6.76 -6.27
C CYS A 13 -6.97 -6.83 -7.80
N SER A 14 -6.22 -5.85 -8.33
CA SER A 14 -5.92 -5.75 -9.77
C SER A 14 -4.76 -6.69 -10.15
N GLY A 15 -5.07 -8.00 -10.18
CA GLY A 15 -4.08 -9.04 -10.50
C GLY A 15 -2.90 -9.08 -9.53
N VAL A 16 -1.70 -9.35 -10.07
CA VAL A 16 -0.42 -9.26 -9.32
C VAL A 16 0.64 -8.60 -10.20
N ILE A 17 1.64 -7.95 -9.58
CA ILE A 17 2.71 -7.24 -10.30
C ILE A 17 4.09 -7.70 -9.79
N SER A 18 4.98 -8.03 -10.73
CA SER A 18 6.37 -8.41 -10.43
C SER A 18 7.31 -7.20 -10.44
N THR A 19 6.80 -6.03 -10.89
CA THR A 19 7.58 -4.79 -11.00
C THR A 19 8.05 -4.29 -9.62
N VAL A 20 9.37 -4.03 -9.47
CA VAL A 20 9.91 -3.39 -8.26
C VAL A 20 9.46 -1.91 -8.24
N VAL A 21 8.62 -1.57 -7.24
CA VAL A 21 7.99 -0.25 -7.13
C VAL A 21 8.70 0.57 -6.04
N GLY A 22 9.13 1.79 -6.40
CA GLY A 22 9.87 2.66 -5.51
C GLY A 22 9.04 3.77 -4.90
N LEU A 23 9.55 4.34 -3.80
CA LEU A 23 8.89 5.38 -3.00
C LEU A 23 8.59 6.63 -3.86
N ASN A 24 9.47 6.90 -4.84
CA ASN A 24 9.36 8.04 -5.76
C ASN A 24 8.04 8.00 -6.57
N ILE A 25 7.54 6.79 -6.87
CA ILE A 25 6.30 6.62 -7.66
C ILE A 25 5.12 6.13 -6.80
N ILE A 26 5.31 6.02 -5.47
CA ILE A 26 4.20 5.75 -4.53
C ILE A 26 3.40 7.06 -4.32
N ASP A 27 2.14 7.08 -4.79
CA ASP A 27 1.24 8.24 -4.61
C ASP A 27 0.54 8.13 -3.25
N ARG A 28 -0.15 6.99 -3.02
CA ARG A 28 -0.90 6.72 -1.76
C ARG A 28 -1.09 5.21 -1.58
N ILE A 29 -1.02 4.73 -0.32
CA ILE A 29 -1.22 3.31 0.06
C ILE A 29 -2.40 3.21 1.06
N GLN A 30 -3.23 2.18 0.89
CA GLN A 30 -4.29 1.83 1.84
C GLN A 30 -4.25 0.31 2.08
N VAL A 31 -4.51 -0.12 3.32
CA VAL A 31 -4.49 -1.55 3.70
C VAL A 31 -5.89 -1.99 4.15
N THR A 32 -6.31 -3.17 3.72
CA THR A 32 -7.66 -3.70 3.94
C THR A 32 -7.57 -5.01 4.75
N PRO A 33 -8.53 -5.29 5.69
CA PRO A 33 -8.42 -6.42 6.65
C PRO A 33 -8.78 -7.81 6.03
N PRO A 34 -8.39 -8.95 6.71
CA PRO A 34 -8.81 -10.31 6.29
C PRO A 34 -10.29 -10.57 6.64
N GLY A 35 -11.06 -11.04 5.65
CA GLY A 35 -12.51 -11.15 5.76
C GLY A 35 -13.20 -9.87 5.30
N ASN A 36 -14.49 -9.70 5.70
CA ASN A 36 -15.34 -8.55 5.28
C ASN A 36 -15.63 -8.58 3.77
N GLY A 37 -15.41 -9.76 3.16
CA GLY A 37 -15.51 -9.95 1.71
C GLY A 37 -14.14 -10.00 1.02
N CYS A 38 -13.12 -9.44 1.69
CA CYS A 38 -11.74 -9.42 1.19
C CYS A 38 -11.03 -10.75 1.59
N PRO A 39 -10.26 -11.40 0.64
CA PRO A 39 -9.58 -12.70 0.91
C PRO A 39 -8.66 -12.67 2.16
N LYS A 40 -7.61 -11.85 2.09
CA LYS A 40 -6.64 -11.66 3.19
C LYS A 40 -6.42 -10.16 3.40
N THR A 41 -5.51 -9.81 4.32
CA THR A 41 -5.03 -8.43 4.41
C THR A 41 -4.40 -8.04 3.04
N GLU A 42 -5.08 -7.13 2.31
CA GLU A 42 -4.65 -6.74 0.96
C GLU A 42 -4.00 -5.35 1.03
N VAL A 43 -2.72 -5.26 0.64
CA VAL A 43 -2.01 -3.97 0.55
C VAL A 43 -2.23 -3.38 -0.85
N VAL A 44 -3.12 -2.41 -0.93
CA VAL A 44 -3.48 -1.71 -2.17
C VAL A 44 -2.62 -0.45 -2.28
N ILE A 45 -2.04 -0.19 -3.46
CA ILE A 45 -1.18 0.97 -3.71
C ILE A 45 -1.60 1.65 -5.02
N TRP A 46 -1.89 2.95 -4.95
CA TRP A 46 -2.02 3.82 -6.12
C TRP A 46 -0.65 4.48 -6.40
N THR A 47 -0.14 4.29 -7.63
CA THR A 47 1.11 4.93 -8.08
C THR A 47 0.84 6.36 -8.62
N LYS A 48 1.91 7.07 -9.06
CA LYS A 48 1.81 8.45 -9.58
C LYS A 48 1.06 8.52 -10.92
N MET A 49 1.08 7.39 -11.66
CA MET A 49 0.28 7.21 -12.89
C MET A 49 -1.11 6.59 -12.55
N LYS A 50 -1.44 6.58 -11.24
CA LYS A 50 -2.72 6.08 -10.67
C LYS A 50 -2.98 4.60 -11.01
N LYS A 51 -1.89 3.86 -11.31
CA LYS A 51 -1.96 2.43 -11.60
C LYS A 51 -2.18 1.71 -10.25
N VAL A 52 -3.26 0.94 -10.18
CA VAL A 52 -3.71 0.24 -8.98
C VAL A 52 -3.06 -1.14 -8.93
N ILE A 53 -2.30 -1.41 -7.85
CA ILE A 53 -1.64 -2.71 -7.64
C ILE A 53 -2.06 -3.25 -6.26
N CYS A 54 -2.14 -4.57 -6.15
CA CYS A 54 -2.42 -5.25 -4.87
C CYS A 54 -1.31 -6.30 -4.66
N VAL A 55 -0.55 -6.14 -3.57
CA VAL A 55 0.63 -6.96 -3.27
C VAL A 55 0.48 -7.61 -1.89
N ASN A 56 1.31 -8.63 -1.63
CA ASN A 56 1.38 -9.31 -0.33
C ASN A 56 2.04 -8.38 0.72
N PRO A 57 1.62 -8.47 2.03
CA PRO A 57 2.23 -7.65 3.13
C PRO A 57 3.72 -7.95 3.40
N ARG A 58 4.23 -9.03 2.76
CA ARG A 58 5.63 -9.45 2.87
C ARG A 58 6.40 -9.25 1.54
N ALA A 59 5.95 -8.30 0.71
CA ALA A 59 6.73 -7.85 -0.46
C ALA A 59 7.97 -7.05 0.04
N LYS A 60 9.17 -7.39 -0.48
CA LYS A 60 10.47 -6.93 0.06
C LYS A 60 10.64 -5.39 0.01
N TRP A 61 10.33 -4.79 -1.17
CA TRP A 61 10.42 -3.32 -1.36
C TRP A 61 9.34 -2.57 -0.55
N LEU A 62 8.22 -3.27 -0.23
CA LEU A 62 7.15 -2.72 0.61
C LEU A 62 7.64 -2.54 2.06
N GLN A 63 8.55 -3.42 2.50
CA GLN A 63 9.16 -3.34 3.85
C GLN A 63 10.00 -2.04 4.03
N ARG A 64 10.46 -1.46 2.89
CA ARG A 64 11.10 -0.13 2.86
C ARG A 64 10.05 0.97 3.13
N LEU A 65 8.84 0.79 2.55
CA LEU A 65 7.71 1.75 2.70
C LEU A 65 7.14 1.68 4.14
N LEU A 66 7.15 0.46 4.70
CA LEU A 66 6.71 0.20 6.09
C LEU A 66 7.74 0.78 7.07
N ARG A 67 9.04 0.66 6.71
CA ARG A 67 10.16 1.25 7.47
C ARG A 67 10.06 2.79 7.45
N HIS A 68 9.67 3.32 6.28
CA HIS A 68 9.58 4.77 6.01
C HIS A 68 8.59 5.47 6.97
N VAL A 69 7.46 4.80 7.23
CA VAL A 69 6.35 5.39 8.02
C VAL A 69 6.54 5.19 9.54
N GLN A 70 7.46 4.29 9.94
CA GLN A 70 7.69 3.97 11.37
C GLN A 70 9.02 4.58 11.89
N SER A 71 9.99 4.83 10.99
CA SER A 71 11.35 5.31 11.36
C SER A 71 11.70 6.58 10.56
N LYS A 72 13.03 6.88 10.45
CA LYS A 72 13.55 8.05 9.70
C LYS A 72 13.15 8.02 8.21
N SER A 73 13.27 9.20 7.56
CA SER A 73 12.80 9.40 6.17
C SER A 73 13.72 10.37 5.42
N LEU A 74 13.77 10.23 4.09
CA LEU A 74 14.53 11.13 3.20
C LEU A 74 13.67 12.36 2.88
N SER A 75 13.99 13.49 3.53
CA SER A 75 13.33 14.78 3.31
C SER A 75 13.74 15.36 1.95
N SER A 76 12.77 15.46 1.02
CA SER A 76 12.99 16.03 -0.31
C SER A 76 13.07 17.58 -0.23
N THR A 77 13.64 18.19 -1.27
CA THR A 77 13.84 19.65 -1.37
C THR A 77 12.48 20.40 -1.35
N PRO A 78 12.31 21.49 -0.51
CA PRO A 78 11.01 22.16 -0.29
C PRO A 78 10.38 22.65 -1.62
N GLN A 79 9.36 21.92 -2.06
CA GLN A 79 8.68 22.13 -3.34
C GLN A 79 7.47 23.08 -3.15
N ALA A 80 7.44 24.14 -3.95
CA ALA A 80 6.38 25.16 -3.90
C ALA A 80 5.65 25.20 -5.27
N PRO A 81 4.37 24.68 -5.34
CA PRO A 81 3.52 24.83 -6.56
C PRO A 81 3.28 26.32 -6.93
N VAL A 82 3.07 26.59 -8.22
CA VAL A 82 2.89 27.96 -8.74
C VAL A 82 1.43 28.37 -8.59
N SER A 83 1.19 29.50 -7.91
CA SER A 83 -0.16 30.04 -7.72
C SER A 83 -0.62 30.76 -8.99
N LYS A 84 -1.96 30.91 -9.16
CA LYS A 84 -2.57 31.53 -10.35
C LYS A 84 -2.08 32.98 -10.48
N ARG A 85 -1.46 33.31 -11.64
CA ARG A 85 -0.88 34.64 -11.92
C ARG A 85 -1.92 35.75 -11.69
N ARG A 86 -1.55 36.70 -10.82
CA ARG A 86 -2.46 37.74 -10.33
C ARG A 86 -2.03 39.10 -10.89
N ALA A 87 -2.86 39.66 -11.79
CA ALA A 87 -2.68 41.02 -12.32
C ALA A 87 -2.99 42.04 -11.21
N ALA A 88 -1.99 42.27 -10.34
CA ALA A 88 -2.13 43.02 -9.08
C ALA A 88 -1.06 44.14 -9.00
N ILE A 1 -29.44 -21.95 -16.45
CA ILE A 1 -29.39 -21.95 -14.97
C ILE A 1 -28.71 -20.67 -14.46
N LEU A 2 -29.18 -20.19 -13.30
CA LEU A 2 -28.65 -18.98 -12.63
C LEU A 2 -28.97 -19.09 -11.13
N GLU A 3 -27.96 -18.87 -10.29
CA GLU A 3 -28.08 -18.97 -8.83
C GLU A 3 -28.74 -17.70 -8.27
N ALA A 4 -29.32 -17.82 -7.07
CA ALA A 4 -29.98 -16.71 -6.37
C ALA A 4 -28.95 -15.87 -5.61
N HIS A 5 -28.09 -15.17 -6.36
CA HIS A 5 -27.09 -14.23 -5.83
C HIS A 5 -27.63 -12.81 -5.98
N TYR A 6 -27.75 -12.10 -4.85
CA TYR A 6 -28.19 -10.70 -4.82
C TYR A 6 -26.99 -9.77 -4.75
N THR A 7 -25.96 -10.19 -3.99
CA THR A 7 -24.80 -9.37 -3.66
C THR A 7 -23.55 -10.26 -3.48
N ASN A 8 -22.40 -9.72 -3.91
CA ASN A 8 -21.09 -10.36 -3.82
C ASN A 8 -20.13 -9.39 -3.12
N LEU A 9 -19.64 -9.75 -1.92
CA LEU A 9 -18.65 -8.93 -1.19
C LEU A 9 -17.26 -9.61 -1.18
N LYS A 10 -16.24 -8.78 -1.44
CA LYS A 10 -14.81 -9.12 -1.37
C LYS A 10 -14.00 -7.87 -1.75
N CYS A 11 -12.67 -7.96 -1.62
CA CYS A 11 -11.74 -6.87 -1.92
C CYS A 11 -11.47 -6.82 -3.43
N ARG A 12 -11.77 -5.68 -4.08
CA ARG A 12 -11.49 -5.46 -5.50
C ARG A 12 -10.01 -5.12 -5.66
N CYS A 13 -9.37 -5.70 -6.68
CA CYS A 13 -7.92 -5.65 -6.88
C CYS A 13 -7.58 -5.58 -8.37
N SER A 14 -6.47 -4.89 -8.68
CA SER A 14 -5.93 -4.76 -10.04
C SER A 14 -5.06 -5.99 -10.39
N GLY A 15 -4.48 -6.58 -9.35
CA GLY A 15 -3.50 -7.66 -9.47
C GLY A 15 -2.18 -7.23 -8.85
N VAL A 16 -1.20 -8.16 -8.80
CA VAL A 16 0.07 -7.92 -8.10
C VAL A 16 1.19 -7.60 -9.11
N ILE A 17 2.15 -6.76 -8.68
CA ILE A 17 3.30 -6.37 -9.51
C ILE A 17 4.39 -7.47 -9.43
N SER A 18 4.91 -7.87 -10.61
CA SER A 18 6.06 -8.78 -10.73
C SER A 18 7.37 -7.98 -10.66
N THR A 19 7.44 -6.89 -11.43
CA THR A 19 8.57 -5.97 -11.46
C THR A 19 8.43 -4.96 -10.31
N VAL A 20 9.44 -4.91 -9.41
CA VAL A 20 9.45 -4.02 -8.24
C VAL A 20 9.22 -2.53 -8.64
N VAL A 21 8.06 -1.99 -8.22
CA VAL A 21 7.68 -0.60 -8.49
C VAL A 21 8.53 0.37 -7.62
N GLY A 22 8.93 1.52 -8.19
CA GLY A 22 9.80 2.48 -7.53
C GLY A 22 9.12 3.14 -6.33
N LEU A 23 9.84 3.15 -5.19
CA LEU A 23 9.38 3.78 -3.92
C LEU A 23 9.05 5.28 -4.16
N ASN A 24 9.81 5.89 -5.07
CA ASN A 24 9.67 7.30 -5.45
C ASN A 24 8.34 7.55 -6.20
N ILE A 25 7.87 6.57 -7.00
CA ILE A 25 6.64 6.75 -7.83
C ILE A 25 5.40 6.17 -7.11
N ILE A 26 5.51 5.95 -5.79
CA ILE A 26 4.36 5.65 -4.92
C ILE A 26 3.64 6.97 -4.57
N ASP A 27 2.30 7.01 -4.77
CA ASP A 27 1.46 8.18 -4.48
C ASP A 27 0.83 8.06 -3.10
N ARG A 28 0.11 6.95 -2.87
CA ARG A 28 -0.69 6.74 -1.64
C ARG A 28 -0.87 5.23 -1.41
N ILE A 29 -0.84 4.82 -0.13
CA ILE A 29 -1.00 3.43 0.30
C ILE A 29 -2.37 3.27 1.00
N GLN A 30 -3.08 2.18 0.70
CA GLN A 30 -4.32 1.79 1.41
C GLN A 30 -4.27 0.26 1.68
N VAL A 31 -4.15 -0.10 2.97
CA VAL A 31 -4.04 -1.50 3.39
C VAL A 31 -5.44 -2.06 3.66
N THR A 32 -5.80 -3.15 2.96
CA THR A 32 -7.05 -3.89 3.18
C THR A 32 -6.83 -4.96 4.28
N PRO A 33 -7.46 -4.78 5.50
CA PRO A 33 -7.28 -5.70 6.65
C PRO A 33 -7.97 -7.08 6.44
N PRO A 34 -7.47 -8.18 7.12
CA PRO A 34 -8.09 -9.52 7.00
C PRO A 34 -9.40 -9.62 7.79
N GLY A 35 -10.19 -10.69 7.50
CA GLY A 35 -11.51 -10.89 8.10
C GLY A 35 -12.61 -10.09 7.39
N ASN A 36 -12.39 -8.77 7.25
CA ASN A 36 -13.35 -7.83 6.65
C ASN A 36 -13.49 -8.09 5.13
N GLY A 37 -14.44 -8.99 4.78
CA GLY A 37 -14.78 -9.33 3.38
C GLY A 37 -13.77 -10.27 2.70
N CYS A 38 -12.55 -10.37 3.24
CA CYS A 38 -11.45 -11.21 2.71
C CYS A 38 -10.71 -11.89 3.87
N PRO A 39 -10.43 -13.23 3.81
CA PRO A 39 -9.66 -13.95 4.86
C PRO A 39 -8.14 -13.65 4.78
N LYS A 40 -7.72 -12.97 3.69
CA LYS A 40 -6.31 -12.65 3.42
C LYS A 40 -6.12 -11.13 3.41
N THR A 41 -5.01 -10.67 4.03
CA THR A 41 -4.58 -9.28 4.00
C THR A 41 -4.09 -8.92 2.58
N GLU A 42 -4.46 -7.74 2.11
CA GLU A 42 -4.02 -7.20 0.80
C GLU A 42 -3.57 -5.76 0.99
N VAL A 43 -2.56 -5.32 0.24
CA VAL A 43 -2.05 -3.94 0.30
C VAL A 43 -2.17 -3.31 -1.09
N VAL A 44 -3.19 -2.45 -1.25
CA VAL A 44 -3.49 -1.79 -2.52
C VAL A 44 -2.79 -0.42 -2.52
N ILE A 45 -1.96 -0.16 -3.53
CA ILE A 45 -1.20 1.10 -3.63
C ILE A 45 -1.59 1.84 -4.95
N TRP A 46 -1.78 3.16 -4.86
CA TRP A 46 -1.87 4.06 -6.02
C TRP A 46 -0.47 4.58 -6.33
N THR A 47 -0.08 4.53 -7.61
CA THR A 47 1.18 5.13 -8.10
C THR A 47 0.95 6.62 -8.46
N LYS A 48 2.03 7.35 -8.76
CA LYS A 48 1.95 8.77 -9.22
C LYS A 48 1.48 8.86 -10.69
N MET A 49 1.38 7.71 -11.35
CA MET A 49 0.70 7.56 -12.65
C MET A 49 -0.83 7.40 -12.43
N LYS A 50 -1.22 7.26 -11.13
CA LYS A 50 -2.60 7.02 -10.64
C LYS A 50 -3.10 5.65 -11.10
N LYS A 51 -2.12 4.75 -11.37
CA LYS A 51 -2.38 3.37 -11.73
C LYS A 51 -2.57 2.58 -10.41
N VAL A 52 -3.70 1.88 -10.32
CA VAL A 52 -4.07 1.05 -9.16
C VAL A 52 -3.30 -0.25 -9.24
N ILE A 53 -2.52 -0.57 -8.20
CA ILE A 53 -1.80 -1.85 -8.09
C ILE A 53 -2.15 -2.49 -6.74
N CYS A 54 -2.01 -3.80 -6.67
CA CYS A 54 -1.99 -4.56 -5.42
C CYS A 54 -0.56 -5.11 -5.25
N VAL A 55 -0.11 -5.29 -4.01
CA VAL A 55 1.19 -5.91 -3.69
C VAL A 55 0.96 -6.92 -2.55
N ASN A 56 1.47 -8.15 -2.74
CA ASN A 56 1.41 -9.21 -1.72
C ASN A 56 2.04 -8.69 -0.39
N PRO A 57 1.34 -8.84 0.78
CA PRO A 57 1.81 -8.27 2.08
C PRO A 57 3.15 -8.87 2.57
N ARG A 58 3.59 -10.01 1.97
CA ARG A 58 4.90 -10.64 2.29
C ARG A 58 6.05 -10.03 1.44
N ALA A 59 5.74 -8.99 0.62
CA ALA A 59 6.74 -8.28 -0.20
C ALA A 59 7.83 -7.66 0.71
N LYS A 60 9.07 -8.08 0.48
CA LYS A 60 10.23 -7.77 1.34
C LYS A 60 10.61 -6.28 1.31
N TRP A 61 10.35 -5.65 0.15
CA TRP A 61 10.64 -4.23 -0.10
C TRP A 61 9.55 -3.31 0.52
N LEU A 62 8.33 -3.87 0.73
CA LEU A 62 7.18 -3.14 1.35
C LEU A 62 7.52 -2.69 2.79
N GLN A 63 8.43 -3.42 3.45
CA GLN A 63 8.91 -3.12 4.81
C GLN A 63 9.51 -1.71 4.88
N ARG A 64 10.20 -1.28 3.80
CA ARG A 64 10.81 0.06 3.71
C ARG A 64 9.74 1.16 3.63
N LEU A 65 8.60 0.83 2.97
CA LEU A 65 7.47 1.75 2.83
C LEU A 65 6.78 1.93 4.19
N LEU A 66 6.63 0.81 4.93
CA LEU A 66 6.04 0.79 6.29
C LEU A 66 6.94 1.56 7.29
N ARG A 67 8.28 1.40 7.11
CA ARG A 67 9.30 2.15 7.88
C ARG A 67 9.20 3.66 7.59
N HIS A 68 8.85 4.02 6.33
CA HIS A 68 8.66 5.43 5.91
C HIS A 68 7.36 6.01 6.53
N VAL A 69 6.33 5.14 6.68
CA VAL A 69 5.05 5.52 7.33
C VAL A 69 5.27 5.67 8.86
N GLN A 70 6.24 4.90 9.38
CA GLN A 70 6.73 5.04 10.77
C GLN A 70 7.55 6.33 10.86
N SER A 71 6.86 7.43 11.19
CA SER A 71 7.38 8.81 11.14
C SER A 71 7.60 9.37 12.55
N LYS A 72 8.12 10.61 12.65
CA LYS A 72 8.32 11.32 13.91
C LYS A 72 6.96 11.79 14.46
N SER A 73 6.85 11.90 15.79
CA SER A 73 5.66 12.38 16.50
C SER A 73 5.43 13.90 16.27
N LEU A 74 4.92 14.22 15.07
CA LEU A 74 4.56 15.59 14.66
C LEU A 74 3.26 15.98 15.37
N SER A 75 3.23 17.18 15.98
CA SER A 75 2.06 17.70 16.70
C SER A 75 0.90 17.96 15.70
N SER A 76 0.07 16.93 15.50
CA SER A 76 -1.07 16.94 14.58
C SER A 76 -2.11 17.99 15.02
N THR A 77 -2.28 19.05 14.20
CA THR A 77 -3.27 20.11 14.43
C THR A 77 -4.66 19.59 13.98
N PRO A 78 -5.79 19.91 14.72
CA PRO A 78 -7.18 19.62 14.24
C PRO A 78 -7.48 20.29 12.88
N GLN A 79 -7.07 19.61 11.80
CA GLN A 79 -7.28 20.08 10.41
C GLN A 79 -8.73 19.83 9.96
N ALA A 80 -9.41 18.91 10.65
CA ALA A 80 -10.83 18.63 10.43
C ALA A 80 -11.68 19.78 10.99
N PRO A 81 -12.81 20.18 10.32
CA PRO A 81 -13.67 21.29 10.79
C PRO A 81 -14.55 20.89 11.99
N VAL A 82 -14.87 21.86 12.86
CA VAL A 82 -15.81 21.68 13.98
C VAL A 82 -17.15 22.31 13.59
N SER A 83 -18.17 21.47 13.36
CA SER A 83 -19.48 21.88 12.80
C SER A 83 -20.62 21.19 13.57
N LYS A 84 -21.86 21.66 13.33
CA LYS A 84 -23.06 21.17 14.04
C LYS A 84 -23.37 19.71 13.70
N ARG A 85 -23.56 18.91 14.75
CA ARG A 85 -23.87 17.48 14.67
C ARG A 85 -25.21 17.24 15.38
N ARG A 86 -26.31 17.16 14.60
CA ARG A 86 -27.65 16.82 15.13
C ARG A 86 -27.68 15.33 15.48
N ALA A 87 -27.05 14.53 14.62
CA ALA A 87 -26.84 13.09 14.80
C ALA A 87 -25.53 12.83 15.56
N ALA A 88 -25.38 11.60 16.08
CA ALA A 88 -24.17 11.14 16.79
C ALA A 88 -24.16 9.59 16.81
N ILE A 1 -25.76 -13.12 -21.81
CA ILE A 1 -24.55 -12.80 -21.02
C ILE A 1 -24.39 -13.88 -19.95
N LEU A 2 -23.17 -14.44 -19.82
CA LEU A 2 -22.82 -15.43 -18.79
C LEU A 2 -22.03 -14.74 -17.68
N GLU A 3 -22.50 -14.85 -16.43
CA GLU A 3 -21.88 -14.19 -15.27
C GLU A 3 -20.68 -15.00 -14.77
N ALA A 4 -19.56 -14.30 -14.48
CA ALA A 4 -18.30 -14.89 -14.04
C ALA A 4 -18.46 -15.68 -12.74
N HIS A 5 -18.63 -17.02 -12.87
CA HIS A 5 -18.82 -17.93 -11.72
C HIS A 5 -17.51 -17.95 -10.89
N TYR A 6 -17.63 -17.63 -9.59
CA TYR A 6 -16.47 -17.51 -8.70
C TYR A 6 -15.97 -18.91 -8.33
N THR A 7 -14.64 -19.06 -8.30
CA THR A 7 -13.99 -20.32 -7.96
C THR A 7 -13.89 -20.50 -6.44
N ASN A 8 -13.81 -21.77 -5.99
CA ASN A 8 -13.61 -22.12 -4.55
C ASN A 8 -12.16 -21.85 -4.09
N LEU A 9 -11.31 -21.44 -5.04
CA LEU A 9 -9.92 -21.04 -4.79
C LEU A 9 -9.84 -19.81 -3.87
N LYS A 10 -8.75 -19.73 -3.08
CA LYS A 10 -8.43 -18.58 -2.24
C LYS A 10 -8.41 -17.28 -3.08
N CYS A 11 -9.09 -16.25 -2.56
CA CYS A 11 -9.40 -15.00 -3.29
C CYS A 11 -8.12 -14.18 -3.56
N ARG A 12 -8.02 -13.67 -4.81
CA ARG A 12 -6.94 -12.78 -5.26
C ARG A 12 -7.36 -11.31 -5.06
N CYS A 13 -6.38 -10.40 -5.05
CA CYS A 13 -6.64 -8.96 -5.17
C CYS A 13 -6.50 -8.58 -6.65
N SER A 14 -7.59 -8.05 -7.25
CA SER A 14 -7.69 -7.83 -8.69
C SER A 14 -6.80 -6.64 -9.14
N GLY A 15 -5.56 -6.95 -9.58
CA GLY A 15 -4.62 -5.94 -10.08
C GLY A 15 -3.33 -5.94 -9.29
N VAL A 16 -2.56 -7.02 -9.41
CA VAL A 16 -1.25 -7.20 -8.71
C VAL A 16 -0.08 -6.99 -9.68
N ILE A 17 1.14 -6.92 -9.11
CA ILE A 17 2.38 -6.68 -9.90
C ILE A 17 3.38 -7.85 -9.69
N SER A 18 4.16 -8.14 -10.73
CA SER A 18 5.25 -9.14 -10.70
C SER A 18 6.64 -8.43 -10.75
N THR A 19 6.65 -7.13 -10.46
CA THR A 19 7.88 -6.31 -10.38
C THR A 19 7.74 -5.29 -9.25
N VAL A 20 8.87 -4.90 -8.64
CA VAL A 20 8.90 -3.75 -7.72
C VAL A 20 8.54 -2.47 -8.51
N VAL A 21 7.60 -1.68 -7.97
CA VAL A 21 7.23 -0.39 -8.56
C VAL A 21 8.25 0.68 -8.07
N GLY A 22 8.52 1.67 -8.94
CA GLY A 22 9.44 2.77 -8.61
C GLY A 22 9.06 3.49 -7.33
N LEU A 23 9.98 3.47 -6.35
CA LEU A 23 9.76 4.07 -5.02
C LEU A 23 9.51 5.58 -5.15
N ASN A 24 10.17 6.21 -6.14
CA ASN A 24 10.04 7.64 -6.43
C ASN A 24 8.61 8.00 -6.87
N ILE A 25 7.91 7.06 -7.55
CA ILE A 25 6.57 7.33 -8.11
C ILE A 25 5.44 6.82 -7.19
N ILE A 26 5.77 6.51 -5.92
CA ILE A 26 4.75 6.24 -4.88
C ILE A 26 4.06 7.57 -4.51
N ASP A 27 2.72 7.62 -4.65
CA ASP A 27 1.91 8.77 -4.23
C ASP A 27 1.45 8.56 -2.78
N ARG A 28 0.78 7.42 -2.55
CA ARG A 28 0.14 7.12 -1.26
C ARG A 28 -0.13 5.61 -1.13
N ILE A 29 0.16 5.04 0.05
CA ILE A 29 -0.12 3.64 0.37
C ILE A 29 -1.28 3.60 1.39
N GLN A 30 -2.45 3.15 0.93
CA GLN A 30 -3.63 2.93 1.77
C GLN A 30 -3.76 1.43 2.04
N VAL A 31 -3.61 1.02 3.32
CA VAL A 31 -3.86 -0.36 3.73
C VAL A 31 -5.37 -0.49 4.04
N THR A 32 -6.03 -1.42 3.33
CA THR A 32 -7.49 -1.63 3.44
C THR A 32 -7.77 -2.92 4.23
N PRO A 33 -8.61 -2.85 5.32
CA PRO A 33 -9.05 -4.06 6.08
C PRO A 33 -9.83 -5.07 5.17
N PRO A 34 -9.81 -6.41 5.51
CA PRO A 34 -10.48 -7.46 4.69
C PRO A 34 -11.97 -7.16 4.39
N GLY A 35 -12.21 -6.53 3.24
CA GLY A 35 -13.56 -6.26 2.72
C GLY A 35 -13.77 -6.89 1.37
N ASN A 36 -12.87 -7.83 1.00
CA ASN A 36 -12.91 -8.57 -0.28
C ASN A 36 -14.05 -9.63 -0.27
N GLY A 37 -14.59 -9.91 0.93
CA GLY A 37 -15.52 -11.03 1.17
C GLY A 37 -14.84 -12.18 1.88
N CYS A 38 -13.50 -12.14 1.90
CA CYS A 38 -12.63 -13.19 2.43
C CYS A 38 -11.58 -12.54 3.36
N PRO A 39 -10.98 -13.30 4.34
CA PRO A 39 -9.94 -12.78 5.26
C PRO A 39 -8.61 -12.46 4.53
N LYS A 40 -8.57 -11.26 3.91
CA LYS A 40 -7.40 -10.79 3.13
C LYS A 40 -7.21 -9.28 3.33
N THR A 41 -6.04 -8.87 3.83
CA THR A 41 -5.68 -7.45 3.96
C THR A 41 -5.24 -6.94 2.58
N GLU A 42 -6.02 -6.01 2.03
CA GLU A 42 -5.82 -5.51 0.67
C GLU A 42 -4.97 -4.23 0.74
N VAL A 43 -3.69 -4.32 0.29
CA VAL A 43 -2.78 -3.16 0.34
C VAL A 43 -2.86 -2.43 -1.00
N VAL A 44 -3.60 -1.32 -1.01
CA VAL A 44 -3.88 -0.53 -2.20
C VAL A 44 -2.88 0.64 -2.28
N ILE A 45 -1.94 0.54 -3.24
CA ILE A 45 -0.92 1.56 -3.46
C ILE A 45 -1.27 2.38 -4.71
N TRP A 46 -1.43 3.69 -4.54
CA TRP A 46 -1.62 4.64 -5.63
C TRP A 46 -0.27 5.24 -6.02
N THR A 47 0.02 5.26 -7.33
CA THR A 47 1.22 5.91 -7.89
C THR A 47 0.91 7.38 -8.24
N LYS A 48 1.97 8.15 -8.55
CA LYS A 48 1.86 9.56 -8.97
C LYS A 48 1.31 9.66 -10.40
N MET A 49 1.36 8.55 -11.15
CA MET A 49 0.67 8.39 -12.44
C MET A 49 -0.83 8.07 -12.23
N LYS A 50 -1.29 8.13 -10.95
CA LYS A 50 -2.70 7.89 -10.55
C LYS A 50 -3.15 6.44 -10.81
N LYS A 51 -2.15 5.55 -11.01
CA LYS A 51 -2.39 4.17 -11.40
C LYS A 51 -2.50 3.32 -10.13
N VAL A 52 -3.57 2.51 -10.07
CA VAL A 52 -3.88 1.64 -8.93
C VAL A 52 -3.14 0.31 -9.07
N ILE A 53 -2.41 -0.08 -8.01
CA ILE A 53 -1.85 -1.43 -7.86
C ILE A 53 -2.27 -1.96 -6.48
N CYS A 54 -2.29 -3.28 -6.34
CA CYS A 54 -2.59 -3.96 -5.09
C CYS A 54 -1.57 -5.05 -4.85
N VAL A 55 -1.07 -5.14 -3.62
CA VAL A 55 -0.15 -6.21 -3.19
C VAL A 55 -0.65 -6.84 -1.90
N ASN A 56 -0.10 -8.01 -1.61
CA ASN A 56 -0.27 -8.68 -0.32
C ASN A 56 0.79 -8.15 0.65
N PRO A 57 0.48 -8.03 1.99
CA PRO A 57 1.42 -7.45 2.99
C PRO A 57 2.71 -8.27 3.19
N ARG A 58 2.74 -9.50 2.63
CA ARG A 58 3.91 -10.40 2.72
C ARG A 58 5.05 -9.94 1.79
N ALA A 59 4.75 -9.00 0.86
CA ALA A 59 5.72 -8.40 -0.07
C ALA A 59 6.91 -7.79 0.71
N LYS A 60 8.11 -8.36 0.50
CA LYS A 60 9.32 -8.03 1.26
C LYS A 60 9.81 -6.59 1.00
N TRP A 61 9.58 -6.09 -0.23
CA TRP A 61 9.98 -4.73 -0.63
C TRP A 61 9.10 -3.66 0.06
N LEU A 62 7.85 -4.05 0.43
CA LEU A 62 6.87 -3.16 1.08
C LEU A 62 7.35 -2.75 2.48
N GLN A 63 8.13 -3.66 3.14
CA GLN A 63 8.73 -3.42 4.47
C GLN A 63 9.66 -2.20 4.46
N ARG A 64 10.24 -1.89 3.27
CA ARG A 64 11.12 -0.72 3.08
C ARG A 64 10.32 0.58 3.34
N LEU A 65 9.12 0.65 2.73
CA LEU A 65 8.25 1.83 2.81
C LEU A 65 7.68 1.97 4.24
N LEU A 66 7.19 0.85 4.79
CA LEU A 66 6.58 0.80 6.14
C LEU A 66 7.58 1.23 7.22
N ARG A 67 8.81 0.70 7.14
CA ARG A 67 9.88 0.96 8.11
C ARG A 67 10.55 2.33 7.86
N HIS A 68 10.36 2.88 6.63
CA HIS A 68 10.77 4.27 6.32
C HIS A 68 9.83 5.28 7.01
N VAL A 69 8.54 4.89 7.20
CA VAL A 69 7.55 5.72 7.92
C VAL A 69 7.92 5.80 9.42
N GLN A 70 8.69 4.79 9.90
CA GLN A 70 9.24 4.78 11.27
C GLN A 70 10.29 5.90 11.40
N SER A 71 9.80 7.10 11.70
CA SER A 71 10.60 8.34 11.80
C SER A 71 10.51 8.88 13.24
N LYS A 72 11.28 9.94 13.51
CA LYS A 72 11.29 10.61 14.83
C LYS A 72 10.05 11.50 15.01
N SER A 73 9.87 12.02 16.24
CA SER A 73 8.77 12.92 16.58
C SER A 73 8.92 14.28 15.86
N LEU A 74 8.42 14.32 14.62
CA LEU A 74 8.40 15.54 13.79
C LEU A 74 7.16 16.36 14.22
N SER A 75 7.34 17.14 15.30
CA SER A 75 6.28 17.93 15.92
C SER A 75 5.81 19.03 14.95
N SER A 76 4.71 18.75 14.26
CA SER A 76 4.00 19.72 13.41
C SER A 76 3.22 20.71 14.28
N THR A 77 2.87 21.86 13.68
CA THR A 77 2.06 22.89 14.34
C THR A 77 0.56 22.46 14.36
N PRO A 78 -0.25 22.91 15.37
CA PRO A 78 -1.73 22.70 15.37
C PRO A 78 -2.40 23.25 14.08
N GLN A 79 -3.49 22.60 13.65
CA GLN A 79 -4.22 22.96 12.42
C GLN A 79 -5.73 22.82 12.65
N ALA A 80 -6.47 23.87 12.28
CA ALA A 80 -7.94 23.88 12.33
C ALA A 80 -8.51 23.35 10.99
N PRO A 81 -9.37 22.29 11.01
CA PRO A 81 -10.14 21.86 9.80
C PRO A 81 -11.01 23.00 9.24
N VAL A 82 -10.58 23.53 8.07
CA VAL A 82 -11.33 24.57 7.33
C VAL A 82 -12.68 24.00 6.84
N SER A 83 -13.76 24.79 6.99
CA SER A 83 -15.13 24.39 6.58
C SER A 83 -16.08 25.61 6.58
N LYS A 84 -16.06 26.38 5.48
CA LYS A 84 -16.91 27.57 5.33
C LYS A 84 -18.29 27.18 4.78
N ARG A 85 -19.30 27.24 5.66
CA ARG A 85 -20.70 27.06 5.27
C ARG A 85 -21.17 28.31 4.50
N ARG A 86 -21.17 28.20 3.17
CA ARG A 86 -21.77 29.22 2.29
C ARG A 86 -23.30 29.14 2.43
N ALA A 87 -23.90 30.23 2.94
CA ALA A 87 -25.35 30.41 2.95
C ALA A 87 -25.81 30.56 1.49
N ALA A 88 -26.44 29.50 0.97
CA ALA A 88 -26.86 29.38 -0.44
C ALA A 88 -27.87 30.48 -0.81
N ILE A 1 -18.96 -17.42 -27.41
CA ILE A 1 -17.73 -17.98 -26.79
C ILE A 1 -18.10 -18.71 -25.49
N LEU A 2 -17.26 -19.68 -25.08
CA LEU A 2 -17.49 -20.48 -23.85
C LEU A 2 -17.13 -19.67 -22.58
N GLU A 3 -16.44 -18.53 -22.77
CA GLU A 3 -16.13 -17.59 -21.68
C GLU A 3 -17.42 -16.85 -21.26
N ALA A 4 -17.52 -16.56 -19.96
CA ALA A 4 -18.74 -16.01 -19.37
C ALA A 4 -18.39 -15.08 -18.19
N HIS A 5 -19.43 -14.53 -17.53
CA HIS A 5 -19.27 -13.61 -16.38
C HIS A 5 -18.71 -14.37 -15.16
N TYR A 6 -17.63 -13.80 -14.60
CA TYR A 6 -16.91 -14.34 -13.43
C TYR A 6 -17.13 -13.42 -12.21
N THR A 7 -17.54 -14.00 -11.08
CA THR A 7 -17.81 -13.26 -9.84
C THR A 7 -16.53 -13.15 -8.98
N ASN A 8 -16.00 -11.92 -8.83
CA ASN A 8 -14.75 -11.67 -8.07
C ASN A 8 -15.10 -11.28 -6.61
N LEU A 9 -15.84 -10.16 -6.45
CA LEU A 9 -16.39 -9.67 -5.15
C LEU A 9 -15.30 -9.53 -4.06
N LYS A 10 -14.36 -8.60 -4.29
CA LYS A 10 -13.26 -8.28 -3.36
C LYS A 10 -12.64 -6.93 -3.76
N CYS A 11 -11.54 -6.55 -3.08
CA CYS A 11 -10.69 -5.39 -3.45
C CYS A 11 -10.27 -5.51 -4.94
N ARG A 12 -10.31 -4.40 -5.71
CA ARG A 12 -9.95 -4.41 -7.14
C ARG A 12 -8.45 -4.78 -7.27
N CYS A 13 -8.17 -5.90 -7.94
CA CYS A 13 -6.84 -6.49 -8.05
C CYS A 13 -6.66 -7.11 -9.45
N SER A 14 -5.53 -6.81 -10.10
CA SER A 14 -5.15 -7.41 -11.38
C SER A 14 -4.04 -8.48 -11.10
N GLY A 15 -4.22 -9.22 -9.99
CA GLY A 15 -3.21 -10.14 -9.46
C GLY A 15 -2.19 -9.39 -8.59
N VAL A 16 -0.94 -9.89 -8.58
CA VAL A 16 0.20 -9.23 -7.88
C VAL A 16 1.13 -8.58 -8.90
N ILE A 17 2.09 -7.78 -8.41
CA ILE A 17 3.12 -7.15 -9.27
C ILE A 17 4.25 -8.14 -9.56
N SER A 18 4.87 -7.97 -10.72
CA SER A 18 6.10 -8.69 -11.12
C SER A 18 7.30 -7.74 -11.25
N THR A 19 7.12 -6.47 -10.83
CA THR A 19 8.15 -5.42 -10.91
C THR A 19 8.16 -4.62 -9.60
N VAL A 20 9.36 -4.45 -9.01
CA VAL A 20 9.54 -3.69 -7.76
C VAL A 20 9.21 -2.21 -8.03
N VAL A 21 8.12 -1.74 -7.40
CA VAL A 21 7.51 -0.43 -7.69
C VAL A 21 8.33 0.70 -7.04
N GLY A 22 8.70 1.69 -7.87
CA GLY A 22 9.56 2.80 -7.44
C GLY A 22 8.92 3.70 -6.38
N LEU A 23 9.72 4.09 -5.36
CA LEU A 23 9.26 4.93 -4.23
C LEU A 23 8.69 6.27 -4.74
N ASN A 24 9.31 6.80 -5.81
CA ASN A 24 8.93 8.08 -6.43
C ASN A 24 7.49 8.05 -6.97
N ILE A 25 7.05 6.89 -7.48
CA ILE A 25 5.70 6.76 -8.10
C ILE A 25 4.65 6.26 -7.09
N ILE A 26 5.08 5.92 -5.86
CA ILE A 26 4.14 5.60 -4.76
C ILE A 26 3.41 6.91 -4.33
N ASP A 27 2.08 6.97 -4.56
CA ASP A 27 1.25 8.11 -4.13
C ASP A 27 0.72 7.85 -2.72
N ARG A 28 0.09 6.68 -2.52
CA ARG A 28 -0.44 6.28 -1.20
C ARG A 28 -0.46 4.73 -1.08
N ILE A 29 -0.21 4.25 0.14
CA ILE A 29 -0.24 2.82 0.49
C ILE A 29 -1.47 2.57 1.37
N GLN A 30 -2.50 1.91 0.82
CA GLN A 30 -3.73 1.56 1.57
C GLN A 30 -3.66 0.07 1.95
N VAL A 31 -3.73 -0.21 3.25
CA VAL A 31 -3.69 -1.58 3.79
C VAL A 31 -5.13 -2.03 4.05
N THR A 32 -5.60 -3.04 3.28
CA THR A 32 -6.97 -3.58 3.43
C THR A 32 -6.95 -4.83 4.34
N PRO A 33 -7.44 -4.76 5.61
CA PRO A 33 -7.55 -5.95 6.48
C PRO A 33 -8.72 -6.89 6.03
N PRO A 34 -8.75 -8.18 6.50
CA PRO A 34 -9.83 -9.16 6.17
C PRO A 34 -11.25 -8.61 6.43
N GLY A 35 -11.91 -8.10 5.37
CA GLY A 35 -13.22 -7.45 5.51
C GLY A 35 -14.06 -7.55 4.24
N ASN A 36 -13.97 -6.52 3.37
CA ASN A 36 -14.86 -6.35 2.20
C ASN A 36 -14.44 -7.25 1.02
N GLY A 37 -14.83 -8.54 1.13
CA GLY A 37 -14.59 -9.55 0.09
C GLY A 37 -13.17 -10.11 0.05
N CYS A 38 -12.20 -9.37 0.61
CA CYS A 38 -10.81 -9.84 0.79
C CYS A 38 -10.70 -10.55 2.15
N PRO A 39 -10.45 -11.90 2.18
CA PRO A 39 -10.42 -12.68 3.43
C PRO A 39 -9.07 -12.61 4.17
N LYS A 40 -8.07 -11.97 3.53
CA LYS A 40 -6.74 -11.72 4.13
C LYS A 40 -6.38 -10.23 3.95
N THR A 41 -5.27 -9.81 4.59
CA THR A 41 -4.73 -8.46 4.47
C THR A 41 -4.08 -8.28 3.07
N GLU A 42 -4.64 -7.38 2.26
CA GLU A 42 -4.18 -7.10 0.89
C GLU A 42 -3.89 -5.59 0.78
N VAL A 43 -2.61 -5.25 0.57
CA VAL A 43 -2.17 -3.86 0.47
C VAL A 43 -2.42 -3.32 -0.95
N VAL A 44 -3.46 -2.49 -1.11
CA VAL A 44 -3.80 -1.84 -2.39
C VAL A 44 -3.10 -0.44 -2.45
N ILE A 45 -2.13 -0.32 -3.35
CA ILE A 45 -1.32 0.90 -3.50
C ILE A 45 -1.81 1.68 -4.74
N TRP A 46 -1.97 3.01 -4.57
CA TRP A 46 -2.21 3.94 -5.68
C TRP A 46 -0.87 4.56 -6.07
N THR A 47 -0.56 4.53 -7.38
CA THR A 47 0.58 5.29 -7.93
C THR A 47 0.16 6.74 -8.21
N LYS A 48 1.14 7.63 -8.50
CA LYS A 48 0.89 9.03 -8.95
C LYS A 48 0.18 9.03 -10.33
N MET A 49 0.34 7.92 -11.06
CA MET A 49 -0.34 7.65 -12.34
C MET A 49 -1.75 7.03 -12.10
N LYS A 50 -2.12 6.90 -10.80
CA LYS A 50 -3.46 6.50 -10.32
C LYS A 50 -3.83 5.08 -10.74
N LYS A 51 -2.81 4.20 -10.71
CA LYS A 51 -2.99 2.76 -10.90
C LYS A 51 -3.21 2.08 -9.54
N VAL A 52 -4.19 1.16 -9.49
CA VAL A 52 -4.50 0.36 -8.29
C VAL A 52 -3.82 -1.01 -8.43
N ILE A 53 -2.87 -1.31 -7.54
CA ILE A 53 -2.16 -2.62 -7.51
C ILE A 53 -2.42 -3.30 -6.16
N CYS A 54 -2.45 -4.65 -6.16
CA CYS A 54 -2.63 -5.44 -4.93
C CYS A 54 -1.37 -6.26 -4.66
N VAL A 55 -0.73 -6.00 -3.52
CA VAL A 55 0.48 -6.71 -3.06
C VAL A 55 0.28 -7.13 -1.60
N ASN A 56 0.98 -8.18 -1.18
CA ASN A 56 0.91 -8.69 0.19
C ASN A 56 1.74 -7.81 1.14
N PRO A 57 1.34 -7.65 2.45
CA PRO A 57 2.04 -6.78 3.43
C PRO A 57 3.49 -7.25 3.73
N ARG A 58 3.81 -8.49 3.33
CA ARG A 58 5.10 -9.14 3.63
C ARG A 58 5.99 -9.24 2.38
N ALA A 59 5.68 -8.41 1.35
CA ALA A 59 6.59 -8.21 0.21
C ALA A 59 7.84 -7.47 0.73
N LYS A 60 9.03 -8.08 0.52
CA LYS A 60 10.29 -7.68 1.17
C LYS A 60 10.62 -6.19 0.92
N TRP A 61 10.47 -5.73 -0.33
CA TRP A 61 10.72 -4.33 -0.71
C TRP A 61 9.73 -3.37 0.00
N LEU A 62 8.46 -3.82 0.13
CA LEU A 62 7.38 -3.03 0.73
C LEU A 62 7.62 -2.81 2.23
N GLN A 63 8.25 -3.79 2.90
CA GLN A 63 8.63 -3.70 4.33
C GLN A 63 9.47 -2.44 4.59
N ARG A 64 10.37 -2.13 3.65
CA ARG A 64 11.24 -0.93 3.72
C ARG A 64 10.39 0.35 3.61
N LEU A 65 9.35 0.31 2.76
CA LEU A 65 8.39 1.43 2.57
C LEU A 65 7.58 1.64 3.87
N LEU A 66 7.16 0.52 4.49
CA LEU A 66 6.35 0.51 5.72
C LEU A 66 7.18 0.96 6.94
N ARG A 67 8.52 0.78 6.85
CA ARG A 67 9.45 1.25 7.90
C ARG A 67 9.79 2.74 7.67
N HIS A 68 9.88 3.16 6.39
CA HIS A 68 10.22 4.56 6.01
C HIS A 68 9.03 5.51 6.22
N VAL A 69 7.79 4.97 6.23
CA VAL A 69 6.59 5.78 6.55
C VAL A 69 6.48 5.99 8.08
N GLN A 70 7.22 5.17 8.86
CA GLN A 70 7.43 5.40 10.31
C GLN A 70 8.48 6.52 10.46
N SER A 71 8.23 7.43 11.43
CA SER A 71 9.04 8.64 11.68
C SER A 71 8.96 9.56 10.42
N LYS A 72 7.74 9.60 9.83
CA LYS A 72 7.42 10.29 8.56
C LYS A 72 7.71 11.80 8.63
N SER A 73 7.44 12.40 9.80
CA SER A 73 7.73 13.82 10.08
C SER A 73 8.67 13.90 11.30
N LEU A 74 9.94 13.54 11.07
CA LEU A 74 11.03 13.68 12.05
C LEU A 74 11.76 15.00 11.77
N SER A 75 12.20 15.70 12.85
CA SER A 75 13.01 16.92 12.72
C SER A 75 14.32 16.60 11.97
N SER A 76 14.42 17.06 10.72
CA SER A 76 15.58 16.83 9.87
C SER A 76 16.77 17.65 10.39
N THR A 77 17.98 17.16 10.15
CA THR A 77 19.23 17.82 10.55
C THR A 77 19.56 18.97 9.56
N PRO A 78 20.36 20.01 9.97
CA PRO A 78 20.83 21.08 9.02
C PRO A 78 21.78 20.53 7.93
N GLN A 79 22.38 21.46 7.16
CA GLN A 79 23.28 21.13 6.03
C GLN A 79 24.49 22.09 6.03
N ALA A 80 24.87 22.58 7.24
CA ALA A 80 25.94 23.57 7.48
C ALA A 80 25.55 24.98 7.00
N PRO A 81 25.80 26.07 7.82
CA PRO A 81 25.42 27.47 7.46
C PRO A 81 26.19 28.00 6.23
N VAL A 82 25.87 29.25 5.80
CA VAL A 82 26.44 29.86 4.57
C VAL A 82 27.99 29.74 4.48
N SER A 83 28.44 28.86 3.56
CA SER A 83 29.85 28.58 3.29
C SER A 83 30.43 29.72 2.45
N LYS A 84 31.34 30.50 3.04
CA LYS A 84 31.95 31.67 2.38
C LYS A 84 32.99 31.20 1.35
N ARG A 85 32.56 31.21 0.08
CA ARG A 85 33.42 30.85 -1.07
C ARG A 85 34.50 31.94 -1.27
N ARG A 86 35.69 31.52 -1.73
CA ARG A 86 36.82 32.42 -1.98
C ARG A 86 36.47 33.39 -3.13
N ALA A 87 36.10 34.63 -2.77
CA ALA A 87 35.85 35.72 -3.72
C ALA A 87 37.17 36.44 -4.05
N ALA A 88 37.12 37.41 -4.97
CA ALA A 88 38.30 38.16 -5.42
C ALA A 88 37.90 39.63 -5.73
N ILE A 1 -24.06 -19.34 -11.36
CA ILE A 1 -22.62 -19.43 -11.69
C ILE A 1 -22.08 -18.14 -12.35
N LEU A 2 -22.91 -17.07 -12.37
CA LEU A 2 -22.56 -15.77 -12.99
C LEU A 2 -21.45 -15.07 -12.16
N GLU A 3 -20.21 -15.15 -12.67
CA GLU A 3 -19.04 -14.40 -12.14
C GLU A 3 -19.34 -12.88 -12.02
N ALA A 4 -19.02 -12.30 -10.85
CA ALA A 4 -19.37 -10.91 -10.52
C ALA A 4 -18.35 -9.92 -11.12
N HIS A 5 -18.86 -8.84 -11.74
CA HIS A 5 -18.04 -7.79 -12.36
C HIS A 5 -18.30 -6.45 -11.66
N TYR A 6 -19.57 -6.01 -11.68
CA TYR A 6 -20.00 -4.73 -11.07
C TYR A 6 -19.85 -4.79 -9.54
N THR A 7 -20.34 -5.89 -8.95
CA THR A 7 -20.07 -6.22 -7.54
C THR A 7 -18.71 -6.93 -7.47
N ASN A 8 -17.90 -6.56 -6.46
CA ASN A 8 -16.69 -7.29 -6.11
C ASN A 8 -17.02 -8.29 -5.01
N LEU A 9 -17.07 -9.58 -5.39
CA LEU A 9 -17.32 -10.69 -4.47
C LEU A 9 -16.17 -10.78 -3.46
N LYS A 10 -14.94 -10.70 -3.98
CA LYS A 10 -13.72 -10.73 -3.17
C LYS A 10 -13.18 -9.30 -2.94
N CYS A 11 -12.17 -9.20 -2.07
CA CYS A 11 -11.48 -7.95 -1.73
C CYS A 11 -10.83 -7.31 -2.97
N ARG A 12 -10.74 -5.96 -2.96
CA ARG A 12 -10.25 -5.18 -4.10
C ARG A 12 -8.78 -5.50 -4.39
N CYS A 13 -8.54 -6.02 -5.59
CA CYS A 13 -7.23 -6.42 -6.07
C CYS A 13 -7.17 -6.15 -7.58
N SER A 14 -6.43 -5.11 -7.96
CA SER A 14 -6.34 -4.61 -9.35
C SER A 14 -5.25 -5.37 -10.15
N GLY A 15 -5.18 -6.70 -9.93
CA GLY A 15 -4.14 -7.55 -10.51
C GLY A 15 -2.78 -7.36 -9.82
N VAL A 16 -1.86 -8.28 -10.07
CA VAL A 16 -0.54 -8.28 -9.42
C VAL A 16 0.51 -7.68 -10.38
N ILE A 17 1.71 -7.40 -9.86
CA ILE A 17 2.80 -6.81 -10.64
C ILE A 17 4.01 -7.76 -10.65
N SER A 18 4.63 -7.90 -11.83
CA SER A 18 5.89 -8.63 -12.02
C SER A 18 7.09 -7.64 -12.01
N THR A 19 6.79 -6.36 -11.71
CA THR A 19 7.79 -5.29 -11.62
C THR A 19 7.81 -4.73 -10.20
N VAL A 20 9.00 -4.65 -9.58
CA VAL A 20 9.19 -3.95 -8.30
C VAL A 20 8.93 -2.43 -8.51
N VAL A 21 8.04 -1.86 -7.69
CA VAL A 21 7.61 -0.46 -7.83
C VAL A 21 8.62 0.48 -7.10
N GLY A 22 8.88 1.65 -7.71
CA GLY A 22 9.77 2.65 -7.14
C GLY A 22 9.10 3.48 -6.06
N LEU A 23 9.83 3.70 -4.93
CA LEU A 23 9.34 4.51 -3.79
C LEU A 23 9.01 5.94 -4.28
N ASN A 24 9.81 6.42 -5.26
CA ASN A 24 9.66 7.75 -5.87
C ASN A 24 8.29 7.92 -6.59
N ILE A 25 7.75 6.81 -7.17
CA ILE A 25 6.51 6.88 -7.98
C ILE A 25 5.25 6.47 -7.17
N ILE A 26 5.43 6.22 -5.85
CA ILE A 26 4.29 5.94 -4.93
C ILE A 26 3.54 7.25 -4.62
N ASP A 27 2.20 7.21 -4.55
CA ASP A 27 1.39 8.38 -4.11
C ASP A 27 0.79 8.09 -2.72
N ARG A 28 0.01 6.99 -2.62
CA ARG A 28 -0.63 6.55 -1.36
C ARG A 28 -0.68 5.01 -1.34
N ILE A 29 -0.51 4.43 -0.15
CA ILE A 29 -0.62 2.98 0.09
C ILE A 29 -1.92 2.71 0.86
N GLN A 30 -2.90 2.10 0.20
CA GLN A 30 -4.20 1.78 0.80
C GLN A 30 -4.14 0.35 1.36
N VAL A 31 -4.49 0.22 2.64
CA VAL A 31 -4.50 -1.06 3.35
C VAL A 31 -5.87 -1.21 4.05
N THR A 32 -6.70 -2.16 3.57
CA THR A 32 -8.04 -2.39 4.14
C THR A 32 -8.08 -3.79 4.81
N PRO A 33 -8.51 -3.88 6.11
CA PRO A 33 -8.57 -5.15 6.91
C PRO A 33 -9.28 -6.33 6.19
N PRO A 34 -8.93 -7.62 6.54
CA PRO A 34 -9.46 -8.83 5.85
C PRO A 34 -10.96 -9.10 6.13
N GLY A 35 -11.47 -10.22 5.58
CA GLY A 35 -12.86 -10.62 5.77
C GLY A 35 -13.80 -10.12 4.68
N ASN A 36 -13.25 -9.30 3.75
CA ASN A 36 -14.01 -8.75 2.62
C ASN A 36 -13.89 -9.73 1.43
N GLY A 37 -14.57 -10.89 1.53
CA GLY A 37 -14.55 -11.93 0.49
C GLY A 37 -13.27 -12.78 0.46
N CYS A 38 -12.21 -12.35 1.18
CA CYS A 38 -10.91 -13.06 1.24
C CYS A 38 -10.36 -13.02 2.69
N PRO A 39 -9.63 -14.10 3.16
CA PRO A 39 -9.03 -14.15 4.53
C PRO A 39 -7.76 -13.26 4.69
N LYS A 40 -7.26 -12.69 3.58
CA LYS A 40 -6.04 -11.82 3.59
C LYS A 40 -6.46 -10.34 3.56
N THR A 41 -5.62 -9.50 4.16
CA THR A 41 -5.73 -8.03 4.07
C THR A 41 -5.44 -7.58 2.62
N GLU A 42 -6.29 -6.68 2.07
CA GLU A 42 -6.09 -6.16 0.70
C GLU A 42 -5.17 -4.93 0.77
N VAL A 43 -4.02 -5.02 0.08
CA VAL A 43 -3.03 -3.93 0.00
C VAL A 43 -2.93 -3.50 -1.47
N VAL A 44 -3.54 -2.34 -1.77
CA VAL A 44 -3.53 -1.76 -3.12
C VAL A 44 -2.84 -0.37 -3.06
N ILE A 45 -1.68 -0.27 -3.72
CA ILE A 45 -0.89 0.97 -3.74
C ILE A 45 -1.25 1.78 -4.99
N TRP A 46 -1.71 3.01 -4.79
CA TRP A 46 -1.99 3.99 -5.83
C TRP A 46 -0.68 4.76 -6.12
N THR A 47 -0.23 4.75 -7.38
CA THR A 47 0.97 5.50 -7.80
C THR A 47 0.61 6.94 -8.21
N LYS A 48 1.64 7.73 -8.61
CA LYS A 48 1.46 9.15 -9.05
C LYS A 48 0.85 9.22 -10.47
N MET A 49 0.85 8.09 -11.19
CA MET A 49 0.11 7.92 -12.47
C MET A 49 -1.28 7.30 -12.22
N LYS A 50 -1.58 7.05 -10.92
CA LYS A 50 -2.84 6.43 -10.42
C LYS A 50 -3.02 4.98 -10.87
N LYS A 51 -1.89 4.31 -11.19
CA LYS A 51 -1.88 2.87 -11.42
C LYS A 51 -2.07 2.17 -10.07
N VAL A 52 -3.10 1.32 -9.99
CA VAL A 52 -3.45 0.59 -8.77
C VAL A 52 -2.82 -0.79 -8.86
N ILE A 53 -1.82 -1.04 -8.00
CA ILE A 53 -1.12 -2.33 -7.95
C ILE A 53 -1.60 -3.10 -6.72
N CYS A 54 -1.86 -4.40 -6.88
CA CYS A 54 -2.31 -5.28 -5.78
C CYS A 54 -1.14 -6.19 -5.39
N VAL A 55 -0.68 -6.05 -4.15
CA VAL A 55 0.53 -6.74 -3.65
C VAL A 55 0.23 -7.44 -2.32
N ASN A 56 1.12 -8.35 -1.93
CA ASN A 56 1.02 -9.09 -0.65
C ASN A 56 1.42 -8.15 0.51
N PRO A 57 0.71 -8.23 1.69
CA PRO A 57 1.06 -7.41 2.90
C PRO A 57 2.48 -7.71 3.43
N ARG A 58 2.99 -8.92 3.11
CA ARG A 58 4.32 -9.37 3.54
C ARG A 58 5.30 -9.37 2.36
N ALA A 59 5.09 -8.43 1.40
CA ALA A 59 6.08 -8.14 0.35
C ALA A 59 7.35 -7.52 1.01
N LYS A 60 8.53 -8.11 0.74
CA LYS A 60 9.79 -7.79 1.46
C LYS A 60 10.32 -6.37 1.15
N TRP A 61 10.04 -5.86 -0.07
CA TRP A 61 10.42 -4.48 -0.48
C TRP A 61 9.52 -3.41 0.19
N LEU A 62 8.30 -3.83 0.60
CA LEU A 62 7.31 -2.98 1.30
C LEU A 62 7.84 -2.59 2.70
N GLN A 63 8.79 -3.39 3.23
CA GLN A 63 9.49 -3.12 4.50
C GLN A 63 10.24 -1.76 4.45
N ARG A 64 10.70 -1.36 3.24
CA ARG A 64 11.36 -0.05 3.02
C ARG A 64 10.37 1.11 3.24
N LEU A 65 9.10 0.88 2.85
CA LEU A 65 8.02 1.88 3.00
C LEU A 65 7.59 1.95 4.48
N LEU A 66 7.60 0.77 5.15
CA LEU A 66 7.31 0.65 6.60
C LEU A 66 8.43 1.30 7.43
N ARG A 67 9.67 1.23 6.91
CA ARG A 67 10.88 1.81 7.51
C ARG A 67 10.90 3.34 7.33
N HIS A 68 10.42 3.80 6.16
CA HIS A 68 10.39 5.24 5.80
C HIS A 68 9.36 6.01 6.67
N VAL A 69 8.24 5.35 7.00
CA VAL A 69 7.18 5.94 7.84
C VAL A 69 7.43 5.65 9.34
N GLN A 70 8.43 4.81 9.64
CA GLN A 70 8.86 4.50 11.02
C GLN A 70 9.92 5.53 11.45
N SER A 71 9.69 6.22 12.57
CA SER A 71 10.62 7.24 13.09
C SER A 71 11.32 6.72 14.36
N LYS A 72 12.57 7.16 14.54
CA LYS A 72 13.40 6.85 15.71
C LYS A 72 14.30 8.06 15.99
N SER A 73 14.14 8.65 17.18
CA SER A 73 15.06 9.68 17.68
C SER A 73 16.43 9.02 17.96
N LEU A 74 17.53 9.66 17.50
CA LEU A 74 18.90 9.14 17.66
C LEU A 74 19.28 9.03 19.16
N SER A 75 19.12 7.82 19.72
CA SER A 75 19.30 7.55 21.17
C SER A 75 20.48 6.59 21.41
N SER A 76 20.75 6.30 22.70
CA SER A 76 21.80 5.35 23.12
C SER A 76 21.36 3.91 22.76
N THR A 77 21.78 3.45 21.57
CA THR A 77 21.37 2.14 21.00
C THR A 77 22.52 1.10 21.18
N PRO A 78 22.35 0.09 22.12
CA PRO A 78 23.38 -0.97 22.35
C PRO A 78 23.64 -1.85 21.11
N GLN A 79 24.91 -1.96 20.73
CA GLN A 79 25.34 -2.78 19.56
C GLN A 79 25.98 -4.09 20.06
N ALA A 80 25.77 -5.17 19.28
CA ALA A 80 26.49 -6.43 19.45
C ALA A 80 27.96 -6.29 18.94
N PRO A 81 28.96 -7.01 19.54
CA PRO A 81 30.40 -6.91 19.12
C PRO A 81 30.58 -7.22 17.61
N VAL A 82 31.43 -6.42 16.93
CA VAL A 82 31.67 -6.56 15.48
C VAL A 82 32.33 -7.91 15.15
N SER A 83 31.46 -8.90 14.86
CA SER A 83 31.84 -10.23 14.42
C SER A 83 32.45 -10.16 13.00
N LYS A 84 33.48 -10.95 12.75
CA LYS A 84 34.27 -10.88 11.53
C LYS A 84 34.58 -12.29 11.03
N ARG A 85 34.68 -12.42 9.70
CA ARG A 85 35.16 -13.65 9.06
C ARG A 85 36.68 -13.69 9.25
N ARG A 86 37.12 -14.53 10.22
CA ARG A 86 38.52 -14.62 10.67
C ARG A 86 39.45 -14.92 9.48
N ALA A 87 40.14 -13.88 8.98
CA ALA A 87 41.11 -13.99 7.89
C ALA A 87 42.43 -14.58 8.40
N ALA A 88 43.11 -15.33 7.52
CA ALA A 88 44.40 -15.96 7.83
C ALA A 88 45.52 -14.89 7.86
N ILE A 1 -26.83 1.89 -21.10
CA ILE A 1 -26.17 1.48 -19.82
C ILE A 1 -27.25 1.12 -18.78
N LEU A 2 -27.01 0.01 -18.04
CA LEU A 2 -27.91 -0.44 -16.95
C LEU A 2 -27.40 0.09 -15.59
N GLU A 3 -28.29 0.06 -14.59
CA GLU A 3 -27.94 0.38 -13.20
C GLU A 3 -27.17 -0.80 -12.57
N ALA A 4 -25.83 -0.79 -12.80
CA ALA A 4 -24.91 -1.81 -12.28
C ALA A 4 -24.95 -1.82 -10.73
N HIS A 5 -25.32 -2.98 -10.15
CA HIS A 5 -25.44 -3.15 -8.68
C HIS A 5 -24.08 -2.90 -7.97
N TYR A 6 -22.99 -3.08 -8.72
CA TYR A 6 -21.64 -2.66 -8.33
C TYR A 6 -21.19 -3.38 -7.05
N THR A 7 -21.17 -4.72 -7.13
CA THR A 7 -20.79 -5.61 -6.01
C THR A 7 -19.25 -5.60 -5.81
N ASN A 8 -18.80 -4.59 -5.05
CA ASN A 8 -17.38 -4.36 -4.73
C ASN A 8 -17.15 -4.42 -3.21
N LEU A 9 -18.11 -5.04 -2.49
CA LEU A 9 -17.96 -5.40 -1.05
C LEU A 9 -16.84 -6.46 -0.87
N LYS A 10 -16.52 -7.14 -1.98
CA LYS A 10 -15.39 -8.05 -2.07
C LYS A 10 -14.13 -7.25 -2.47
N CYS A 11 -13.05 -7.40 -1.68
CA CYS A 11 -11.79 -6.66 -1.86
C CYS A 11 -11.19 -6.90 -3.26
N ARG A 12 -10.93 -5.82 -4.01
CA ARG A 12 -10.38 -5.89 -5.37
C ARG A 12 -8.84 -5.84 -5.34
N CYS A 13 -8.21 -6.90 -5.87
CA CYS A 13 -6.74 -7.04 -5.92
C CYS A 13 -6.34 -7.66 -7.26
N SER A 14 -5.04 -7.62 -7.58
CA SER A 14 -4.46 -8.26 -8.76
C SER A 14 -3.59 -9.47 -8.33
N GLY A 15 -3.68 -9.82 -7.04
CA GLY A 15 -2.84 -10.83 -6.41
C GLY A 15 -1.46 -10.29 -6.11
N VAL A 16 -0.60 -10.31 -7.15
CA VAL A 16 0.79 -9.83 -7.09
C VAL A 16 1.09 -8.92 -8.30
N ILE A 17 2.24 -8.23 -8.24
CA ILE A 17 2.82 -7.51 -9.40
C ILE A 17 4.24 -8.03 -9.64
N SER A 18 4.64 -8.11 -10.91
CA SER A 18 5.95 -8.60 -11.33
C SER A 18 7.04 -7.53 -11.11
N THR A 19 6.69 -6.27 -11.44
CA THR A 19 7.61 -5.14 -11.48
C THR A 19 7.85 -4.55 -10.09
N VAL A 20 9.08 -4.08 -9.86
CA VAL A 20 9.47 -3.35 -8.64
C VAL A 20 9.14 -1.87 -8.84
N VAL A 21 8.20 -1.36 -8.04
CA VAL A 21 7.75 0.05 -8.11
C VAL A 21 8.53 0.89 -7.09
N GLY A 22 9.00 2.07 -7.54
CA GLY A 22 9.82 2.97 -6.72
C GLY A 22 9.06 3.67 -5.60
N LEU A 23 9.72 3.78 -4.43
CA LEU A 23 9.15 4.40 -3.22
C LEU A 23 8.70 5.86 -3.50
N ASN A 24 9.49 6.58 -4.32
CA ASN A 24 9.26 8.00 -4.65
C ASN A 24 8.04 8.20 -5.58
N ILE A 25 7.64 7.14 -6.34
CA ILE A 25 6.52 7.25 -7.31
C ILE A 25 5.22 6.66 -6.74
N ILE A 26 5.27 6.26 -5.45
CA ILE A 26 4.09 5.89 -4.65
C ILE A 26 3.32 7.17 -4.26
N ASP A 27 2.04 7.24 -4.63
CA ASP A 27 1.19 8.44 -4.36
C ASP A 27 0.39 8.24 -3.07
N ARG A 28 -0.39 7.15 -3.00
CA ARG A 28 -1.28 6.87 -1.86
C ARG A 28 -1.43 5.35 -1.67
N ILE A 29 -1.36 4.90 -0.39
CA ILE A 29 -1.51 3.49 0.00
C ILE A 29 -2.89 3.30 0.69
N GLN A 30 -3.50 2.13 0.47
CA GLN A 30 -4.76 1.73 1.11
C GLN A 30 -4.64 0.28 1.56
N VAL A 31 -4.92 0.02 2.85
CA VAL A 31 -4.91 -1.32 3.42
C VAL A 31 -6.35 -1.72 3.80
N THR A 32 -6.90 -2.73 3.09
CA THR A 32 -8.23 -3.27 3.35
C THR A 32 -8.14 -4.39 4.42
N PRO A 33 -8.89 -4.29 5.58
CA PRO A 33 -8.82 -5.30 6.68
C PRO A 33 -9.34 -6.71 6.28
N PRO A 34 -8.66 -7.82 6.74
CA PRO A 34 -9.09 -9.21 6.49
C PRO A 34 -10.49 -9.52 7.09
N GLY A 35 -11.52 -9.48 6.24
CA GLY A 35 -12.89 -9.77 6.66
C GLY A 35 -13.90 -9.35 5.61
N ASN A 36 -13.73 -8.13 5.06
CA ASN A 36 -14.71 -7.52 4.12
C ASN A 36 -14.47 -8.03 2.68
N GLY A 37 -14.88 -9.28 2.43
CA GLY A 37 -14.78 -9.90 1.10
C GLY A 37 -13.43 -10.56 0.80
N CYS A 38 -12.38 -10.20 1.55
CA CYS A 38 -11.04 -10.80 1.42
C CYS A 38 -10.63 -11.39 2.79
N PRO A 39 -10.15 -12.67 2.85
CA PRO A 39 -9.75 -13.31 4.12
C PRO A 39 -8.33 -12.91 4.59
N LYS A 40 -7.61 -12.12 3.78
CA LYS A 40 -6.22 -11.67 4.08
C LYS A 40 -6.14 -10.14 4.08
N THR A 41 -5.07 -9.60 4.70
CA THR A 41 -4.76 -8.18 4.69
C THR A 41 -4.34 -7.75 3.27
N GLU A 42 -5.16 -6.91 2.64
CA GLU A 42 -4.94 -6.45 1.26
C GLU A 42 -4.24 -5.08 1.28
N VAL A 43 -3.15 -4.94 0.51
CA VAL A 43 -2.45 -3.66 0.36
C VAL A 43 -2.52 -3.24 -1.12
N VAL A 44 -3.44 -2.31 -1.43
CA VAL A 44 -3.60 -1.74 -2.79
C VAL A 44 -3.07 -0.30 -2.79
N ILE A 45 -2.15 -0.02 -3.72
CA ILE A 45 -1.47 1.28 -3.80
C ILE A 45 -1.76 1.94 -5.15
N TRP A 46 -2.19 3.22 -5.11
CA TRP A 46 -2.26 4.07 -6.30
C TRP A 46 -0.88 4.75 -6.47
N THR A 47 -0.27 4.59 -7.65
CA THR A 47 0.96 5.31 -8.02
C THR A 47 0.61 6.72 -8.52
N LYS A 48 1.64 7.56 -8.78
CA LYS A 48 1.43 8.91 -9.34
C LYS A 48 1.03 8.83 -10.84
N MET A 49 1.18 7.63 -11.42
CA MET A 49 0.69 7.31 -12.78
C MET A 49 -0.79 6.85 -12.73
N LYS A 50 -1.37 6.85 -11.49
CA LYS A 50 -2.76 6.41 -11.19
C LYS A 50 -2.94 4.90 -11.39
N LYS A 51 -1.81 4.16 -11.55
CA LYS A 51 -1.85 2.70 -11.74
C LYS A 51 -2.18 2.04 -10.40
N VAL A 52 -3.21 1.21 -10.41
CA VAL A 52 -3.65 0.45 -9.25
C VAL A 52 -2.82 -0.83 -9.20
N ILE A 53 -1.83 -0.85 -8.31
CA ILE A 53 -1.01 -2.04 -8.04
C ILE A 53 -1.54 -2.71 -6.77
N CYS A 54 -1.33 -4.01 -6.64
CA CYS A 54 -1.70 -4.77 -5.44
C CYS A 54 -0.54 -5.68 -5.08
N VAL A 55 -0.12 -5.63 -3.82
CA VAL A 55 1.00 -6.42 -3.29
C VAL A 55 0.52 -7.23 -2.09
N ASN A 56 1.28 -8.28 -1.78
CA ASN A 56 1.07 -9.10 -0.58
C ASN A 56 1.70 -8.36 0.63
N PRO A 57 1.15 -8.50 1.88
CA PRO A 57 1.66 -7.76 3.07
C PRO A 57 3.17 -7.97 3.35
N ARG A 58 3.72 -9.15 2.95
CA ARG A 58 5.13 -9.52 3.22
C ARG A 58 6.08 -9.06 2.09
N ALA A 59 5.55 -8.37 1.06
CA ALA A 59 6.30 -8.00 -0.17
C ALA A 59 7.60 -7.21 0.14
N LYS A 60 8.64 -7.50 -0.65
CA LYS A 60 10.05 -7.19 -0.37
C LYS A 60 10.35 -5.68 -0.43
N TRP A 61 9.94 -5.01 -1.54
CA TRP A 61 10.16 -3.56 -1.71
C TRP A 61 9.16 -2.74 -0.86
N LEU A 62 8.04 -3.38 -0.46
CA LEU A 62 7.05 -2.79 0.46
C LEU A 62 7.67 -2.59 1.85
N GLN A 63 8.67 -3.44 2.22
CA GLN A 63 9.41 -3.35 3.49
C GLN A 63 10.18 -2.01 3.64
N ARG A 64 10.41 -1.33 2.51
CA ARG A 64 11.01 0.02 2.50
C ARG A 64 10.00 1.05 3.02
N LEU A 65 8.71 0.85 2.65
CA LEU A 65 7.59 1.70 3.10
C LEU A 65 7.27 1.38 4.58
N LEU A 66 7.40 0.08 4.93
CA LEU A 66 7.16 -0.42 6.29
C LEU A 66 8.30 0.02 7.24
N ARG A 67 9.51 0.21 6.71
CA ARG A 67 10.65 0.74 7.48
C ARG A 67 10.59 2.28 7.57
N HIS A 68 10.10 2.91 6.49
CA HIS A 68 9.98 4.39 6.40
C HIS A 68 8.94 4.94 7.40
N VAL A 69 7.90 4.14 7.67
CA VAL A 69 6.86 4.50 8.67
C VAL A 69 7.36 4.19 10.12
N GLN A 70 8.54 3.55 10.22
CA GLN A 70 9.20 3.25 11.51
C GLN A 70 10.41 4.18 11.74
N SER A 71 10.46 5.32 11.01
CA SER A 71 11.45 6.38 11.28
C SER A 71 11.19 7.00 12.67
N LYS A 72 12.26 7.24 13.45
CA LYS A 72 12.16 7.79 14.83
C LYS A 72 11.42 9.14 14.83
N SER A 73 10.75 9.46 15.95
CA SER A 73 10.05 10.75 16.14
C SER A 73 11.04 11.87 16.56
N LEU A 74 12.33 11.70 16.19
CA LEU A 74 13.40 12.69 16.37
C LEU A 74 13.08 13.93 15.53
N SER A 75 12.48 14.94 16.20
CA SER A 75 12.06 16.19 15.56
C SER A 75 13.27 17.14 15.43
N SER A 76 14.17 16.77 14.52
CA SER A 76 15.41 17.51 14.25
C SER A 76 15.10 18.81 13.46
N THR A 77 15.36 19.98 14.08
CA THR A 77 15.10 21.30 13.49
C THR A 77 16.14 21.59 12.38
N PRO A 78 15.72 21.65 11.07
CA PRO A 78 16.64 21.96 9.98
C PRO A 78 16.97 23.48 9.92
N GLN A 79 18.22 23.84 10.23
CA GLN A 79 18.73 25.22 10.05
C GLN A 79 19.44 25.31 8.71
N ALA A 80 19.28 26.47 8.04
CA ALA A 80 19.89 26.74 6.74
C ALA A 80 20.27 28.24 6.67
N PRO A 81 21.18 28.66 5.74
CA PRO A 81 21.39 30.12 5.44
C PRO A 81 20.09 30.78 4.91
N VAL A 82 19.99 32.13 5.12
CA VAL A 82 18.85 32.98 4.65
C VAL A 82 17.55 32.70 5.48
N SER A 83 17.64 31.83 6.52
CA SER A 83 16.52 31.56 7.43
C SER A 83 16.31 32.78 8.36
N LYS A 84 15.03 33.03 8.73
CA LYS A 84 14.62 34.25 9.47
C LYS A 84 15.20 34.22 10.88
N ARG A 85 16.19 35.12 11.14
CA ARG A 85 16.91 35.17 12.42
C ARG A 85 16.01 35.73 13.53
N ARG A 86 15.43 34.83 14.32
CA ARG A 86 14.63 35.17 15.49
C ARG A 86 15.55 35.69 16.61
N ALA A 87 15.30 36.93 17.09
CA ALA A 87 16.09 37.55 18.16
C ALA A 87 15.68 36.98 19.52
N ALA A 88 16.11 35.73 19.77
CA ALA A 88 15.82 34.99 21.00
C ALA A 88 16.99 35.22 21.99
#